data_2DS4
#
_entry.id   2DS4
#
_entity_poly.entity_id   1
_entity_poly.type   'polypeptide(L)'
_entity_poly.pdbx_seq_one_letter_code
;GSSGSSGEVDPAKCVLQGEDLHRAREKQTASFTLLCKDAAGEIMGRGGDNVQVAVVPKDKKDSPVRTMVQDNKDGTYYIS
YTPKEPGVYTVWVCIKEQHVQGSPFTVTVRRKH
;
_entity_poly.pdbx_strand_id   A
#
# COMPACT_ATOMS: atom_id res chain seq x y z
N GLY A 1 -9.10 -23.85 -5.43
CA GLY A 1 -8.31 -24.45 -6.49
C GLY A 1 -7.09 -25.17 -5.96
N SER A 2 -7.29 -26.39 -5.48
CA SER A 2 -6.19 -27.19 -4.94
C SER A 2 -5.19 -26.30 -4.20
N SER A 3 -5.70 -25.42 -3.35
CA SER A 3 -4.85 -24.51 -2.58
C SER A 3 -5.08 -24.68 -1.08
N GLY A 4 -4.09 -24.33 -0.29
CA GLY A 4 -4.20 -24.44 1.15
C GLY A 4 -3.18 -23.59 1.89
N SER A 5 -3.65 -22.52 2.51
CA SER A 5 -2.77 -21.62 3.25
C SER A 5 -2.25 -22.29 4.51
N SER A 6 -1.13 -21.79 5.03
CA SER A 6 -0.52 -22.34 6.23
C SER A 6 -1.44 -22.14 7.43
N GLY A 7 -1.87 -20.91 7.65
CA GLY A 7 -2.75 -20.62 8.77
C GLY A 7 -3.36 -19.23 8.68
N GLU A 8 -2.52 -18.21 8.53
CA GLU A 8 -2.98 -16.84 8.44
C GLU A 8 -2.14 -16.05 7.44
N VAL A 9 -2.50 -14.79 7.25
CA VAL A 9 -1.76 -13.92 6.32
C VAL A 9 -0.48 -13.40 6.96
N ASP A 10 0.57 -13.27 6.14
CA ASP A 10 1.85 -12.79 6.62
C ASP A 10 2.26 -11.51 5.89
N PRO A 11 2.55 -10.45 6.65
CA PRO A 11 2.95 -9.16 6.10
C PRO A 11 4.35 -9.21 5.48
N ALA A 12 5.23 -9.98 6.10
CA ALA A 12 6.60 -10.12 5.60
C ALA A 12 6.63 -10.82 4.25
N LYS A 13 5.55 -11.53 3.94
CA LYS A 13 5.45 -12.25 2.66
C LYS A 13 4.63 -11.45 1.65
N CYS A 14 3.80 -10.55 2.15
CA CYS A 14 2.96 -9.72 1.29
C CYS A 14 3.81 -8.84 0.37
N VAL A 15 3.23 -8.41 -0.74
CA VAL A 15 3.94 -7.56 -1.69
C VAL A 15 3.01 -6.52 -2.29
N LEU A 16 3.59 -5.55 -2.98
CA LEU A 16 2.81 -4.48 -3.61
C LEU A 16 2.85 -4.60 -5.13
N GLN A 17 1.75 -4.21 -5.77
CA GLN A 17 1.66 -4.28 -7.23
C GLN A 17 1.41 -2.90 -7.82
N GLY A 18 1.97 -2.65 -9.00
CA GLY A 18 1.80 -1.37 -9.65
C GLY A 18 3.08 -0.86 -10.28
N GLU A 19 2.95 -0.17 -11.41
CA GLU A 19 4.11 0.38 -12.10
C GLU A 19 4.53 1.72 -11.50
N ASP A 20 5.82 2.02 -11.60
CA ASP A 20 6.35 3.27 -11.06
C ASP A 20 5.70 3.61 -9.72
N LEU A 21 5.73 2.66 -8.80
CA LEU A 21 5.15 2.85 -7.48
C LEU A 21 5.91 3.93 -6.70
N HIS A 22 7.12 4.24 -7.15
CA HIS A 22 7.95 5.24 -6.50
C HIS A 22 8.00 6.53 -7.32
N ARG A 23 6.95 6.75 -8.11
CA ARG A 23 6.87 7.95 -8.94
C ARG A 23 5.43 8.43 -9.06
N ALA A 24 5.20 9.67 -8.63
CA ALA A 24 3.87 10.25 -8.69
C ALA A 24 3.91 11.68 -9.25
N ARG A 25 2.75 12.19 -9.65
CA ARG A 25 2.66 13.54 -10.20
C ARG A 25 1.80 14.43 -9.31
N GLU A 26 2.24 15.67 -9.13
CA GLU A 26 1.51 16.62 -8.31
C GLU A 26 0.03 16.62 -8.65
N LYS A 27 -0.81 16.70 -7.62
CA LYS A 27 -2.26 16.70 -7.81
C LYS A 27 -2.69 15.57 -8.74
N GLN A 28 -2.16 14.37 -8.49
CA GLN A 28 -2.49 13.21 -9.30
C GLN A 28 -3.01 12.07 -8.43
N THR A 29 -3.86 11.22 -9.01
CA THR A 29 -4.42 10.09 -8.29
C THR A 29 -3.68 8.81 -8.63
N ALA A 30 -2.86 8.34 -7.69
CA ALA A 30 -2.09 7.12 -7.88
C ALA A 30 -2.68 5.96 -7.08
N SER A 31 -2.95 4.85 -7.77
CA SER A 31 -3.53 3.68 -7.11
C SER A 31 -2.68 2.44 -7.38
N PHE A 32 -2.69 1.52 -6.43
CA PHE A 32 -1.91 0.28 -6.56
C PHE A 32 -2.65 -0.89 -5.90
N THR A 33 -2.25 -2.10 -6.27
CA THR A 33 -2.86 -3.31 -5.72
C THR A 33 -1.97 -3.95 -4.68
N LEU A 34 -2.58 -4.38 -3.57
CA LEU A 34 -1.82 -5.02 -2.49
C LEU A 34 -2.15 -6.51 -2.42
N LEU A 35 -1.20 -7.34 -2.83
CA LEU A 35 -1.38 -8.79 -2.81
C LEU A 35 -1.16 -9.34 -1.40
N CYS A 36 -2.05 -10.23 -0.97
CA CYS A 36 -1.95 -10.84 0.35
C CYS A 36 -1.49 -12.29 0.25
N LYS A 37 -0.36 -12.58 0.89
CA LYS A 37 0.20 -13.93 0.87
C LYS A 37 0.29 -14.50 2.28
N ASP A 38 0.29 -15.82 2.38
CA ASP A 38 0.38 -16.49 3.68
C ASP A 38 1.84 -16.64 4.11
N ALA A 39 2.05 -17.30 5.24
CA ALA A 39 3.39 -17.52 5.77
C ALA A 39 4.23 -18.36 4.81
N ALA A 40 3.55 -19.08 3.92
CA ALA A 40 4.24 -19.92 2.94
C ALA A 40 4.69 -19.10 1.74
N GLY A 41 4.34 -17.83 1.72
CA GLY A 41 4.71 -16.96 0.62
C GLY A 41 3.95 -17.26 -0.65
N GLU A 42 2.77 -17.85 -0.49
CA GLU A 42 1.94 -18.20 -1.64
C GLU A 42 0.57 -17.52 -1.54
N ILE A 43 -0.11 -17.40 -2.68
CA ILE A 43 -1.43 -16.79 -2.73
C ILE A 43 -2.42 -17.52 -1.83
N MET A 44 -3.09 -16.78 -0.96
CA MET A 44 -4.07 -17.36 -0.05
C MET A 44 -5.48 -17.21 -0.60
N GLY A 45 -5.70 -16.16 -1.39
CA GLY A 45 -7.01 -15.93 -1.97
C GLY A 45 -8.07 -15.70 -0.92
N ARG A 46 -7.78 -14.83 0.04
CA ARG A 46 -8.73 -14.53 1.12
C ARG A 46 -8.57 -13.09 1.60
N GLY A 47 -9.47 -12.66 2.48
CA GLY A 47 -9.42 -11.31 3.00
C GLY A 47 -9.41 -11.27 4.51
N GLY A 48 -10.28 -10.43 5.08
CA GLY A 48 -10.36 -10.32 6.52
C GLY A 48 -9.04 -9.92 7.15
N ASP A 49 -8.35 -8.97 6.52
CA ASP A 49 -7.07 -8.50 7.02
C ASP A 49 -7.13 -7.01 7.36
N ASN A 50 -6.25 -6.58 8.26
CA ASN A 50 -6.21 -5.18 8.67
C ASN A 50 -5.09 -4.44 7.94
N VAL A 51 -5.46 -3.70 6.90
CA VAL A 51 -4.49 -2.94 6.11
C VAL A 51 -4.42 -1.49 6.60
N GLN A 52 -3.19 -0.98 6.74
CA GLN A 52 -2.98 0.38 7.20
C GLN A 52 -2.21 1.19 6.16
N VAL A 53 -2.88 2.19 5.58
CA VAL A 53 -2.27 3.04 4.58
C VAL A 53 -2.24 4.49 5.02
N ALA A 54 -1.07 5.10 4.97
CA ALA A 54 -0.92 6.51 5.36
C ALA A 54 0.32 7.13 4.71
N VAL A 55 0.10 8.25 4.02
CA VAL A 55 1.20 8.94 3.35
C VAL A 55 1.52 10.26 4.05
N VAL A 56 2.80 10.49 4.30
CA VAL A 56 3.24 11.72 4.97
C VAL A 56 4.45 12.31 4.25
N PRO A 57 4.42 13.64 4.08
CA PRO A 57 5.52 14.36 3.42
C PRO A 57 6.79 14.41 4.26
N LYS A 58 7.91 14.06 3.65
CA LYS A 58 9.20 14.06 4.34
C LYS A 58 9.57 15.46 4.79
N ASP A 59 8.87 16.46 4.25
CA ASP A 59 9.14 17.85 4.59
C ASP A 59 8.45 18.23 5.91
N LYS A 60 7.12 18.19 5.90
CA LYS A 60 6.33 18.52 7.08
C LYS A 60 5.73 17.27 7.70
N LYS A 61 5.29 17.39 8.95
CA LYS A 61 4.67 16.27 9.66
C LYS A 61 3.22 16.57 10.01
N ASP A 62 2.94 17.83 10.29
CA ASP A 62 1.59 18.26 10.64
C ASP A 62 0.70 18.33 9.39
N SER A 63 1.33 18.20 8.23
CA SER A 63 0.60 18.25 6.97
C SER A 63 0.44 16.86 6.37
N PRO A 64 -0.69 16.20 6.67
CA PRO A 64 -0.97 14.85 6.17
C PRO A 64 -1.25 14.84 4.67
N VAL A 65 -1.63 13.67 4.16
CA VAL A 65 -1.93 13.53 2.74
C VAL A 65 -3.23 12.74 2.53
N ARG A 66 -4.04 13.18 1.58
CA ARG A 66 -5.29 12.52 1.28
C ARG A 66 -5.06 11.08 0.82
N THR A 67 -5.76 10.14 1.44
CA THR A 67 -5.63 8.73 1.09
C THR A 67 -6.99 8.05 1.03
N MET A 68 -7.03 6.89 0.38
CA MET A 68 -8.28 6.14 0.24
C MET A 68 -8.02 4.64 0.31
N VAL A 69 -8.97 3.91 0.88
CA VAL A 69 -8.84 2.45 1.02
C VAL A 69 -10.20 1.77 0.89
N GLN A 70 -10.34 0.93 -0.13
CA GLN A 70 -11.59 0.22 -0.37
C GLN A 70 -11.39 -1.28 -0.16
N ASP A 71 -11.66 -1.75 1.06
CA ASP A 71 -11.51 -3.16 1.38
C ASP A 71 -12.33 -4.03 0.42
N ASN A 72 -11.71 -5.07 -0.10
CA ASN A 72 -12.38 -5.98 -1.03
C ASN A 72 -12.75 -7.29 -0.35
N LYS A 73 -11.89 -7.73 0.57
CA LYS A 73 -12.12 -8.97 1.31
C LYS A 73 -12.14 -10.16 0.35
N ASP A 74 -11.34 -10.09 -0.70
CA ASP A 74 -11.26 -11.16 -1.68
C ASP A 74 -9.83 -11.64 -1.85
N GLY A 75 -8.87 -10.75 -1.59
CA GLY A 75 -7.47 -11.11 -1.73
C GLY A 75 -6.63 -9.96 -2.22
N THR A 76 -7.28 -8.90 -2.70
CA THR A 76 -6.58 -7.74 -3.22
C THR A 76 -7.24 -6.45 -2.72
N TYR A 77 -6.43 -5.58 -2.12
CA TYR A 77 -6.92 -4.31 -1.60
C TYR A 77 -6.76 -3.19 -2.62
N TYR A 78 -7.58 -2.15 -2.51
CA TYR A 78 -7.51 -1.02 -3.42
C TYR A 78 -7.18 0.27 -2.68
N ILE A 79 -5.94 0.71 -2.83
CA ILE A 79 -5.48 1.93 -2.17
C ILE A 79 -5.23 3.04 -3.19
N SER A 80 -5.57 4.27 -2.82
CA SER A 80 -5.39 5.42 -3.69
C SER A 80 -5.01 6.66 -2.90
N TYR A 81 -4.08 7.44 -3.43
CA TYR A 81 -3.63 8.67 -2.77
C TYR A 81 -3.33 9.76 -3.79
N THR A 82 -3.47 11.01 -3.36
CA THR A 82 -3.22 12.15 -4.22
C THR A 82 -2.49 13.26 -3.48
N PRO A 83 -1.24 13.51 -3.89
CA PRO A 83 -0.40 14.55 -3.27
C PRO A 83 -0.91 15.96 -3.58
N LYS A 84 -0.87 16.83 -2.58
CA LYS A 84 -1.31 18.21 -2.75
C LYS A 84 -0.15 19.11 -3.15
N GLU A 85 1.06 18.71 -2.79
CA GLU A 85 2.25 19.48 -3.11
C GLU A 85 3.38 18.57 -3.60
N PRO A 86 4.19 19.08 -4.53
CA PRO A 86 5.31 18.33 -5.10
C PRO A 86 6.44 18.12 -4.10
N GLY A 87 7.25 17.10 -4.32
CA GLY A 87 8.35 16.80 -3.42
C GLY A 87 8.50 15.33 -3.14
N VAL A 88 8.86 14.99 -1.90
CA VAL A 88 9.03 13.61 -1.50
C VAL A 88 8.07 13.22 -0.39
N TYR A 89 7.49 12.03 -0.48
CA TYR A 89 6.55 11.55 0.52
C TYR A 89 6.92 10.15 0.98
N THR A 90 6.33 9.73 2.10
CA THR A 90 6.60 8.41 2.66
C THR A 90 5.31 7.62 2.84
N VAL A 91 5.13 6.59 2.01
CA VAL A 91 3.94 5.74 2.07
C VAL A 91 4.07 4.69 3.17
N TRP A 92 3.11 4.68 4.07
CA TRP A 92 3.11 3.71 5.17
C TRP A 92 2.13 2.57 4.91
N VAL A 93 2.68 1.38 4.69
CA VAL A 93 1.85 0.21 4.42
C VAL A 93 2.20 -0.94 5.35
N CYS A 94 1.32 -1.20 6.32
CA CYS A 94 1.55 -2.28 7.28
C CYS A 94 0.26 -3.06 7.54
N ILE A 95 0.41 -4.35 7.83
CA ILE A 95 -0.75 -5.19 8.09
C ILE A 95 -0.64 -5.86 9.46
N LYS A 96 -1.72 -5.80 10.22
CA LYS A 96 -1.76 -6.41 11.56
C LYS A 96 -0.64 -5.84 12.43
N GLU A 97 -0.41 -4.53 12.32
CA GLU A 97 0.62 -3.86 13.11
C GLU A 97 1.99 -4.41 12.76
N GLN A 98 2.26 -4.58 11.46
CA GLN A 98 3.53 -5.09 11.00
C GLN A 98 3.86 -4.57 9.61
N HIS A 99 5.04 -4.00 9.45
CA HIS A 99 5.48 -3.46 8.17
C HIS A 99 5.75 -4.58 7.18
N VAL A 100 5.08 -4.53 6.03
CA VAL A 100 5.26 -5.55 5.00
C VAL A 100 6.59 -5.37 4.27
N GLN A 101 6.85 -6.24 3.30
CA GLN A 101 8.08 -6.17 2.53
C GLN A 101 8.15 -4.88 1.73
N GLY A 102 9.38 -4.45 1.41
CA GLY A 102 9.56 -3.22 0.65
C GLY A 102 8.61 -2.12 1.10
N SER A 103 8.56 -1.87 2.40
CA SER A 103 7.70 -0.84 2.94
C SER A 103 8.02 -0.58 4.41
N PRO A 104 7.84 0.69 4.84
CA PRO A 104 7.37 1.76 3.96
C PRO A 104 8.40 2.16 2.91
N PHE A 105 7.97 2.90 1.91
CA PHE A 105 8.86 3.35 0.85
C PHE A 105 8.72 4.86 0.61
N THR A 106 9.52 5.39 -0.30
CA THR A 106 9.49 6.81 -0.63
C THR A 106 8.79 7.06 -1.95
N VAL A 107 8.27 8.27 -2.13
CA VAL A 107 7.58 8.63 -3.35
C VAL A 107 7.96 10.04 -3.80
N THR A 108 8.57 10.13 -4.98
CA THR A 108 8.98 11.42 -5.53
C THR A 108 7.89 12.01 -6.42
N VAL A 109 7.16 12.99 -5.88
CA VAL A 109 6.10 13.64 -6.62
C VAL A 109 6.63 14.83 -7.42
N ARG A 110 6.27 14.90 -8.70
CA ARG A 110 6.71 15.98 -9.57
C ARG A 110 5.64 17.07 -9.66
N ARG A 111 5.96 18.15 -10.36
CA ARG A 111 5.04 19.26 -10.53
C ARG A 111 4.19 19.08 -11.78
N LYS A 112 2.90 19.38 -11.65
CA LYS A 112 1.98 19.25 -12.78
C LYS A 112 2.29 20.27 -13.86
N HIS A 113 2.03 19.90 -15.11
CA HIS A 113 2.29 20.79 -16.24
C HIS A 113 1.04 21.56 -16.61
N GLY A 1 -10.15 -28.22 -8.23
CA GLY A 1 -9.08 -27.62 -7.45
C GLY A 1 -9.05 -28.13 -6.03
N SER A 2 -8.12 -27.60 -5.22
CA SER A 2 -7.98 -28.01 -3.83
C SER A 2 -7.68 -26.81 -2.95
N SER A 3 -8.33 -26.76 -1.79
CA SER A 3 -8.14 -25.66 -0.85
C SER A 3 -7.28 -26.12 0.34
N GLY A 4 -6.18 -25.41 0.57
CA GLY A 4 -5.30 -25.75 1.68
C GLY A 4 -4.07 -24.88 1.72
N SER A 5 -3.98 -24.03 2.75
CA SER A 5 -2.85 -23.14 2.90
C SER A 5 -2.42 -23.04 4.36
N SER A 6 -1.31 -22.35 4.61
CA SER A 6 -0.80 -22.18 5.96
C SER A 6 -1.93 -22.01 6.96
N GLY A 7 -2.75 -20.99 6.74
CA GLY A 7 -3.87 -20.73 7.64
C GLY A 7 -4.02 -19.27 7.97
N GLU A 8 -2.90 -18.54 7.99
CA GLU A 8 -2.92 -17.12 8.30
C GLU A 8 -2.16 -16.33 7.24
N VAL A 9 -2.24 -15.00 7.33
CA VAL A 9 -1.56 -14.13 6.38
C VAL A 9 -0.34 -13.48 7.01
N ASP A 10 0.75 -13.42 6.24
CA ASP A 10 1.99 -12.82 6.72
C ASP A 10 2.34 -11.57 5.92
N PRO A 11 2.71 -10.50 6.63
CA PRO A 11 3.08 -9.22 6.01
C PRO A 11 4.40 -9.30 5.26
N ALA A 12 5.41 -9.88 5.90
CA ALA A 12 6.73 -10.02 5.29
C ALA A 12 6.62 -10.64 3.90
N LYS A 13 5.56 -11.42 3.68
CA LYS A 13 5.35 -12.06 2.39
C LYS A 13 4.52 -11.17 1.47
N CYS A 14 3.63 -10.39 2.05
CA CYS A 14 2.78 -9.50 1.28
C CYS A 14 3.60 -8.57 0.39
N VAL A 15 3.05 -8.19 -0.74
CA VAL A 15 3.74 -7.32 -1.68
C VAL A 15 2.80 -6.25 -2.24
N LEU A 16 3.33 -5.41 -3.12
CA LEU A 16 2.53 -4.35 -3.74
C LEU A 16 2.67 -4.37 -5.25
N GLN A 17 1.62 -3.91 -5.95
CA GLN A 17 1.63 -3.88 -7.40
C GLN A 17 1.64 -2.44 -7.91
N GLY A 18 2.57 -2.14 -8.80
CA GLY A 18 2.67 -0.80 -9.36
C GLY A 18 4.08 -0.45 -9.78
N GLU A 19 4.40 -0.71 -11.05
CA GLU A 19 5.72 -0.41 -11.57
C GLU A 19 6.15 1.02 -11.24
N ASP A 20 5.16 1.91 -11.15
CA ASP A 20 5.42 3.31 -10.83
C ASP A 20 4.83 3.68 -9.48
N LEU A 21 5.37 3.08 -8.42
CA LEU A 21 4.90 3.35 -7.07
C LEU A 21 5.73 4.44 -6.40
N HIS A 22 7.06 4.34 -6.54
CA HIS A 22 7.97 5.32 -5.96
C HIS A 22 7.86 6.66 -6.68
N ARG A 23 7.35 6.63 -7.91
CA ARG A 23 7.19 7.84 -8.71
C ARG A 23 5.75 8.34 -8.65
N ALA A 24 5.60 9.64 -8.39
CA ALA A 24 4.27 10.24 -8.30
C ALA A 24 4.27 11.64 -8.91
N ARG A 25 3.08 12.17 -9.16
CA ARG A 25 2.94 13.50 -9.73
C ARG A 25 2.03 14.38 -8.88
N GLU A 26 2.27 15.69 -8.92
CA GLU A 26 1.47 16.63 -8.14
C GLU A 26 -0.01 16.51 -8.51
N LYS A 27 -0.87 16.53 -7.49
CA LYS A 27 -2.31 16.43 -7.71
C LYS A 27 -2.64 15.28 -8.65
N GLN A 28 -1.97 14.15 -8.45
CA GLN A 28 -2.20 12.97 -9.29
C GLN A 28 -2.77 11.82 -8.46
N THR A 29 -3.66 11.05 -9.06
CA THR A 29 -4.29 9.92 -8.39
C THR A 29 -3.49 8.64 -8.61
N ALA A 30 -2.67 8.28 -7.63
CA ALA A 30 -1.86 7.07 -7.73
C ALA A 30 -2.47 5.94 -6.92
N SER A 31 -2.87 4.88 -7.61
CA SER A 31 -3.48 3.72 -6.97
C SER A 31 -2.70 2.45 -7.29
N PHE A 32 -2.73 1.50 -6.35
CA PHE A 32 -2.02 0.23 -6.53
C PHE A 32 -2.81 -0.92 -5.91
N THR A 33 -2.38 -2.15 -6.21
CA THR A 33 -3.05 -3.32 -5.68
C THR A 33 -2.19 -4.01 -4.62
N LEU A 34 -2.77 -4.23 -3.45
CA LEU A 34 -2.06 -4.88 -2.36
C LEU A 34 -2.37 -6.38 -2.32
N LEU A 35 -1.40 -7.18 -2.76
CA LEU A 35 -1.56 -8.63 -2.78
C LEU A 35 -1.27 -9.22 -1.40
N CYS A 36 -2.14 -10.14 -0.97
CA CYS A 36 -1.98 -10.78 0.33
C CYS A 36 -1.54 -12.23 0.16
N LYS A 37 -0.43 -12.59 0.82
CA LYS A 37 0.10 -13.94 0.74
C LYS A 37 0.14 -14.58 2.12
N ASP A 38 0.52 -15.86 2.17
CA ASP A 38 0.61 -16.59 3.42
C ASP A 38 2.05 -16.72 3.88
N ALA A 39 2.26 -17.42 5.00
CA ALA A 39 3.59 -17.61 5.55
C ALA A 39 4.52 -18.25 4.51
N ALA A 40 3.95 -19.10 3.66
CA ALA A 40 4.72 -19.78 2.64
C ALA A 40 4.93 -18.88 1.42
N GLY A 41 4.50 -17.62 1.54
CA GLY A 41 4.66 -16.69 0.44
C GLY A 41 3.85 -17.08 -0.78
N GLU A 42 2.73 -17.75 -0.56
CA GLU A 42 1.86 -18.19 -1.64
C GLU A 42 0.50 -17.49 -1.58
N ILE A 43 -0.17 -17.41 -2.72
CA ILE A 43 -1.48 -16.77 -2.80
C ILE A 43 -2.49 -17.49 -1.91
N MET A 44 -3.21 -16.71 -1.10
CA MET A 44 -4.21 -17.27 -0.20
C MET A 44 -5.61 -16.91 -0.67
N GLY A 45 -5.73 -15.78 -1.35
CA GLY A 45 -7.02 -15.33 -1.83
C GLY A 45 -8.05 -15.20 -0.73
N ARG A 46 -7.73 -14.38 0.27
CA ARG A 46 -8.64 -14.17 1.39
C ARG A 46 -8.56 -12.73 1.89
N GLY A 47 -9.56 -12.33 2.68
CA GLY A 47 -9.60 -10.98 3.20
C GLY A 47 -9.73 -10.94 4.71
N GLY A 48 -10.49 -9.97 5.21
CA GLY A 48 -10.69 -9.85 6.64
C GLY A 48 -9.39 -9.63 7.38
N ASP A 49 -8.55 -8.73 6.86
CA ASP A 49 -7.27 -8.42 7.48
C ASP A 49 -7.22 -6.97 7.92
N ASN A 50 -6.11 -6.58 8.56
CA ASN A 50 -5.94 -5.22 9.03
C ASN A 50 -4.85 -4.50 8.24
N VAL A 51 -5.27 -3.69 7.27
CA VAL A 51 -4.32 -2.95 6.44
C VAL A 51 -4.27 -1.48 6.85
N GLN A 52 -3.06 -0.92 6.89
CA GLN A 52 -2.88 0.48 7.27
C GLN A 52 -2.15 1.24 6.17
N VAL A 53 -2.73 2.36 5.76
CA VAL A 53 -2.13 3.19 4.72
C VAL A 53 -2.05 4.66 5.14
N ALA A 54 -0.85 5.15 5.37
CA ALA A 54 -0.64 6.52 5.77
C ALA A 54 0.47 7.18 4.97
N VAL A 55 0.15 8.30 4.32
CA VAL A 55 1.12 9.02 3.52
C VAL A 55 1.48 10.36 4.15
N VAL A 56 2.74 10.49 4.57
CA VAL A 56 3.20 11.73 5.19
C VAL A 56 4.42 12.29 4.46
N PRO A 57 4.31 13.55 4.01
CA PRO A 57 5.39 14.23 3.30
C PRO A 57 6.58 14.54 4.19
N LYS A 58 7.77 14.17 3.74
CA LYS A 58 8.99 14.41 4.50
C LYS A 58 9.19 15.90 4.75
N ASP A 59 8.65 16.73 3.87
CA ASP A 59 8.76 18.17 4.00
C ASP A 59 7.93 18.68 5.18
N LYS A 60 6.67 18.29 5.22
CA LYS A 60 5.77 18.70 6.30
C LYS A 60 5.38 17.52 7.16
N LYS A 61 5.68 17.60 8.46
CA LYS A 61 5.35 16.54 9.39
C LYS A 61 3.86 16.52 9.70
N ASP A 62 3.23 17.69 9.66
CA ASP A 62 1.81 17.80 9.94
C ASP A 62 1.00 17.59 8.66
N SER A 63 1.17 18.49 7.69
CA SER A 63 0.46 18.40 6.43
C SER A 63 0.21 16.94 6.04
N PRO A 64 -0.99 16.44 6.37
CA PRO A 64 -1.38 15.06 6.06
C PRO A 64 -1.59 14.83 4.58
N VAL A 65 -2.10 13.66 4.23
CA VAL A 65 -2.34 13.31 2.83
C VAL A 65 -3.57 12.42 2.70
N ARG A 66 -4.55 12.88 1.92
CA ARG A 66 -5.78 12.13 1.71
C ARG A 66 -5.47 10.75 1.15
N THR A 67 -6.17 9.74 1.66
CA THR A 67 -5.97 8.37 1.20
C THR A 67 -7.29 7.61 1.12
N MET A 68 -7.36 6.64 0.22
CA MET A 68 -8.57 5.85 0.05
C MET A 68 -8.27 4.36 0.22
N VAL A 69 -9.16 3.67 0.94
CA VAL A 69 -8.99 2.24 1.18
C VAL A 69 -10.30 1.49 0.92
N GLN A 70 -10.52 1.11 -0.33
CA GLN A 70 -11.73 0.39 -0.70
C GLN A 70 -11.58 -1.11 -0.40
N ASP A 71 -11.95 -1.50 0.81
CA ASP A 71 -11.86 -2.90 1.22
C ASP A 71 -12.79 -3.78 0.38
N ASN A 72 -12.20 -4.72 -0.33
CA ASN A 72 -12.98 -5.63 -1.18
C ASN A 72 -13.12 -7.00 -0.53
N LYS A 73 -12.12 -7.38 0.27
CA LYS A 73 -12.14 -8.66 0.95
C LYS A 73 -12.18 -9.81 -0.05
N ASP A 74 -11.55 -9.61 -1.20
CA ASP A 74 -11.51 -10.64 -2.24
C ASP A 74 -10.07 -11.05 -2.54
N GLY A 75 -9.23 -11.01 -1.51
CA GLY A 75 -7.84 -11.39 -1.69
C GLY A 75 -6.94 -10.19 -1.93
N THR A 76 -7.48 -9.16 -2.56
CA THR A 76 -6.73 -7.95 -2.85
C THR A 76 -7.46 -6.70 -2.36
N TYR A 77 -6.76 -5.58 -2.36
CA TYR A 77 -7.34 -4.33 -1.91
C TYR A 77 -7.16 -3.23 -2.97
N TYR A 78 -7.82 -2.10 -2.75
CA TYR A 78 -7.74 -0.98 -3.68
C TYR A 78 -7.41 0.31 -2.95
N ILE A 79 -6.14 0.71 -3.01
CA ILE A 79 -5.69 1.93 -2.35
C ILE A 79 -5.40 3.03 -3.37
N SER A 80 -5.80 4.26 -3.05
CA SER A 80 -5.57 5.39 -3.94
C SER A 80 -5.27 6.66 -3.14
N TYR A 81 -4.20 7.34 -3.52
CA TYR A 81 -3.79 8.56 -2.83
C TYR A 81 -3.39 9.63 -3.84
N THR A 82 -3.57 10.90 -3.46
CA THR A 82 -3.23 12.02 -4.33
C THR A 82 -2.53 13.13 -3.55
N PRO A 83 -1.27 13.38 -3.89
CA PRO A 83 -0.47 14.42 -3.24
C PRO A 83 -0.95 15.83 -3.57
N LYS A 84 -0.94 16.70 -2.56
CA LYS A 84 -1.38 18.09 -2.76
C LYS A 84 -0.23 18.96 -3.22
N GLU A 85 0.97 18.68 -2.72
CA GLU A 85 2.16 19.44 -3.08
C GLU A 85 3.29 18.51 -3.49
N PRO A 86 4.17 19.02 -4.38
CA PRO A 86 5.32 18.25 -4.88
C PRO A 86 6.38 18.03 -3.79
N GLY A 87 7.17 16.97 -3.97
CA GLY A 87 8.22 16.67 -3.00
C GLY A 87 8.29 15.20 -2.66
N VAL A 88 9.11 14.86 -1.68
CA VAL A 88 9.26 13.47 -1.26
C VAL A 88 8.23 13.08 -0.22
N TYR A 89 7.73 11.86 -0.30
CA TYR A 89 6.72 11.38 0.63
C TYR A 89 7.09 9.98 1.15
N THR A 90 6.47 9.59 2.26
CA THR A 90 6.72 8.28 2.85
C THR A 90 5.43 7.49 3.01
N VAL A 91 5.24 6.51 2.13
CA VAL A 91 4.05 5.67 2.17
C VAL A 91 4.17 4.57 3.22
N TRP A 92 3.46 4.75 4.32
CA TRP A 92 3.48 3.78 5.42
C TRP A 92 2.49 2.65 5.17
N VAL A 93 3.00 1.48 4.81
CA VAL A 93 2.16 0.33 4.55
C VAL A 93 2.50 -0.83 5.49
N CYS A 94 1.63 -1.06 6.46
CA CYS A 94 1.84 -2.13 7.43
C CYS A 94 0.54 -2.92 7.66
N ILE A 95 0.68 -4.21 7.92
CA ILE A 95 -0.47 -5.06 8.15
C ILE A 95 -0.37 -5.76 9.51
N LYS A 96 -1.43 -5.65 10.30
CA LYS A 96 -1.47 -6.27 11.63
C LYS A 96 -0.32 -5.77 12.49
N GLU A 97 -0.08 -4.46 12.45
CA GLU A 97 0.99 -3.85 13.23
C GLU A 97 2.35 -4.42 12.84
N GLN A 98 2.56 -4.55 11.54
CA GLN A 98 3.82 -5.08 11.03
C GLN A 98 4.11 -4.55 9.62
N HIS A 99 5.31 -3.99 9.45
CA HIS A 99 5.70 -3.44 8.15
C HIS A 99 5.89 -4.56 7.13
N VAL A 100 5.08 -4.54 6.08
CA VAL A 100 5.16 -5.55 5.02
C VAL A 100 6.49 -5.44 4.27
N GLN A 101 6.66 -6.30 3.26
CA GLN A 101 7.86 -6.30 2.46
C GLN A 101 7.95 -5.05 1.59
N GLY A 102 9.18 -4.59 1.35
CA GLY A 102 9.37 -3.40 0.54
C GLY A 102 8.59 -2.21 1.05
N SER A 103 8.60 -2.03 2.37
CA SER A 103 7.88 -0.92 2.99
C SER A 103 8.36 -0.68 4.41
N PRO A 104 8.28 0.59 4.85
CA PRO A 104 7.74 1.68 4.04
C PRO A 104 8.67 2.06 2.89
N PHE A 105 8.12 2.78 1.91
CA PHE A 105 8.91 3.19 0.75
C PHE A 105 8.73 4.68 0.48
N THR A 106 9.77 5.31 -0.05
CA THR A 106 9.72 6.74 -0.35
C THR A 106 9.15 6.99 -1.75
N VAL A 107 8.45 8.11 -1.90
CA VAL A 107 7.85 8.46 -3.19
C VAL A 107 8.19 9.90 -3.57
N THR A 108 8.61 10.09 -4.81
CA THR A 108 8.97 11.41 -5.31
C THR A 108 7.85 12.00 -6.17
N VAL A 109 7.28 13.10 -5.71
CA VAL A 109 6.20 13.76 -6.43
C VAL A 109 6.74 14.87 -7.34
N ARG A 110 6.27 14.89 -8.58
CA ARG A 110 6.71 15.90 -9.54
C ARG A 110 5.63 16.94 -9.76
N ARG A 111 5.87 17.85 -10.70
CA ARG A 111 4.91 18.91 -11.00
C ARG A 111 4.17 18.61 -12.30
N LYS A 112 2.87 18.39 -12.20
CA LYS A 112 2.04 18.09 -13.36
C LYS A 112 2.35 19.05 -14.51
N HIS A 113 2.14 18.59 -15.74
CA HIS A 113 2.40 19.41 -16.92
C HIS A 113 1.17 20.24 -17.29
N GLY A 1 -13.06 -23.92 -9.74
CA GLY A 1 -11.85 -24.31 -9.04
C GLY A 1 -12.04 -24.42 -7.55
N SER A 2 -10.94 -24.42 -6.80
CA SER A 2 -11.00 -24.53 -5.34
C SER A 2 -9.94 -23.65 -4.69
N SER A 3 -10.21 -23.24 -3.46
CA SER A 3 -9.28 -22.38 -2.72
C SER A 3 -9.16 -22.83 -1.27
N GLY A 4 -8.05 -22.47 -0.63
CA GLY A 4 -7.84 -22.84 0.76
C GLY A 4 -6.44 -22.53 1.24
N SER A 5 -6.34 -21.60 2.19
CA SER A 5 -5.04 -21.20 2.73
C SER A 5 -4.52 -22.25 3.69
N SER A 6 -3.21 -22.50 3.62
CA SER A 6 -2.58 -23.49 4.49
C SER A 6 -2.52 -22.99 5.94
N GLY A 7 -2.21 -21.71 6.10
CA GLY A 7 -2.13 -21.13 7.43
C GLY A 7 -2.81 -19.78 7.52
N GLU A 8 -2.06 -18.77 7.99
CA GLU A 8 -2.60 -17.43 8.12
C GLU A 8 -1.88 -16.46 7.20
N VAL A 9 -2.36 -15.22 7.15
CA VAL A 9 -1.76 -14.20 6.30
C VAL A 9 -0.59 -13.52 7.01
N ASP A 10 0.51 -13.34 6.27
CA ASP A 10 1.70 -12.71 6.82
C ASP A 10 2.07 -11.47 6.03
N PRO A 11 2.41 -10.38 6.75
CA PRO A 11 2.80 -9.11 6.14
C PRO A 11 4.14 -9.19 5.43
N ALA A 12 5.15 -9.71 6.13
CA ALA A 12 6.48 -9.84 5.56
C ALA A 12 6.44 -10.59 4.23
N LYS A 13 5.40 -11.38 4.04
CA LYS A 13 5.24 -12.15 2.81
C LYS A 13 4.47 -11.35 1.76
N CYS A 14 3.59 -10.46 2.22
CA CYS A 14 2.80 -9.64 1.32
C CYS A 14 3.70 -8.83 0.38
N VAL A 15 3.10 -8.31 -0.69
CA VAL A 15 3.85 -7.53 -1.67
C VAL A 15 3.02 -6.36 -2.19
N LEU A 16 3.60 -5.59 -3.10
CA LEU A 16 2.90 -4.44 -3.68
C LEU A 16 3.04 -4.44 -5.20
N GLN A 17 1.96 -4.06 -5.88
CA GLN A 17 1.96 -4.01 -7.35
C GLN A 17 1.91 -2.57 -7.83
N GLY A 18 2.30 -2.36 -9.09
CA GLY A 18 2.29 -1.03 -9.66
C GLY A 18 3.63 -0.65 -10.26
N GLU A 19 3.62 -0.25 -11.53
CA GLU A 19 4.85 0.14 -12.22
C GLU A 19 5.41 1.44 -11.63
N ASP A 20 4.53 2.40 -11.37
CA ASP A 20 4.94 3.68 -10.81
C ASP A 20 4.50 3.80 -9.36
N LEU A 21 5.13 3.01 -8.48
CA LEU A 21 4.80 3.02 -7.06
C LEU A 21 5.67 4.03 -6.31
N HIS A 22 6.95 4.05 -6.63
CA HIS A 22 7.89 4.98 -5.99
C HIS A 22 7.89 6.33 -6.71
N ARG A 23 6.81 6.62 -7.43
CA ARG A 23 6.69 7.87 -8.15
C ARG A 23 5.23 8.33 -8.20
N ALA A 24 5.04 9.64 -8.14
CA ALA A 24 3.69 10.21 -8.18
C ALA A 24 3.69 11.59 -8.85
N ARG A 25 2.51 12.08 -9.19
CA ARG A 25 2.37 13.38 -9.83
C ARG A 25 1.49 14.30 -8.99
N GLU A 26 1.92 15.56 -8.84
CA GLU A 26 1.17 16.54 -8.08
C GLU A 26 -0.30 16.52 -8.47
N LYS A 27 -1.17 16.44 -7.47
CA LYS A 27 -2.60 16.41 -7.70
C LYS A 27 -2.99 15.28 -8.65
N GLN A 28 -2.38 14.11 -8.44
CA GLN A 28 -2.66 12.94 -9.26
C GLN A 28 -3.14 11.78 -8.42
N THR A 29 -4.06 10.99 -8.97
CA THR A 29 -4.61 9.84 -8.26
C THR A 29 -3.80 8.58 -8.55
N ALA A 30 -2.89 8.25 -7.64
CA ALA A 30 -2.06 7.07 -7.79
C ALA A 30 -2.62 5.89 -7.00
N SER A 31 -3.03 4.84 -7.71
CA SER A 31 -3.58 3.66 -7.07
C SER A 31 -2.79 2.40 -7.45
N PHE A 32 -2.75 1.44 -6.54
CA PHE A 32 -2.02 0.20 -6.77
C PHE A 32 -2.74 -0.99 -6.13
N THR A 33 -2.29 -2.19 -6.46
CA THR A 33 -2.89 -3.41 -5.92
C THR A 33 -2.02 -4.02 -4.84
N LEU A 34 -2.64 -4.40 -3.72
CA LEU A 34 -1.91 -5.01 -2.61
C LEU A 34 -2.24 -6.50 -2.49
N LEU A 35 -1.29 -7.33 -2.90
CA LEU A 35 -1.49 -8.78 -2.84
C LEU A 35 -1.17 -9.31 -1.44
N CYS A 36 -1.92 -10.33 -1.03
CA CYS A 36 -1.72 -10.93 0.29
C CYS A 36 -1.34 -12.40 0.17
N LYS A 37 -0.30 -12.79 0.89
CA LYS A 37 0.17 -14.17 0.87
C LYS A 37 0.20 -14.77 2.27
N ASP A 38 0.34 -16.09 2.34
CA ASP A 38 0.38 -16.77 3.63
C ASP A 38 1.80 -16.80 4.19
N ALA A 39 1.97 -17.44 5.34
CA ALA A 39 3.27 -17.52 5.98
C ALA A 39 4.31 -18.12 5.04
N ALA A 40 3.86 -19.04 4.19
CA ALA A 40 4.75 -19.68 3.22
C ALA A 40 5.07 -18.76 2.06
N GLY A 41 4.27 -17.71 1.91
CA GLY A 41 4.49 -16.76 0.83
C GLY A 41 3.73 -17.13 -0.43
N GLU A 42 2.67 -17.92 -0.26
CA GLU A 42 1.85 -18.34 -1.40
C GLU A 42 0.47 -17.69 -1.34
N ILE A 43 -0.21 -17.66 -2.49
CA ILE A 43 -1.53 -17.07 -2.58
C ILE A 43 -2.51 -17.76 -1.63
N MET A 44 -3.34 -16.96 -0.97
CA MET A 44 -4.33 -17.51 -0.03
C MET A 44 -5.74 -17.31 -0.55
N GLY A 45 -5.92 -16.28 -1.39
CA GLY A 45 -7.23 -16.00 -1.95
C GLY A 45 -8.28 -15.78 -0.88
N ARG A 46 -7.91 -15.05 0.17
CA ARG A 46 -8.84 -14.77 1.26
C ARG A 46 -8.61 -13.37 1.83
N GLY A 47 -9.63 -12.82 2.47
CA GLY A 47 -9.51 -11.49 3.04
C GLY A 47 -9.54 -11.51 4.56
N GLY A 48 -9.61 -10.33 5.17
CA GLY A 48 -9.64 -10.24 6.61
C GLY A 48 -8.29 -9.86 7.19
N ASP A 49 -7.69 -8.81 6.65
CA ASP A 49 -6.38 -8.34 7.12
C ASP A 49 -6.39 -6.83 7.33
N ASN A 50 -6.22 -6.42 8.58
CA ASN A 50 -6.21 -5.00 8.92
C ASN A 50 -5.12 -4.26 8.15
N VAL A 51 -5.51 -3.62 7.05
CA VAL A 51 -4.57 -2.87 6.23
C VAL A 51 -4.66 -1.38 6.51
N GLN A 52 -3.50 -0.75 6.66
CA GLN A 52 -3.44 0.68 6.93
C GLN A 52 -2.50 1.39 5.97
N VAL A 53 -2.96 2.49 5.39
CA VAL A 53 -2.16 3.26 4.45
C VAL A 53 -2.15 4.74 4.81
N ALA A 54 -0.98 5.25 5.17
CA ALA A 54 -0.82 6.64 5.54
C ALA A 54 0.35 7.29 4.80
N VAL A 55 0.08 8.40 4.14
CA VAL A 55 1.10 9.11 3.38
C VAL A 55 1.55 10.37 4.12
N VAL A 56 2.86 10.49 4.33
CA VAL A 56 3.43 11.64 5.03
C VAL A 56 4.62 12.21 4.27
N PRO A 57 4.53 13.50 3.91
CA PRO A 57 5.59 14.19 3.18
C PRO A 57 6.84 14.41 4.04
N LYS A 58 7.99 13.99 3.53
CA LYS A 58 9.25 14.14 4.24
C LYS A 58 9.49 15.60 4.63
N ASP A 59 9.07 16.51 3.76
CA ASP A 59 9.22 17.93 4.00
C ASP A 59 8.52 18.35 5.30
N LYS A 60 7.21 18.12 5.35
CA LYS A 60 6.42 18.46 6.53
C LYS A 60 5.95 17.21 7.25
N LYS A 61 6.18 17.17 8.56
CA LYS A 61 5.78 16.03 9.38
C LYS A 61 4.30 16.13 9.76
N ASP A 62 3.77 17.35 9.76
CA ASP A 62 2.38 17.57 10.10
C ASP A 62 1.49 17.46 8.87
N SER A 63 1.63 18.41 7.95
CA SER A 63 0.83 18.41 6.73
C SER A 63 0.50 17.00 6.29
N PRO A 64 -0.69 16.52 6.68
CA PRO A 64 -1.16 15.17 6.34
C PRO A 64 -1.49 15.03 4.86
N VAL A 65 -1.95 13.85 4.47
CA VAL A 65 -2.30 13.58 3.08
C VAL A 65 -3.61 12.80 2.98
N ARG A 66 -4.37 13.06 1.93
CA ARG A 66 -5.64 12.39 1.71
C ARG A 66 -5.44 11.05 0.99
N THR A 67 -5.93 9.98 1.58
CA THR A 67 -5.80 8.65 0.99
C THR A 67 -7.16 7.98 0.87
N MET A 68 -7.19 6.84 0.19
CA MET A 68 -8.43 6.09 -0.01
C MET A 68 -8.19 4.60 0.16
N VAL A 69 -9.10 3.94 0.89
CA VAL A 69 -9.00 2.51 1.13
C VAL A 69 -10.31 1.80 0.85
N GLN A 70 -10.37 1.13 -0.30
CA GLN A 70 -11.58 0.41 -0.69
C GLN A 70 -11.44 -1.09 -0.41
N ASP A 71 -11.98 -1.53 0.72
CA ASP A 71 -11.92 -2.93 1.11
C ASP A 71 -12.70 -3.80 0.12
N ASN A 72 -12.02 -4.82 -0.40
CA ASN A 72 -12.65 -5.73 -1.36
C ASN A 72 -12.82 -7.13 -0.75
N LYS A 73 -11.85 -7.53 0.06
CA LYS A 73 -11.89 -8.84 0.69
C LYS A 73 -11.91 -9.95 -0.34
N ASP A 74 -11.11 -9.80 -1.39
CA ASP A 74 -11.03 -10.80 -2.45
C ASP A 74 -9.59 -11.18 -2.74
N GLY A 75 -8.76 -11.19 -1.70
CA GLY A 75 -7.36 -11.53 -1.86
C GLY A 75 -6.48 -10.31 -2.05
N THR A 76 -7.04 -9.27 -2.65
CA THR A 76 -6.30 -8.04 -2.89
C THR A 76 -7.06 -6.82 -2.37
N TYR A 77 -6.40 -5.67 -2.36
CA TYR A 77 -7.02 -4.44 -1.89
C TYR A 77 -6.83 -3.32 -2.91
N TYR A 78 -7.55 -2.21 -2.70
CA TYR A 78 -7.47 -1.06 -3.60
C TYR A 78 -7.11 0.20 -2.83
N ILE A 79 -5.86 0.63 -2.97
CA ILE A 79 -5.39 1.83 -2.29
C ILE A 79 -5.07 2.94 -3.29
N SER A 80 -5.37 4.17 -2.91
CA SER A 80 -5.11 5.33 -3.77
C SER A 80 -4.81 6.58 -2.95
N TYR A 81 -3.88 7.38 -3.44
CA TYR A 81 -3.50 8.61 -2.74
C TYR A 81 -3.21 9.73 -3.74
N THR A 82 -3.64 10.94 -3.39
CA THR A 82 -3.43 12.10 -4.26
C THR A 82 -2.71 13.21 -3.50
N PRO A 83 -1.45 13.47 -3.91
CA PRO A 83 -0.62 14.52 -3.29
C PRO A 83 -1.12 15.92 -3.62
N LYS A 84 -1.01 16.81 -2.64
CA LYS A 84 -1.45 18.19 -2.83
C LYS A 84 -0.28 19.08 -3.22
N GLU A 85 0.92 18.70 -2.80
CA GLU A 85 2.12 19.46 -3.11
C GLU A 85 3.25 18.55 -3.59
N PRO A 86 4.10 19.07 -4.48
CA PRO A 86 5.23 18.31 -5.03
C PRO A 86 6.32 18.06 -3.98
N GLY A 87 7.15 17.05 -4.23
CA GLY A 87 8.22 16.72 -3.30
C GLY A 87 8.27 15.25 -2.97
N VAL A 88 9.13 14.88 -2.03
CA VAL A 88 9.28 13.49 -1.62
C VAL A 88 8.30 13.14 -0.51
N TYR A 89 7.69 11.96 -0.62
CA TYR A 89 6.73 11.51 0.39
C TYR A 89 7.10 10.11 0.90
N THR A 90 6.43 9.69 1.97
CA THR A 90 6.69 8.39 2.57
C THR A 90 5.39 7.61 2.76
N VAL A 91 5.19 6.58 1.95
CA VAL A 91 3.99 5.76 2.04
C VAL A 91 4.13 4.71 3.13
N TRP A 92 3.23 4.76 4.12
CA TRP A 92 3.26 3.81 5.22
C TRP A 92 2.23 2.71 5.01
N VAL A 93 2.71 1.50 4.75
CA VAL A 93 1.83 0.36 4.53
C VAL A 93 2.16 -0.79 5.48
N CYS A 94 1.32 -0.97 6.49
CA CYS A 94 1.52 -2.03 7.47
C CYS A 94 0.24 -2.84 7.67
N ILE A 95 0.39 -4.16 7.77
CA ILE A 95 -0.75 -5.04 7.97
C ILE A 95 -0.68 -5.75 9.32
N LYS A 96 -1.70 -5.55 10.14
CA LYS A 96 -1.76 -6.17 11.46
C LYS A 96 -0.60 -5.68 12.34
N GLU A 97 -0.39 -4.36 12.34
CA GLU A 97 0.68 -3.77 13.15
C GLU A 97 2.04 -4.30 12.70
N GLN A 98 2.24 -4.39 11.40
CA GLN A 98 3.49 -4.88 10.84
C GLN A 98 3.77 -4.26 9.48
N HIS A 99 5.02 -3.86 9.26
CA HIS A 99 5.42 -3.24 8.00
C HIS A 99 5.71 -4.31 6.94
N VAL A 100 4.82 -4.44 5.97
CA VAL A 100 4.99 -5.43 4.90
C VAL A 100 6.36 -5.29 4.25
N GLN A 101 6.65 -6.19 3.31
CA GLN A 101 7.93 -6.17 2.62
C GLN A 101 8.11 -4.87 1.84
N GLY A 102 9.37 -4.50 1.59
CA GLY A 102 9.65 -3.28 0.86
C GLY A 102 8.73 -2.14 1.25
N SER A 103 8.58 -1.93 2.56
CA SER A 103 7.72 -0.87 3.07
C SER A 103 8.08 -0.51 4.50
N PRO A 104 7.96 0.78 4.85
CA PRO A 104 7.49 1.80 3.90
C PRO A 104 8.52 2.09 2.81
N PHE A 105 8.19 3.02 1.92
CA PHE A 105 9.08 3.39 0.82
C PHE A 105 9.01 4.88 0.53
N THR A 106 9.99 5.40 -0.20
CA THR A 106 10.04 6.80 -0.54
C THR A 106 9.44 7.06 -1.92
N VAL A 107 8.64 8.11 -2.03
CA VAL A 107 8.01 8.46 -3.30
C VAL A 107 8.41 9.87 -3.75
N THR A 108 8.54 10.05 -5.06
CA THR A 108 8.92 11.34 -5.61
C THR A 108 7.77 11.95 -6.41
N VAL A 109 7.14 12.97 -5.84
CA VAL A 109 6.02 13.65 -6.50
C VAL A 109 6.51 14.79 -7.38
N ARG A 110 6.06 14.80 -8.63
CA ARG A 110 6.45 15.84 -9.58
C ARG A 110 5.55 17.06 -9.45
N ARG A 111 5.86 18.09 -10.22
CA ARG A 111 5.07 19.32 -10.19
C ARG A 111 4.14 19.40 -11.40
N LYS A 112 2.85 19.60 -11.14
CA LYS A 112 1.86 19.70 -12.20
C LYS A 112 2.11 20.91 -13.09
N HIS A 113 2.03 20.71 -14.40
CA HIS A 113 2.26 21.80 -15.35
C HIS A 113 1.46 23.03 -14.96
N GLY A 1 -11.95 -27.39 -5.99
CA GLY A 1 -12.04 -26.35 -4.97
C GLY A 1 -10.98 -26.51 -3.90
N SER A 2 -9.76 -26.85 -4.31
CA SER A 2 -8.66 -27.04 -3.38
C SER A 2 -8.19 -25.70 -2.82
N SER A 3 -8.89 -25.20 -1.82
CA SER A 3 -8.55 -23.92 -1.19
C SER A 3 -8.08 -24.12 0.24
N GLY A 4 -7.02 -23.40 0.61
CA GLY A 4 -6.49 -23.51 1.95
C GLY A 4 -5.09 -22.95 2.07
N SER A 5 -4.84 -22.18 3.13
CA SER A 5 -3.54 -21.58 3.36
C SER A 5 -2.82 -22.25 4.51
N SER A 6 -1.49 -22.32 4.43
CA SER A 6 -0.69 -22.94 5.47
C SER A 6 -1.28 -22.66 6.85
N GLY A 7 -1.65 -21.41 7.09
CA GLY A 7 -2.23 -21.04 8.37
C GLY A 7 -2.92 -19.69 8.32
N GLU A 8 -2.14 -18.63 8.14
CA GLU A 8 -2.68 -17.28 8.09
C GLU A 8 -1.87 -16.40 7.13
N VAL A 9 -2.31 -15.16 6.96
CA VAL A 9 -1.63 -14.23 6.08
C VAL A 9 -0.41 -13.60 6.77
N ASP A 10 0.67 -13.43 6.03
CA ASP A 10 1.89 -12.84 6.57
C ASP A 10 2.28 -11.60 5.78
N PRO A 11 2.67 -10.54 6.51
CA PRO A 11 3.08 -9.27 5.90
C PRO A 11 4.42 -9.39 5.15
N ALA A 12 5.40 -9.99 5.81
CA ALA A 12 6.72 -10.17 5.21
C ALA A 12 6.61 -10.82 3.83
N LYS A 13 5.53 -11.54 3.60
CA LYS A 13 5.31 -12.21 2.32
C LYS A 13 4.44 -11.35 1.40
N CYS A 14 3.69 -10.43 2.00
CA CYS A 14 2.82 -9.55 1.22
C CYS A 14 3.64 -8.62 0.33
N VAL A 15 3.08 -8.26 -0.82
CA VAL A 15 3.77 -7.38 -1.76
C VAL A 15 2.80 -6.40 -2.39
N LEU A 16 3.34 -5.37 -3.04
CA LEU A 16 2.52 -4.35 -3.69
C LEU A 16 2.82 -4.30 -5.19
N GLN A 17 1.81 -3.90 -5.97
CA GLN A 17 1.96 -3.81 -7.41
C GLN A 17 1.72 -2.38 -7.89
N GLY A 18 2.50 -1.94 -8.88
CA GLY A 18 2.35 -0.60 -9.41
C GLY A 18 3.64 -0.07 -10.01
N GLU A 19 3.74 -0.15 -11.33
CA GLU A 19 4.93 0.32 -12.04
C GLU A 19 5.42 1.64 -11.45
N ASP A 20 4.48 2.51 -11.08
CA ASP A 20 4.81 3.80 -10.50
C ASP A 20 4.43 3.85 -9.03
N LEU A 21 5.13 3.07 -8.20
CA LEU A 21 4.87 3.03 -6.78
C LEU A 21 5.79 3.98 -6.02
N HIS A 22 7.03 4.07 -6.48
CA HIS A 22 8.02 4.95 -5.84
C HIS A 22 8.07 6.30 -6.54
N ARG A 23 6.98 6.66 -7.20
CA ARG A 23 6.89 7.94 -7.91
C ARG A 23 5.44 8.31 -8.19
N ALA A 24 5.14 9.60 -8.15
CA ALA A 24 3.80 10.10 -8.40
C ALA A 24 3.82 11.49 -9.00
N ARG A 25 2.69 11.91 -9.57
CA ARG A 25 2.59 13.23 -10.18
C ARG A 25 1.75 14.17 -9.32
N GLU A 26 2.27 15.38 -9.10
CA GLU A 26 1.56 16.36 -8.28
C GLU A 26 0.08 16.40 -8.63
N LYS A 27 -0.76 16.47 -7.61
CA LYS A 27 -2.21 16.50 -7.80
C LYS A 27 -2.67 15.37 -8.71
N GLN A 28 -2.16 14.17 -8.47
CA GLN A 28 -2.52 13.01 -9.27
C GLN A 28 -3.08 11.89 -8.39
N THR A 29 -3.94 11.07 -8.96
CA THR A 29 -4.54 9.96 -8.22
C THR A 29 -3.79 8.66 -8.48
N ALA A 30 -2.97 8.26 -7.51
CA ALA A 30 -2.19 7.04 -7.64
C ALA A 30 -2.86 5.89 -6.88
N SER A 31 -3.12 4.79 -7.59
CA SER A 31 -3.76 3.64 -6.99
C SER A 31 -2.96 2.36 -7.27
N PHE A 32 -2.70 1.59 -6.22
CA PHE A 32 -1.95 0.35 -6.36
C PHE A 32 -2.72 -0.83 -5.77
N THR A 33 -2.22 -2.04 -6.00
CA THR A 33 -2.86 -3.25 -5.49
C THR A 33 -1.99 -3.92 -4.43
N LEU A 34 -2.61 -4.22 -3.29
CA LEU A 34 -1.90 -4.87 -2.19
C LEU A 34 -2.19 -6.37 -2.17
N LEU A 35 -1.17 -7.16 -2.50
CA LEU A 35 -1.32 -8.62 -2.51
C LEU A 35 -1.22 -9.19 -1.10
N CYS A 36 -1.98 -10.25 -0.85
CA CYS A 36 -1.98 -10.89 0.47
C CYS A 36 -1.57 -12.35 0.36
N LYS A 37 -0.37 -12.65 0.83
CA LYS A 37 0.15 -14.01 0.78
C LYS A 37 0.34 -14.57 2.19
N ASP A 38 0.37 -15.89 2.30
CA ASP A 38 0.56 -16.55 3.59
C ASP A 38 2.05 -16.69 3.92
N ALA A 39 2.33 -17.28 5.08
CA ALA A 39 3.72 -17.47 5.51
C ALA A 39 4.52 -18.24 4.47
N ALA A 40 3.81 -18.95 3.59
CA ALA A 40 4.45 -19.73 2.55
C ALA A 40 4.85 -18.85 1.36
N GLY A 41 4.21 -17.68 1.27
CA GLY A 41 4.51 -16.77 0.18
C GLY A 41 3.66 -17.04 -1.05
N GLU A 42 2.56 -17.76 -0.86
CA GLU A 42 1.67 -18.10 -1.97
C GLU A 42 0.31 -17.45 -1.80
N ILE A 43 -0.41 -17.28 -2.90
CA ILE A 43 -1.74 -16.68 -2.86
C ILE A 43 -2.69 -17.49 -2.02
N MET A 44 -3.40 -16.82 -1.11
CA MET A 44 -4.36 -17.49 -0.24
C MET A 44 -5.77 -17.39 -0.80
N GLY A 45 -6.05 -16.30 -1.50
CA GLY A 45 -7.37 -16.11 -2.08
C GLY A 45 -8.43 -15.85 -1.03
N ARG A 46 -8.01 -15.39 0.14
CA ARG A 46 -8.94 -15.11 1.23
C ARG A 46 -8.79 -13.67 1.72
N GLY A 47 -9.92 -12.99 1.89
CA GLY A 47 -9.90 -11.62 2.35
C GLY A 47 -10.21 -11.49 3.83
N GLY A 48 -9.95 -10.31 4.39
CA GLY A 48 -10.20 -10.09 5.81
C GLY A 48 -8.93 -9.85 6.59
N ASP A 49 -8.19 -8.82 6.21
CA ASP A 49 -6.94 -8.48 6.89
C ASP A 49 -6.92 -7.01 7.27
N ASN A 50 -6.27 -6.70 8.40
CA ASN A 50 -6.18 -5.34 8.89
C ASN A 50 -5.08 -4.57 8.15
N VAL A 51 -5.47 -3.80 7.16
CA VAL A 51 -4.52 -3.01 6.37
C VAL A 51 -4.43 -1.59 6.89
N GLN A 52 -3.21 -1.08 7.01
CA GLN A 52 -2.98 0.28 7.49
C GLN A 52 -2.19 1.09 6.48
N VAL A 53 -2.72 2.28 6.14
CA VAL A 53 -2.06 3.15 5.18
C VAL A 53 -1.93 4.57 5.74
N ALA A 54 -0.80 5.20 5.46
CA ALA A 54 -0.54 6.56 5.92
C ALA A 54 0.58 7.22 5.12
N VAL A 55 0.26 8.34 4.49
CA VAL A 55 1.24 9.07 3.68
C VAL A 55 1.61 10.40 4.34
N VAL A 56 2.90 10.67 4.41
CA VAL A 56 3.39 11.91 5.01
C VAL A 56 4.60 12.46 4.24
N PRO A 57 4.50 13.72 3.79
CA PRO A 57 5.57 14.38 3.04
C PRO A 57 6.78 14.69 3.92
N LYS A 58 7.96 14.34 3.42
CA LYS A 58 9.20 14.59 4.16
C LYS A 58 9.40 16.08 4.42
N ASP A 59 8.84 16.90 3.54
CA ASP A 59 8.95 18.35 3.66
C ASP A 59 8.19 18.85 4.88
N LYS A 60 6.91 18.54 4.93
CA LYS A 60 6.06 18.97 6.04
C LYS A 60 6.00 17.89 7.12
N LYS A 61 5.54 18.26 8.30
CA LYS A 61 5.44 17.33 9.42
C LYS A 61 3.99 17.21 9.89
N ASP A 62 3.16 18.16 9.48
CA ASP A 62 1.75 18.17 9.86
C ASP A 62 0.86 17.92 8.64
N SER A 63 0.91 18.83 7.68
CA SER A 63 0.11 18.72 6.47
C SER A 63 -0.03 17.27 6.05
N PRO A 64 -1.17 16.65 6.42
CA PRO A 64 -1.45 15.24 6.09
C PRO A 64 -1.71 15.04 4.60
N VAL A 65 -1.98 13.80 4.21
CA VAL A 65 -2.24 13.47 2.82
C VAL A 65 -3.53 12.66 2.67
N ARG A 66 -4.46 13.18 1.89
CA ARG A 66 -5.73 12.51 1.68
C ARG A 66 -5.53 11.15 1.02
N THR A 67 -5.89 10.09 1.75
CA THR A 67 -5.74 8.73 1.25
C THR A 67 -7.07 8.00 1.23
N MET A 68 -7.13 6.89 0.49
CA MET A 68 -8.35 6.10 0.39
C MET A 68 -8.05 4.61 0.47
N VAL A 69 -8.95 3.85 1.07
CA VAL A 69 -8.78 2.42 1.22
C VAL A 69 -10.08 1.67 0.95
N GLN A 70 -10.15 1.00 -0.19
CA GLN A 70 -11.35 0.24 -0.57
C GLN A 70 -11.18 -1.24 -0.22
N ASP A 71 -11.98 -1.70 0.74
CA ASP A 71 -11.93 -3.09 1.16
C ASP A 71 -12.65 -4.00 0.16
N ASN A 72 -11.92 -4.96 -0.39
CA ASN A 72 -12.49 -5.88 -1.37
C ASN A 72 -12.73 -7.25 -0.74
N LYS A 73 -11.83 -7.67 0.13
CA LYS A 73 -11.94 -8.95 0.81
C LYS A 73 -11.87 -10.10 -0.19
N ASP A 74 -11.07 -9.93 -1.23
CA ASP A 74 -10.91 -10.95 -2.25
C ASP A 74 -9.45 -11.34 -2.42
N GLY A 75 -8.65 -11.12 -1.38
CA GLY A 75 -7.24 -11.46 -1.43
C GLY A 75 -6.37 -10.24 -1.70
N THR A 76 -6.97 -9.21 -2.27
CA THR A 76 -6.24 -7.98 -2.59
C THR A 76 -7.04 -6.75 -2.19
N TYR A 77 -6.34 -5.62 -2.07
CA TYR A 77 -6.99 -4.37 -1.69
C TYR A 77 -6.79 -3.31 -2.78
N TYR A 78 -7.51 -2.20 -2.65
CA TYR A 78 -7.41 -1.11 -3.61
C TYR A 78 -7.21 0.23 -2.91
N ILE A 79 -5.95 0.65 -2.79
CA ILE A 79 -5.62 1.91 -2.14
C ILE A 79 -5.53 3.04 -3.15
N SER A 80 -5.80 4.26 -2.69
CA SER A 80 -5.75 5.43 -3.56
C SER A 80 -5.31 6.67 -2.78
N TYR A 81 -4.32 7.38 -3.31
CA TYR A 81 -3.82 8.58 -2.66
C TYR A 81 -3.47 9.65 -3.69
N THR A 82 -3.68 10.91 -3.32
CA THR A 82 -3.38 12.03 -4.21
C THR A 82 -2.68 13.15 -3.47
N PRO A 83 -1.42 13.40 -3.82
CA PRO A 83 -0.61 14.46 -3.20
C PRO A 83 -1.09 15.85 -3.58
N LYS A 84 -0.85 16.82 -2.69
CA LYS A 84 -1.26 18.20 -2.93
C LYS A 84 -0.11 19.01 -3.51
N GLU A 85 1.09 18.80 -2.96
CA GLU A 85 2.27 19.52 -3.43
C GLU A 85 3.38 18.54 -3.81
N PRO A 86 4.28 19.00 -4.69
CA PRO A 86 5.41 18.18 -5.15
C PRO A 86 6.45 17.94 -4.06
N GLY A 87 7.31 16.96 -4.27
CA GLY A 87 8.34 16.65 -3.29
C GLY A 87 8.37 15.17 -2.94
N VAL A 88 9.23 14.82 -2.00
CA VAL A 88 9.36 13.43 -1.57
C VAL A 88 8.36 13.10 -0.46
N TYR A 89 7.77 11.91 -0.54
CA TYR A 89 6.79 11.48 0.45
C TYR A 89 7.15 10.11 1.00
N THR A 90 6.43 9.68 2.04
CA THR A 90 6.66 8.38 2.66
C THR A 90 5.36 7.61 2.83
N VAL A 91 5.24 6.50 2.11
CA VAL A 91 4.05 5.67 2.18
C VAL A 91 4.21 4.56 3.21
N TRP A 92 3.42 4.63 4.28
CA TRP A 92 3.48 3.63 5.35
C TRP A 92 2.38 2.59 5.17
N VAL A 93 2.79 1.34 5.00
CA VAL A 93 1.84 0.24 4.82
C VAL A 93 2.19 -0.94 5.71
N CYS A 94 1.29 -1.27 6.63
CA CYS A 94 1.51 -2.38 7.55
C CYS A 94 0.24 -3.19 7.73
N ILE A 95 0.40 -4.48 8.02
CA ILE A 95 -0.73 -5.36 8.22
C ILE A 95 -0.69 -6.02 9.60
N LYS A 96 -1.78 -5.88 10.34
CA LYS A 96 -1.88 -6.46 11.68
C LYS A 96 -0.70 -6.02 12.55
N GLU A 97 -0.40 -4.72 12.51
CA GLU A 97 0.69 -4.17 13.29
C GLU A 97 2.03 -4.77 12.87
N GLN A 98 2.20 -4.93 11.56
CA GLN A 98 3.43 -5.50 11.02
C GLN A 98 3.80 -4.85 9.69
N HIS A 99 5.04 -4.38 9.60
CA HIS A 99 5.52 -3.72 8.38
C HIS A 99 5.69 -4.74 7.26
N VAL A 100 4.90 -4.59 6.20
CA VAL A 100 4.96 -5.49 5.06
C VAL A 100 6.29 -5.34 4.33
N GLN A 101 6.48 -6.14 3.28
CA GLN A 101 7.70 -6.10 2.49
C GLN A 101 7.72 -4.88 1.57
N GLY A 102 8.87 -4.24 1.47
CA GLY A 102 9.00 -3.06 0.63
C GLY A 102 8.21 -1.88 1.16
N SER A 103 8.06 -1.83 2.48
CA SER A 103 7.32 -0.74 3.12
C SER A 103 7.84 -0.49 4.53
N PRO A 104 7.88 0.79 4.93
CA PRO A 104 7.45 1.90 4.07
C PRO A 104 8.40 2.14 2.91
N PHE A 105 8.01 3.00 1.98
CA PHE A 105 8.83 3.31 0.82
C PHE A 105 8.76 4.79 0.48
N THR A 106 9.84 5.32 -0.08
CA THR A 106 9.91 6.73 -0.44
C THR A 106 9.31 6.97 -1.81
N VAL A 107 8.58 8.07 -1.94
CA VAL A 107 7.94 8.42 -3.21
C VAL A 107 8.37 9.81 -3.67
N THR A 108 8.49 9.97 -5.00
CA THR A 108 8.89 11.25 -5.57
C THR A 108 7.75 11.88 -6.35
N VAL A 109 7.17 12.94 -5.79
CA VAL A 109 6.06 13.63 -6.44
C VAL A 109 6.58 14.71 -7.40
N ARG A 110 6.36 14.49 -8.69
CA ARG A 110 6.80 15.44 -9.71
C ARG A 110 5.93 16.69 -9.70
N ARG A 111 6.26 17.64 -10.57
CA ARG A 111 5.51 18.89 -10.66
C ARG A 111 4.63 18.90 -11.91
N LYS A 112 3.42 19.43 -11.77
CA LYS A 112 2.49 19.51 -12.88
C LYS A 112 3.00 20.45 -13.96
N HIS A 113 2.93 20.01 -15.22
CA HIS A 113 3.39 20.81 -16.35
C HIS A 113 2.32 21.81 -16.78
N GLY A 1 -17.17 -22.01 -3.46
CA GLY A 1 -15.79 -22.40 -3.75
C GLY A 1 -14.80 -21.79 -2.78
N SER A 2 -13.57 -22.30 -2.79
CA SER A 2 -12.54 -21.79 -1.90
C SER A 2 -11.16 -21.95 -2.54
N SER A 3 -10.17 -21.26 -1.96
CA SER A 3 -8.81 -21.32 -2.47
C SER A 3 -7.87 -21.95 -1.44
N GLY A 4 -6.70 -22.39 -1.90
CA GLY A 4 -5.73 -23.00 -1.01
C GLY A 4 -5.17 -22.01 0.00
N SER A 5 -4.55 -22.54 1.05
CA SER A 5 -3.98 -21.69 2.10
C SER A 5 -3.10 -22.52 3.03
N SER A 6 -2.21 -21.84 3.75
CA SER A 6 -1.32 -22.50 4.69
C SER A 6 -1.84 -22.40 6.13
N GLY A 7 -2.15 -21.17 6.54
CA GLY A 7 -2.65 -20.95 7.88
C GLY A 7 -3.18 -19.55 8.08
N GLU A 8 -2.28 -18.56 7.97
CA GLU A 8 -2.67 -17.17 8.15
C GLU A 8 -1.94 -16.28 7.14
N VAL A 9 -2.27 -14.99 7.16
CA VAL A 9 -1.64 -14.03 6.25
C VAL A 9 -0.47 -13.33 6.93
N ASP A 10 0.68 -13.31 6.25
CA ASP A 10 1.87 -12.66 6.78
C ASP A 10 2.26 -11.46 5.94
N PRO A 11 2.56 -10.34 6.61
CA PRO A 11 2.96 -9.09 5.93
C PRO A 11 4.34 -9.19 5.29
N ALA A 12 5.31 -9.68 6.05
CA ALA A 12 6.67 -9.83 5.55
C ALA A 12 6.70 -10.66 4.27
N LYS A 13 5.63 -11.42 4.04
CA LYS A 13 5.54 -12.26 2.85
C LYS A 13 4.74 -11.54 1.76
N CYS A 14 3.85 -10.66 2.16
CA CYS A 14 3.03 -9.91 1.21
C CYS A 14 3.90 -9.08 0.27
N VAL A 15 3.27 -8.45 -0.71
CA VAL A 15 3.99 -7.63 -1.68
C VAL A 15 3.13 -6.48 -2.18
N LEU A 16 3.68 -5.66 -3.06
CA LEU A 16 2.96 -4.52 -3.61
C LEU A 16 3.06 -4.51 -5.14
N GLN A 17 1.97 -4.10 -5.79
CA GLN A 17 1.93 -4.04 -7.25
C GLN A 17 1.78 -2.59 -7.72
N GLY A 18 2.28 -2.31 -8.92
CA GLY A 18 2.19 -0.98 -9.48
C GLY A 18 3.38 -0.62 -10.33
N GLU A 19 3.12 -0.14 -11.54
CA GLU A 19 4.19 0.24 -12.46
C GLU A 19 4.98 1.43 -11.91
N ASP A 20 4.25 2.48 -11.51
CA ASP A 20 4.88 3.68 -10.98
C ASP A 20 4.56 3.84 -9.49
N LEU A 21 5.11 2.97 -8.67
CA LEU A 21 4.88 3.01 -7.23
C LEU A 21 5.77 4.07 -6.57
N HIS A 22 7.04 4.09 -6.95
CA HIS A 22 7.98 5.05 -6.39
C HIS A 22 7.99 6.35 -7.21
N ARG A 23 6.86 6.61 -7.89
CA ARG A 23 6.75 7.81 -8.71
C ARG A 23 5.30 8.31 -8.72
N ALA A 24 5.10 9.54 -8.27
CA ALA A 24 3.77 10.14 -8.23
C ALA A 24 3.77 11.52 -8.87
N ARG A 25 2.58 12.04 -9.14
CA ARG A 25 2.45 13.36 -9.75
C ARG A 25 1.57 14.27 -8.90
N GLU A 26 2.02 15.51 -8.72
CA GLU A 26 1.27 16.48 -7.92
C GLU A 26 -0.22 16.36 -8.17
N LYS A 27 -1.01 16.55 -7.11
CA LYS A 27 -2.47 16.45 -7.22
C LYS A 27 -2.87 15.40 -8.24
N GLN A 28 -2.29 14.21 -8.13
CA GLN A 28 -2.59 13.12 -9.04
C GLN A 28 -3.11 11.90 -8.28
N THR A 29 -4.03 11.16 -8.90
CA THR A 29 -4.60 9.98 -8.28
C THR A 29 -3.73 8.75 -8.53
N ALA A 30 -3.00 8.33 -7.51
CA ALA A 30 -2.13 7.16 -7.62
C ALA A 30 -2.69 5.98 -6.84
N SER A 31 -3.04 4.92 -7.56
CA SER A 31 -3.59 3.72 -6.94
C SER A 31 -2.75 2.50 -7.27
N PHE A 32 -2.73 1.53 -6.34
CA PHE A 32 -1.96 0.30 -6.54
C PHE A 32 -2.70 -0.89 -5.96
N THR A 33 -2.22 -2.09 -6.29
CA THR A 33 -2.84 -3.32 -5.79
C THR A 33 -1.96 -4.00 -4.75
N LEU A 34 -2.57 -4.43 -3.66
CA LEU A 34 -1.85 -5.09 -2.58
C LEU A 34 -2.20 -6.58 -2.51
N LEU A 35 -1.22 -7.42 -2.80
CA LEU A 35 -1.42 -8.86 -2.77
C LEU A 35 -1.24 -9.42 -1.36
N CYS A 36 -2.02 -10.43 -1.02
CA CYS A 36 -1.94 -11.05 0.30
C CYS A 36 -1.47 -12.50 0.19
N LYS A 37 -0.37 -12.81 0.86
CA LYS A 37 0.18 -14.16 0.84
C LYS A 37 0.16 -14.78 2.24
N ASP A 38 0.45 -16.07 2.31
CA ASP A 38 0.47 -16.78 3.59
C ASP A 38 1.87 -16.78 4.19
N ALA A 39 1.98 -17.31 5.41
CA ALA A 39 3.27 -17.37 6.10
C ALA A 39 4.28 -18.19 5.30
N ALA A 40 3.78 -18.95 4.33
CA ALA A 40 4.65 -19.79 3.50
C ALA A 40 5.12 -19.02 2.27
N GLY A 41 4.50 -17.87 2.02
CA GLY A 41 4.86 -17.06 0.87
C GLY A 41 4.12 -17.45 -0.39
N GLU A 42 2.90 -17.96 -0.21
CA GLU A 42 2.08 -18.38 -1.34
C GLU A 42 0.71 -17.69 -1.31
N ILE A 43 0.10 -17.58 -2.49
CA ILE A 43 -1.21 -16.94 -2.59
C ILE A 43 -2.22 -17.61 -1.67
N MET A 44 -3.08 -16.80 -1.05
CA MET A 44 -4.10 -17.31 -0.14
C MET A 44 -5.49 -17.12 -0.73
N GLY A 45 -5.69 -16.00 -1.42
CA GLY A 45 -6.98 -15.71 -2.01
C GLY A 45 -8.07 -15.50 -0.98
N ARG A 46 -7.75 -14.72 0.06
CA ARG A 46 -8.71 -14.45 1.12
C ARG A 46 -8.85 -12.94 1.34
N GLY A 47 -9.83 -12.56 2.16
CA GLY A 47 -10.05 -11.15 2.45
C GLY A 47 -10.51 -10.91 3.87
N GLY A 48 -9.56 -10.83 4.80
CA GLY A 48 -9.90 -10.60 6.19
C GLY A 48 -8.72 -10.07 6.99
N ASP A 49 -8.07 -9.04 6.46
CA ASP A 49 -6.93 -8.45 7.14
C ASP A 49 -7.14 -6.95 7.34
N ASN A 50 -6.30 -6.35 8.17
CA ASN A 50 -6.39 -4.91 8.45
C ASN A 50 -5.23 -4.16 7.82
N VAL A 51 -5.52 -3.46 6.71
CA VAL A 51 -4.51 -2.70 6.01
C VAL A 51 -4.46 -1.26 6.52
N GLN A 52 -3.25 -0.71 6.60
CA GLN A 52 -3.07 0.66 7.08
C GLN A 52 -2.23 1.47 6.09
N VAL A 53 -2.78 2.59 5.64
CA VAL A 53 -2.09 3.45 4.69
C VAL A 53 -2.00 4.88 5.21
N ALA A 54 -0.78 5.34 5.48
CA ALA A 54 -0.56 6.69 5.99
C ALA A 54 0.61 7.35 5.28
N VAL A 55 0.31 8.33 4.43
CA VAL A 55 1.34 9.06 3.69
C VAL A 55 1.73 10.34 4.40
N VAL A 56 3.03 10.63 4.43
CA VAL A 56 3.53 11.84 5.07
C VAL A 56 4.75 12.39 4.33
N PRO A 57 4.64 13.65 3.88
CA PRO A 57 5.72 14.32 3.16
C PRO A 57 6.91 14.64 4.05
N LYS A 58 8.09 14.20 3.63
CA LYS A 58 9.31 14.44 4.38
C LYS A 58 9.51 15.94 4.65
N ASP A 59 9.02 16.76 3.73
CA ASP A 59 9.14 18.20 3.86
C ASP A 59 8.29 18.72 5.01
N LYS A 60 7.02 18.32 5.03
CA LYS A 60 6.10 18.74 6.08
C LYS A 60 5.73 17.57 6.97
N LYS A 61 5.97 17.72 8.27
CA LYS A 61 5.66 16.67 9.23
C LYS A 61 4.17 16.69 9.59
N ASP A 62 3.57 17.88 9.54
CA ASP A 62 2.16 18.03 9.85
C ASP A 62 1.30 17.85 8.61
N SER A 63 1.48 18.73 7.64
CA SER A 63 0.72 18.68 6.39
C SER A 63 0.43 17.23 6.00
N PRO A 64 -0.77 16.76 6.34
CA PRO A 64 -1.19 15.39 6.03
C PRO A 64 -1.42 15.18 4.54
N VAL A 65 -1.76 13.95 4.16
CA VAL A 65 -2.01 13.62 2.76
C VAL A 65 -3.33 12.87 2.60
N ARG A 66 -4.03 13.16 1.51
CA ARG A 66 -5.32 12.51 1.24
C ARG A 66 -5.11 11.06 0.83
N THR A 67 -5.41 10.14 1.75
CA THR A 67 -5.26 8.72 1.48
C THR A 67 -6.59 8.00 1.59
N MET A 68 -6.75 6.92 0.82
CA MET A 68 -7.98 6.14 0.83
C MET A 68 -7.69 4.67 0.62
N VAL A 69 -8.54 3.81 1.18
CA VAL A 69 -8.37 2.36 1.04
C VAL A 69 -9.72 1.67 0.91
N GLN A 70 -9.94 1.03 -0.24
CA GLN A 70 -11.19 0.32 -0.50
C GLN A 70 -11.03 -1.17 -0.23
N ASP A 71 -11.73 -1.66 0.79
CA ASP A 71 -11.66 -3.07 1.15
C ASP A 71 -12.54 -3.91 0.22
N ASN A 72 -11.89 -4.76 -0.57
CA ASN A 72 -12.61 -5.62 -1.51
C ASN A 72 -12.79 -7.02 -0.93
N LYS A 73 -11.81 -7.47 -0.15
CA LYS A 73 -11.87 -8.79 0.46
C LYS A 73 -11.91 -9.88 -0.60
N ASP A 74 -11.27 -9.62 -1.74
CA ASP A 74 -11.24 -10.58 -2.84
C ASP A 74 -9.81 -11.02 -3.13
N GLY A 75 -8.96 -11.00 -2.10
CA GLY A 75 -7.58 -11.39 -2.27
C GLY A 75 -6.64 -10.19 -2.38
N THR A 76 -7.14 -9.12 -2.98
CA THR A 76 -6.34 -7.91 -3.14
C THR A 76 -7.09 -6.68 -2.64
N TYR A 77 -6.37 -5.57 -2.50
CA TYR A 77 -6.97 -4.34 -2.02
C TYR A 77 -6.77 -3.21 -3.03
N TYR A 78 -7.53 -2.13 -2.87
CA TYR A 78 -7.44 -0.99 -3.76
C TYR A 78 -7.16 0.29 -2.99
N ILE A 79 -5.89 0.66 -2.92
CA ILE A 79 -5.48 1.87 -2.21
C ILE A 79 -5.29 3.04 -3.18
N SER A 80 -5.65 4.24 -2.73
CA SER A 80 -5.52 5.43 -3.55
C SER A 80 -5.09 6.63 -2.71
N TYR A 81 -4.24 7.48 -3.28
CA TYR A 81 -3.76 8.66 -2.58
C TYR A 81 -3.56 9.82 -3.55
N THR A 82 -3.83 11.03 -3.08
CA THR A 82 -3.68 12.23 -3.91
C THR A 82 -2.88 13.30 -3.18
N PRO A 83 -1.61 13.47 -3.58
CA PRO A 83 -0.71 14.46 -2.98
C PRO A 83 -1.12 15.89 -3.32
N LYS A 84 -0.98 16.79 -2.35
CA LYS A 84 -1.33 18.19 -2.56
C LYS A 84 -0.14 18.97 -3.13
N GLU A 85 1.04 18.71 -2.60
CA GLU A 85 2.25 19.39 -3.06
C GLU A 85 3.30 18.37 -3.50
N PRO A 86 4.19 18.80 -4.41
CA PRO A 86 5.26 17.94 -4.93
C PRO A 86 6.33 17.65 -3.89
N GLY A 87 7.26 16.77 -4.23
CA GLY A 87 8.34 16.43 -3.31
C GLY A 87 8.35 14.95 -2.97
N VAL A 88 9.23 14.56 -2.06
CA VAL A 88 9.36 13.16 -1.65
C VAL A 88 8.40 12.84 -0.50
N TYR A 89 7.76 11.69 -0.58
CA TYR A 89 6.81 11.27 0.45
C TYR A 89 7.17 9.88 0.98
N THR A 90 6.50 9.48 2.06
CA THR A 90 6.75 8.18 2.67
C THR A 90 5.44 7.43 2.91
N VAL A 91 5.13 6.50 1.99
CA VAL A 91 3.91 5.71 2.11
C VAL A 91 4.07 4.60 3.15
N TRP A 92 3.25 4.65 4.19
CA TRP A 92 3.30 3.65 5.25
C TRP A 92 2.26 2.56 5.00
N VAL A 93 2.74 1.34 4.75
CA VAL A 93 1.85 0.21 4.50
C VAL A 93 2.13 -0.93 5.47
N CYS A 94 1.24 -1.11 6.43
CA CYS A 94 1.39 -2.17 7.43
C CYS A 94 0.09 -2.95 7.60
N ILE A 95 0.21 -4.27 7.68
CA ILE A 95 -0.96 -5.13 7.84
C ILE A 95 -0.96 -5.79 9.22
N LYS A 96 -2.01 -5.55 9.98
CA LYS A 96 -2.13 -6.12 11.32
C LYS A 96 -1.01 -5.66 12.22
N GLU A 97 -0.80 -4.34 12.29
CA GLU A 97 0.25 -3.77 13.12
C GLU A 97 1.62 -4.33 12.73
N GLN A 98 1.84 -4.46 11.43
CA GLN A 98 3.10 -4.99 10.94
C GLN A 98 3.42 -4.43 9.55
N HIS A 99 4.67 -4.02 9.35
CA HIS A 99 5.10 -3.46 8.08
C HIS A 99 5.42 -4.57 7.08
N VAL A 100 4.69 -4.60 5.98
CA VAL A 100 4.90 -5.61 4.94
C VAL A 100 6.25 -5.44 4.27
N GLN A 101 6.54 -6.29 3.29
CA GLN A 101 7.81 -6.24 2.57
C GLN A 101 7.95 -4.92 1.82
N GLY A 102 9.18 -4.55 1.50
CA GLY A 102 9.42 -3.31 0.78
C GLY A 102 8.53 -2.18 1.25
N SER A 103 8.44 -2.00 2.56
CA SER A 103 7.61 -0.96 3.14
C SER A 103 8.02 -0.66 4.58
N PRO A 104 7.92 0.62 4.97
CA PRO A 104 7.43 1.68 4.09
C PRO A 104 8.43 2.00 2.97
N PHE A 105 7.96 2.72 1.96
CA PHE A 105 8.80 3.10 0.83
C PHE A 105 8.72 4.60 0.57
N THR A 106 9.55 5.08 -0.36
CA THR A 106 9.57 6.49 -0.70
C THR A 106 8.86 6.74 -2.03
N VAL A 107 8.38 7.98 -2.21
CA VAL A 107 7.68 8.34 -3.44
C VAL A 107 8.07 9.75 -3.88
N THR A 108 8.50 9.88 -5.13
CA THR A 108 8.89 11.16 -5.68
C THR A 108 7.75 11.81 -6.46
N VAL A 109 7.17 12.86 -5.90
CA VAL A 109 6.07 13.57 -6.55
C VAL A 109 6.58 14.72 -7.40
N ARG A 110 5.98 14.90 -8.58
CA ARG A 110 6.38 15.96 -9.49
C ARG A 110 5.31 17.05 -9.54
N ARG A 111 5.61 18.13 -10.26
CA ARG A 111 4.68 19.24 -10.39
C ARG A 111 3.62 18.95 -11.45
N LYS A 112 2.37 19.30 -11.15
CA LYS A 112 1.27 19.08 -12.08
C LYS A 112 0.78 20.39 -12.67
N HIS A 113 0.55 20.40 -13.98
CA HIS A 113 0.08 21.59 -14.66
C HIS A 113 -1.43 21.51 -14.92
N GLY A 1 -13.83 -23.23 -4.22
CA GLY A 1 -12.39 -23.45 -4.26
C GLY A 1 -11.80 -23.69 -2.88
N SER A 2 -11.77 -24.96 -2.48
CA SER A 2 -11.23 -25.32 -1.17
C SER A 2 -9.70 -25.37 -1.21
N SER A 3 -9.08 -24.29 -0.75
CA SER A 3 -7.61 -24.21 -0.74
C SER A 3 -7.09 -24.20 0.70
N GLY A 4 -5.79 -24.41 0.85
CA GLY A 4 -5.18 -24.42 2.17
C GLY A 4 -3.83 -23.74 2.18
N SER A 5 -3.49 -23.14 3.33
CA SER A 5 -2.21 -22.44 3.47
C SER A 5 -1.39 -23.05 4.61
N SER A 6 -0.17 -22.54 4.79
CA SER A 6 0.71 -23.03 5.83
C SER A 6 0.17 -22.65 7.21
N GLY A 7 -0.23 -21.40 7.36
CA GLY A 7 -0.75 -20.94 8.64
C GLY A 7 -1.74 -19.80 8.47
N GLU A 8 -1.23 -18.58 8.39
CA GLU A 8 -2.08 -17.40 8.23
C GLU A 8 -1.39 -16.35 7.35
N VAL A 9 -2.05 -15.21 7.20
CA VAL A 9 -1.52 -14.12 6.39
C VAL A 9 -0.33 -13.46 7.08
N ASP A 10 0.65 -13.03 6.29
CA ASP A 10 1.83 -12.38 6.83
C ASP A 10 2.22 -11.17 5.97
N PRO A 11 2.60 -10.08 6.65
CA PRO A 11 3.00 -8.83 5.97
C PRO A 11 4.34 -8.98 5.24
N ALA A 12 5.32 -9.56 5.91
CA ALA A 12 6.64 -9.76 5.33
C ALA A 12 6.54 -10.51 3.99
N LYS A 13 5.48 -11.29 3.85
CA LYS A 13 5.27 -12.05 2.62
C LYS A 13 4.48 -11.23 1.59
N CYS A 14 3.60 -10.38 2.08
CA CYS A 14 2.79 -9.54 1.21
C CYS A 14 3.66 -8.78 0.22
N VAL A 15 3.06 -8.36 -0.89
CA VAL A 15 3.79 -7.61 -1.91
C VAL A 15 2.98 -6.40 -2.38
N LEU A 16 3.58 -5.62 -3.27
CA LEU A 16 2.93 -4.44 -3.81
C LEU A 16 3.02 -4.39 -5.33
N GLN A 17 1.90 -4.08 -5.98
CA GLN A 17 1.87 -4.01 -7.44
C GLN A 17 1.80 -2.56 -7.91
N GLY A 18 2.12 -2.34 -9.18
CA GLY A 18 2.09 -1.00 -9.74
C GLY A 18 3.40 -0.62 -10.40
N GLU A 19 3.32 -0.18 -11.65
CA GLU A 19 4.50 0.22 -12.40
C GLU A 19 5.10 1.50 -11.84
N ASP A 20 4.24 2.50 -11.63
CA ASP A 20 4.69 3.78 -11.09
C ASP A 20 4.35 3.90 -9.61
N LEU A 21 5.08 3.14 -8.79
CA LEU A 21 4.86 3.16 -7.34
C LEU A 21 5.76 4.19 -6.67
N HIS A 22 7.03 4.22 -7.06
CA HIS A 22 8.00 5.15 -6.50
C HIS A 22 8.03 6.45 -7.31
N ARG A 23 6.95 6.72 -8.03
CA ARG A 23 6.86 7.93 -8.85
C ARG A 23 5.41 8.42 -8.95
N ALA A 24 5.19 9.66 -8.53
CA ALA A 24 3.86 10.24 -8.58
C ALA A 24 3.90 11.68 -9.07
N ARG A 25 2.76 12.20 -9.48
CA ARG A 25 2.67 13.57 -9.98
C ARG A 25 1.76 14.41 -9.08
N GLU A 26 2.05 15.72 -9.03
CA GLU A 26 1.25 16.64 -8.22
C GLU A 26 -0.19 16.69 -8.71
N LYS A 27 -1.13 16.71 -7.76
CA LYS A 27 -2.55 16.77 -8.09
C LYS A 27 -2.93 15.61 -9.00
N GLN A 28 -2.37 14.44 -8.75
CA GLN A 28 -2.66 13.26 -9.55
C GLN A 28 -3.10 12.10 -8.66
N THR A 29 -4.02 11.29 -9.17
CA THR A 29 -4.53 10.15 -8.42
C THR A 29 -3.77 8.88 -8.76
N ALA A 30 -2.90 8.45 -7.84
CA ALA A 30 -2.11 7.25 -8.04
C ALA A 30 -2.62 6.10 -7.17
N SER A 31 -3.00 4.99 -7.81
CA SER A 31 -3.50 3.83 -7.09
C SER A 31 -2.67 2.60 -7.42
N PHE A 32 -2.70 1.62 -6.52
CA PHE A 32 -1.95 0.38 -6.71
C PHE A 32 -2.69 -0.80 -6.09
N THR A 33 -2.26 -2.01 -6.44
CA THR A 33 -2.88 -3.22 -5.91
C THR A 33 -2.00 -3.89 -4.87
N LEU A 34 -2.60 -4.33 -3.78
CA LEU A 34 -1.87 -4.98 -2.70
C LEU A 34 -2.32 -6.43 -2.54
N LEU A 35 -1.45 -7.37 -2.88
CA LEU A 35 -1.75 -8.79 -2.77
C LEU A 35 -1.55 -9.28 -1.35
N CYS A 36 -2.19 -10.39 -1.01
CA CYS A 36 -2.06 -10.97 0.33
C CYS A 36 -1.65 -12.43 0.25
N LYS A 37 -0.51 -12.75 0.87
CA LYS A 37 0.00 -14.12 0.87
C LYS A 37 0.12 -14.65 2.29
N ASP A 38 0.31 -15.96 2.42
CA ASP A 38 0.44 -16.60 3.72
C ASP A 38 1.89 -16.58 4.19
N ALA A 39 2.12 -17.06 5.41
CA ALA A 39 3.47 -17.10 5.97
C ALA A 39 4.44 -17.81 5.04
N ALA A 40 3.90 -18.70 4.20
CA ALA A 40 4.73 -19.44 3.27
C ALA A 40 5.06 -18.61 2.04
N GLY A 41 4.27 -17.56 1.81
CA GLY A 41 4.50 -16.70 0.67
C GLY A 41 3.69 -17.11 -0.55
N GLU A 42 2.59 -17.81 -0.31
CA GLU A 42 1.72 -18.27 -1.40
C GLU A 42 0.31 -17.70 -1.24
N ILE A 43 -0.43 -17.66 -2.34
CA ILE A 43 -1.79 -17.14 -2.34
C ILE A 43 -2.67 -17.91 -1.35
N MET A 44 -3.48 -17.19 -0.59
CA MET A 44 -4.36 -17.81 0.38
C MET A 44 -5.79 -17.89 -0.15
N GLY A 45 -6.19 -16.87 -0.91
CA GLY A 45 -7.53 -16.83 -1.47
C GLY A 45 -8.54 -16.19 -0.53
N ARG A 46 -8.09 -15.21 0.23
CA ARG A 46 -8.96 -14.51 1.18
C ARG A 46 -8.24 -13.34 1.81
N GLY A 47 -9.01 -12.41 2.38
CA GLY A 47 -8.42 -11.24 3.01
C GLY A 47 -8.67 -11.21 4.51
N GLY A 48 -9.77 -10.60 4.92
CA GLY A 48 -10.09 -10.51 6.33
C GLY A 48 -8.94 -9.98 7.16
N ASP A 49 -8.29 -8.93 6.66
CA ASP A 49 -7.17 -8.33 7.36
C ASP A 49 -7.37 -6.82 7.53
N ASN A 50 -6.49 -6.19 8.31
CA ASN A 50 -6.58 -4.76 8.54
C ASN A 50 -5.38 -4.03 7.93
N VAL A 51 -5.58 -3.46 6.75
CA VAL A 51 -4.52 -2.73 6.07
C VAL A 51 -4.42 -1.30 6.57
N GLN A 52 -3.19 -0.83 6.77
CA GLN A 52 -2.95 0.52 7.26
C GLN A 52 -2.17 1.33 6.23
N VAL A 53 -2.75 2.45 5.80
CA VAL A 53 -2.11 3.32 4.83
C VAL A 53 -2.07 4.77 5.32
N ALA A 54 -0.91 5.41 5.19
CA ALA A 54 -0.75 6.78 5.61
C ALA A 54 0.41 7.45 4.88
N VAL A 55 0.09 8.37 3.97
CA VAL A 55 1.12 9.08 3.21
C VAL A 55 1.52 10.38 3.90
N VAL A 56 2.79 10.47 4.28
CA VAL A 56 3.31 11.66 4.95
C VAL A 56 4.54 12.20 4.24
N PRO A 57 4.57 13.51 4.01
CA PRO A 57 5.69 14.18 3.33
C PRO A 57 6.94 14.22 4.21
N LYS A 58 8.09 14.02 3.58
CA LYS A 58 9.37 14.03 4.29
C LYS A 58 9.60 15.38 4.95
N ASP A 59 9.00 16.43 4.39
CA ASP A 59 9.14 17.77 4.94
C ASP A 59 8.48 17.89 6.31
N LYS A 60 7.15 17.81 6.32
CA LYS A 60 6.39 17.91 7.57
C LYS A 60 5.89 16.54 8.00
N LYS A 61 5.81 16.32 9.31
CA LYS A 61 5.35 15.06 9.86
C LYS A 61 3.87 15.13 10.23
N ASP A 62 3.32 16.34 10.16
CA ASP A 62 1.91 16.56 10.49
C ASP A 62 1.05 16.62 9.24
N SER A 63 1.31 17.63 8.40
CA SER A 63 0.56 17.81 7.17
C SER A 63 0.19 16.47 6.55
N PRO A 64 -1.05 16.02 6.82
CA PRO A 64 -1.55 14.75 6.30
C PRO A 64 -1.78 14.78 4.79
N VAL A 65 -1.99 13.61 4.20
CA VAL A 65 -2.22 13.50 2.76
C VAL A 65 -3.45 12.65 2.47
N ARG A 66 -4.43 13.25 1.81
CA ARG A 66 -5.66 12.55 1.46
C ARG A 66 -5.34 11.19 0.83
N THR A 67 -6.02 10.15 1.30
CA THR A 67 -5.82 8.81 0.77
C THR A 67 -7.14 8.05 0.65
N MET A 68 -7.10 6.90 -0.02
CA MET A 68 -8.29 6.09 -0.19
C MET A 68 -7.97 4.61 -0.01
N VAL A 69 -8.80 3.92 0.77
CA VAL A 69 -8.60 2.50 1.03
C VAL A 69 -9.91 1.74 0.88
N GLN A 70 -10.17 1.26 -0.34
CA GLN A 70 -11.38 0.50 -0.62
C GLN A 70 -11.21 -0.97 -0.24
N ASP A 71 -11.61 -1.31 0.98
CA ASP A 71 -11.51 -2.68 1.46
C ASP A 71 -12.30 -3.64 0.58
N ASN A 72 -11.64 -4.68 0.11
CA ASN A 72 -12.30 -5.67 -0.76
C ASN A 72 -12.26 -7.06 -0.11
N LYS A 73 -11.15 -7.37 0.55
CA LYS A 73 -10.99 -8.66 1.20
C LYS A 73 -11.20 -9.81 0.21
N ASP A 74 -10.89 -9.54 -1.05
CA ASP A 74 -11.03 -10.55 -2.11
C ASP A 74 -9.68 -10.95 -2.66
N GLY A 75 -8.69 -11.06 -1.79
CA GLY A 75 -7.35 -11.42 -2.22
C GLY A 75 -6.44 -10.22 -2.38
N THR A 76 -7.01 -9.10 -2.79
CA THR A 76 -6.24 -7.87 -2.98
C THR A 76 -6.95 -6.67 -2.37
N TYR A 77 -6.31 -5.52 -2.42
CA TYR A 77 -6.88 -4.29 -1.88
C TYR A 77 -6.72 -3.12 -2.84
N TYR A 78 -7.43 -2.04 -2.58
CA TYR A 78 -7.37 -0.85 -3.42
C TYR A 78 -6.89 0.36 -2.64
N ILE A 79 -5.67 0.80 -2.94
CA ILE A 79 -5.10 1.96 -2.25
C ILE A 79 -4.72 3.05 -3.25
N SER A 80 -5.17 4.27 -2.97
CA SER A 80 -4.90 5.41 -3.84
C SER A 80 -4.61 6.67 -3.02
N TYR A 81 -3.81 7.56 -3.59
CA TYR A 81 -3.45 8.80 -2.91
C TYR A 81 -3.33 9.95 -3.91
N THR A 82 -3.66 11.16 -3.46
CA THR A 82 -3.58 12.34 -4.31
C THR A 82 -2.82 13.46 -3.61
N PRO A 83 -1.53 13.62 -3.98
CA PRO A 83 -0.67 14.66 -3.40
C PRO A 83 -1.08 16.06 -3.85
N LYS A 84 -1.23 16.96 -2.89
CA LYS A 84 -1.61 18.34 -3.19
C LYS A 84 -0.40 19.16 -3.63
N GLU A 85 0.73 18.95 -2.95
CA GLU A 85 1.95 19.67 -3.28
C GLU A 85 3.06 18.70 -3.68
N PRO A 86 3.99 19.19 -4.51
CA PRO A 86 5.12 18.38 -5.00
C PRO A 86 6.13 18.07 -3.90
N GLY A 87 6.99 17.10 -4.15
CA GLY A 87 7.99 16.72 -3.17
C GLY A 87 8.01 15.23 -2.90
N VAL A 88 8.88 14.79 -2.00
CA VAL A 88 9.00 13.39 -1.65
C VAL A 88 8.12 13.04 -0.45
N TYR A 89 7.49 11.88 -0.50
CA TYR A 89 6.62 11.44 0.59
C TYR A 89 7.02 10.04 1.06
N THR A 90 6.43 9.61 2.18
CA THR A 90 6.72 8.30 2.73
C THR A 90 5.44 7.50 2.96
N VAL A 91 5.22 6.49 2.13
CA VAL A 91 4.04 5.64 2.23
C VAL A 91 4.20 4.62 3.34
N TRP A 92 3.23 4.58 4.25
CA TRP A 92 3.26 3.64 5.37
C TRP A 92 2.26 2.50 5.15
N VAL A 93 2.78 1.35 4.72
CA VAL A 93 1.93 0.19 4.48
C VAL A 93 2.23 -0.93 5.46
N CYS A 94 1.33 -1.12 6.42
CA CYS A 94 1.50 -2.16 7.43
C CYS A 94 0.19 -2.91 7.67
N ILE A 95 0.30 -4.23 7.85
CA ILE A 95 -0.88 -5.06 8.07
C ILE A 95 -0.85 -5.67 9.47
N LYS A 96 -1.88 -5.38 10.25
CA LYS A 96 -1.98 -5.91 11.62
C LYS A 96 -0.82 -5.42 12.47
N GLU A 97 -0.53 -4.13 12.40
CA GLU A 97 0.56 -3.54 13.16
C GLU A 97 1.90 -4.17 12.78
N GLN A 98 2.09 -4.38 11.48
CA GLN A 98 3.32 -4.98 10.98
C GLN A 98 3.64 -4.47 9.58
N HIS A 99 4.90 -4.11 9.36
CA HIS A 99 5.35 -3.61 8.06
C HIS A 99 5.55 -4.75 7.06
N VAL A 100 5.11 -4.54 5.83
CA VAL A 100 5.24 -5.55 4.79
C VAL A 100 6.52 -5.35 3.99
N GLN A 101 6.79 -6.27 3.07
CA GLN A 101 7.99 -6.20 2.25
C GLN A 101 8.09 -4.84 1.54
N GLY A 102 9.31 -4.36 1.36
CA GLY A 102 9.51 -3.08 0.69
C GLY A 102 8.56 -2.01 1.20
N SER A 103 8.44 -1.91 2.52
CA SER A 103 7.56 -0.93 3.13
C SER A 103 7.97 -0.64 4.57
N PRO A 104 7.92 0.65 4.96
CA PRO A 104 7.50 1.73 4.06
C PRO A 104 8.51 2.00 2.96
N PHE A 105 8.14 2.86 2.01
CA PHE A 105 9.01 3.21 0.90
C PHE A 105 8.91 4.68 0.55
N THR A 106 9.89 5.19 -0.19
CA THR A 106 9.90 6.59 -0.58
C THR A 106 9.18 6.80 -1.91
N VAL A 107 8.68 8.01 -2.11
CA VAL A 107 7.95 8.35 -3.33
C VAL A 107 8.18 9.80 -3.72
N THR A 108 8.41 10.03 -5.02
CA THR A 108 8.64 11.38 -5.52
C THR A 108 7.40 11.93 -6.20
N VAL A 109 7.01 13.15 -5.81
CA VAL A 109 5.84 13.79 -6.39
C VAL A 109 6.23 14.96 -7.29
N ARG A 110 6.20 14.72 -8.59
CA ARG A 110 6.56 15.74 -9.57
C ARG A 110 5.51 16.85 -9.59
N ARG A 111 5.79 17.89 -10.38
CA ARG A 111 4.87 19.03 -10.48
C ARG A 111 4.23 19.07 -11.88
N LYS A 112 2.94 18.75 -11.94
CA LYS A 112 2.21 18.75 -13.20
C LYS A 112 2.61 19.95 -14.06
N HIS A 113 2.35 19.85 -15.36
CA HIS A 113 2.70 20.93 -16.28
C HIS A 113 2.22 22.27 -15.75
N GLY A 1 -13.52 -22.61 -8.65
CA GLY A 1 -12.62 -21.98 -7.70
C GLY A 1 -12.01 -22.98 -6.73
N SER A 2 -10.91 -22.59 -6.11
CA SER A 2 -10.22 -23.45 -5.16
C SER A 2 -9.15 -22.68 -4.39
N SER A 3 -9.04 -22.95 -3.10
CA SER A 3 -8.06 -22.29 -2.25
C SER A 3 -7.52 -23.23 -1.19
N GLY A 4 -6.46 -22.81 -0.51
CA GLY A 4 -5.86 -23.63 0.53
C GLY A 4 -4.61 -23.02 1.11
N SER A 5 -4.70 -22.54 2.33
CA SER A 5 -3.55 -21.91 3.00
C SER A 5 -2.86 -22.91 3.93
N SER A 6 -1.77 -22.46 4.55
CA SER A 6 -1.02 -23.31 5.46
C SER A 6 -1.29 -22.93 6.91
N GLY A 7 -1.24 -21.63 7.21
CA GLY A 7 -1.49 -21.17 8.56
C GLY A 7 -2.26 -19.86 8.58
N GLU A 8 -1.56 -18.74 8.46
CA GLU A 8 -2.18 -17.44 8.48
C GLU A 8 -1.51 -16.49 7.48
N VAL A 9 -2.01 -15.26 7.41
CA VAL A 9 -1.46 -14.27 6.50
C VAL A 9 -0.27 -13.54 7.12
N ASP A 10 0.77 -13.33 6.32
CA ASP A 10 1.97 -12.64 6.79
C ASP A 10 2.28 -11.43 5.92
N PRO A 11 2.63 -10.31 6.57
CA PRO A 11 2.97 -9.07 5.87
C PRO A 11 4.28 -9.15 5.11
N ALA A 12 5.32 -9.63 5.78
CA ALA A 12 6.64 -9.78 5.17
C ALA A 12 6.54 -10.48 3.83
N LYS A 13 5.53 -11.34 3.69
CA LYS A 13 5.33 -12.08 2.44
C LYS A 13 4.51 -11.27 1.45
N CYS A 14 3.60 -10.44 1.97
CA CYS A 14 2.75 -9.61 1.13
C CYS A 14 3.60 -8.78 0.16
N VAL A 15 3.03 -8.49 -1.01
CA VAL A 15 3.74 -7.71 -2.01
C VAL A 15 2.85 -6.59 -2.56
N LEU A 16 3.38 -5.82 -3.50
CA LEU A 16 2.64 -4.72 -4.10
C LEU A 16 2.73 -4.77 -5.62
N GLN A 17 1.64 -4.40 -6.29
CA GLN A 17 1.59 -4.40 -7.74
C GLN A 17 1.46 -2.98 -8.29
N GLY A 18 2.40 -2.60 -9.15
CA GLY A 18 2.36 -1.27 -9.73
C GLY A 18 3.72 -0.82 -10.23
N GLU A 19 3.81 -0.51 -11.52
CA GLU A 19 5.06 -0.06 -12.11
C GLU A 19 5.50 1.27 -11.52
N ASP A 20 4.56 2.21 -11.42
CA ASP A 20 4.85 3.53 -10.88
C ASP A 20 4.41 3.62 -9.42
N LEU A 21 5.18 2.99 -8.54
CA LEU A 21 4.87 2.99 -7.11
C LEU A 21 5.75 4.00 -6.37
N HIS A 22 7.00 4.09 -6.78
CA HIS A 22 7.95 5.02 -6.16
C HIS A 22 8.01 6.33 -6.93
N ARG A 23 6.94 6.62 -7.67
CA ARG A 23 6.87 7.85 -8.45
C ARG A 23 5.43 8.36 -8.52
N ALA A 24 5.26 9.68 -8.35
CA ALA A 24 3.94 10.29 -8.40
C ALA A 24 4.02 11.73 -8.91
N ARG A 25 2.88 12.29 -9.29
CA ARG A 25 2.83 13.65 -9.79
C ARG A 25 1.87 14.50 -8.95
N GLU A 26 2.23 15.77 -8.76
CA GLU A 26 1.41 16.69 -7.98
C GLU A 26 -0.04 16.67 -8.47
N LYS A 27 -0.97 16.56 -7.54
CA LYS A 27 -2.39 16.55 -7.86
C LYS A 27 -2.72 15.37 -8.78
N GLN A 28 -2.09 14.22 -8.51
CA GLN A 28 -2.31 13.02 -9.30
C GLN A 28 -2.90 11.90 -8.45
N THR A 29 -3.68 11.03 -9.07
CA THR A 29 -4.30 9.92 -8.37
C THR A 29 -3.57 8.61 -8.66
N ALA A 30 -2.70 8.22 -7.75
CA ALA A 30 -1.93 6.98 -7.90
C ALA A 30 -2.54 5.85 -7.07
N SER A 31 -2.85 4.74 -7.74
CA SER A 31 -3.44 3.59 -7.06
C SER A 31 -2.68 2.32 -7.39
N PHE A 32 -2.71 1.36 -6.47
CA PHE A 32 -2.02 0.09 -6.67
C PHE A 32 -2.80 -1.06 -6.03
N THR A 33 -2.37 -2.28 -6.30
CA THR A 33 -3.01 -3.47 -5.75
C THR A 33 -2.12 -4.20 -4.77
N LEU A 34 -2.61 -4.41 -3.55
CA LEU A 34 -1.84 -5.10 -2.52
C LEU A 34 -2.27 -6.56 -2.41
N LEU A 35 -1.34 -7.47 -2.70
CA LEU A 35 -1.62 -8.90 -2.63
C LEU A 35 -1.33 -9.44 -1.24
N CYS A 36 -2.09 -10.46 -0.84
CA CYS A 36 -1.90 -11.07 0.47
C CYS A 36 -1.56 -12.55 0.35
N LYS A 37 -0.43 -12.95 0.92
CA LYS A 37 0.01 -14.34 0.86
C LYS A 37 0.14 -14.92 2.28
N ASP A 38 0.41 -16.22 2.34
CA ASP A 38 0.56 -16.89 3.63
C ASP A 38 2.01 -16.85 4.10
N ALA A 39 2.24 -17.38 5.30
CA ALA A 39 3.59 -17.40 5.86
C ALA A 39 4.59 -18.03 4.89
N ALA A 40 4.08 -18.89 4.01
CA ALA A 40 4.93 -19.56 3.03
C ALA A 40 5.21 -18.66 1.83
N GLY A 41 4.31 -17.70 1.59
CA GLY A 41 4.47 -16.79 0.49
C GLY A 41 3.60 -17.16 -0.70
N GLU A 42 2.52 -17.88 -0.44
CA GLU A 42 1.61 -18.31 -1.49
C GLU A 42 0.23 -17.68 -1.30
N ILE A 43 -0.54 -17.64 -2.38
CA ILE A 43 -1.88 -17.07 -2.33
C ILE A 43 -2.78 -17.86 -1.38
N MET A 44 -3.57 -17.15 -0.58
CA MET A 44 -4.47 -17.78 0.37
C MET A 44 -5.92 -17.69 -0.11
N GLY A 45 -6.25 -16.59 -0.75
CA GLY A 45 -7.60 -16.40 -1.25
C GLY A 45 -8.61 -16.12 -0.14
N ARG A 46 -8.27 -15.19 0.73
CA ARG A 46 -9.14 -14.83 1.84
C ARG A 46 -8.79 -13.45 2.39
N GLY A 47 -9.82 -12.67 2.71
CA GLY A 47 -9.59 -11.33 3.24
C GLY A 47 -9.62 -11.29 4.76
N GLY A 48 -10.34 -10.33 5.31
CA GLY A 48 -10.43 -10.21 6.76
C GLY A 48 -9.12 -9.78 7.38
N ASP A 49 -8.37 -8.94 6.66
CA ASP A 49 -7.09 -8.46 7.15
C ASP A 49 -7.18 -6.98 7.53
N ASN A 50 -6.17 -6.49 8.26
CA ASN A 50 -6.14 -5.10 8.68
C ASN A 50 -5.04 -4.33 7.95
N VAL A 51 -5.43 -3.61 6.90
CA VAL A 51 -4.48 -2.83 6.12
C VAL A 51 -4.50 -1.37 6.52
N GLN A 52 -3.33 -0.74 6.54
CA GLN A 52 -3.22 0.67 6.92
C GLN A 52 -2.37 1.44 5.90
N VAL A 53 -2.86 2.59 5.48
CA VAL A 53 -2.14 3.42 4.51
C VAL A 53 -2.10 4.87 4.96
N ALA A 54 -0.91 5.34 5.31
CA ALA A 54 -0.73 6.72 5.76
C ALA A 54 0.47 7.37 5.08
N VAL A 55 0.19 8.32 4.19
CA VAL A 55 1.25 9.01 3.48
C VAL A 55 1.62 10.32 4.16
N VAL A 56 2.92 10.59 4.28
CA VAL A 56 3.40 11.81 4.92
C VAL A 56 4.63 12.36 4.19
N PRO A 57 4.60 13.66 3.87
CA PRO A 57 5.70 14.33 3.19
C PRO A 57 6.93 14.48 4.07
N LYS A 58 8.07 13.97 3.60
CA LYS A 58 9.32 14.05 4.35
C LYS A 58 9.60 15.49 4.78
N ASP A 59 9.07 16.44 4.02
CA ASP A 59 9.28 17.86 4.32
C ASP A 59 8.45 18.27 5.54
N LYS A 60 7.13 18.30 5.36
CA LYS A 60 6.22 18.67 6.44
C LYS A 60 5.80 17.46 7.25
N LYS A 61 5.78 17.60 8.57
CA LYS A 61 5.40 16.51 9.46
C LYS A 61 3.90 16.57 9.77
N ASP A 62 3.34 17.77 9.70
CA ASP A 62 1.91 17.95 9.96
C ASP A 62 1.09 17.76 8.70
N SER A 63 1.27 18.67 7.74
CA SER A 63 0.54 18.61 6.49
C SER A 63 0.26 17.16 6.08
N PRO A 64 -0.93 16.68 6.43
CA PRO A 64 -1.35 15.31 6.11
C PRO A 64 -1.58 15.09 4.62
N VAL A 65 -1.78 13.84 4.23
CA VAL A 65 -2.03 13.51 2.83
C VAL A 65 -3.35 12.78 2.66
N ARG A 66 -4.10 13.16 1.62
CA ARG A 66 -5.39 12.54 1.35
C ARG A 66 -5.21 11.15 0.74
N THR A 67 -5.80 10.14 1.37
CA THR A 67 -5.70 8.77 0.90
C THR A 67 -7.08 8.11 0.83
N MET A 68 -7.14 6.94 0.22
CA MET A 68 -8.39 6.20 0.09
C MET A 68 -8.13 4.70 0.04
N VAL A 69 -8.80 3.97 0.93
CA VAL A 69 -8.66 2.51 0.99
C VAL A 69 -9.99 1.81 0.74
N GLN A 70 -10.07 1.09 -0.37
CA GLN A 70 -11.29 0.37 -0.72
C GLN A 70 -11.14 -1.13 -0.45
N ASP A 71 -11.48 -1.53 0.78
CA ASP A 71 -11.37 -2.93 1.17
C ASP A 71 -12.18 -3.82 0.23
N ASN A 72 -11.62 -4.97 -0.12
CA ASN A 72 -12.29 -5.91 -1.02
C ASN A 72 -12.42 -7.29 -0.36
N LYS A 73 -11.53 -7.57 0.57
CA LYS A 73 -11.55 -8.86 1.27
C LYS A 73 -11.65 -10.01 0.28
N ASP A 74 -11.05 -9.85 -0.89
CA ASP A 74 -11.08 -10.87 -1.91
C ASP A 74 -9.67 -11.36 -2.23
N GLY A 75 -8.69 -10.85 -1.49
CA GLY A 75 -7.31 -11.23 -1.72
C GLY A 75 -6.45 -10.08 -2.21
N THR A 76 -7.09 -9.05 -2.73
CA THR A 76 -6.38 -7.88 -3.23
C THR A 76 -7.05 -6.59 -2.78
N TYR A 77 -6.26 -5.67 -2.23
CA TYR A 77 -6.78 -4.39 -1.75
C TYR A 77 -6.51 -3.29 -2.77
N TYR A 78 -7.37 -2.27 -2.76
CA TYR A 78 -7.23 -1.15 -3.68
C TYR A 78 -6.95 0.15 -2.93
N ILE A 79 -5.72 0.64 -3.03
CA ILE A 79 -5.33 1.86 -2.36
C ILE A 79 -5.12 3.00 -3.36
N SER A 80 -5.50 4.21 -2.95
CA SER A 80 -5.37 5.37 -3.82
C SER A 80 -4.97 6.61 -3.00
N TYR A 81 -3.95 7.32 -3.47
CA TYR A 81 -3.48 8.52 -2.79
C TYR A 81 -3.29 9.67 -3.77
N THR A 82 -3.43 10.89 -3.27
CA THR A 82 -3.28 12.08 -4.10
C THR A 82 -2.48 13.15 -3.38
N PRO A 83 -1.21 13.33 -3.80
CA PRO A 83 -0.32 14.34 -3.21
C PRO A 83 -0.74 15.77 -3.54
N LYS A 84 -1.15 16.50 -2.52
CA LYS A 84 -1.59 17.89 -2.70
C LYS A 84 -0.40 18.79 -3.00
N GLU A 85 0.78 18.37 -2.57
CA GLU A 85 2.01 19.15 -2.79
C GLU A 85 3.14 18.25 -3.30
N PRO A 86 4.02 18.82 -4.13
CA PRO A 86 5.15 18.09 -4.70
C PRO A 86 6.21 17.76 -3.65
N GLY A 87 7.15 16.89 -4.02
CA GLY A 87 8.20 16.51 -3.09
C GLY A 87 8.19 15.02 -2.78
N VAL A 88 9.11 14.59 -1.94
CA VAL A 88 9.20 13.18 -1.55
C VAL A 88 8.24 12.87 -0.41
N TYR A 89 7.58 11.72 -0.49
CA TYR A 89 6.63 11.30 0.53
C TYR A 89 6.98 9.92 1.05
N THR A 90 6.32 9.50 2.13
CA THR A 90 6.56 8.20 2.73
C THR A 90 5.24 7.45 2.95
N VAL A 91 4.95 6.51 2.06
CA VAL A 91 3.73 5.72 2.15
C VAL A 91 3.87 4.64 3.22
N TRP A 92 3.13 4.81 4.32
CA TRP A 92 3.16 3.84 5.41
C TRP A 92 2.15 2.72 5.19
N VAL A 93 2.64 1.55 4.79
CA VAL A 93 1.77 0.41 4.54
C VAL A 93 2.10 -0.75 5.47
N CYS A 94 1.23 -0.99 6.45
CA CYS A 94 1.43 -2.06 7.41
C CYS A 94 0.15 -2.88 7.59
N ILE A 95 0.30 -4.19 7.69
CA ILE A 95 -0.84 -5.07 7.87
C ILE A 95 -0.82 -5.73 9.24
N LYS A 96 -1.86 -5.50 10.03
CA LYS A 96 -1.97 -6.06 11.37
C LYS A 96 -0.81 -5.61 12.24
N GLU A 97 -0.57 -4.29 12.27
CA GLU A 97 0.51 -3.74 13.07
C GLU A 97 1.86 -4.30 12.64
N GLN A 98 2.05 -4.43 11.33
CA GLN A 98 3.30 -4.97 10.79
C GLN A 98 3.60 -4.36 9.42
N HIS A 99 4.84 -3.96 9.22
CA HIS A 99 5.26 -3.36 7.96
C HIS A 99 5.58 -4.44 6.93
N VAL A 100 4.78 -4.49 5.86
CA VAL A 100 4.98 -5.48 4.81
C VAL A 100 6.27 -5.21 4.04
N GLN A 101 6.55 -6.06 3.06
CA GLN A 101 7.76 -5.92 2.24
C GLN A 101 7.78 -4.55 1.57
N GLY A 102 8.97 -4.15 1.12
CA GLY A 102 9.11 -2.86 0.45
C GLY A 102 8.19 -1.81 1.03
N SER A 103 8.18 -1.68 2.35
CA SER A 103 7.33 -0.71 3.02
C SER A 103 7.76 -0.52 4.47
N PRO A 104 7.78 0.75 4.91
CA PRO A 104 7.40 1.89 4.08
C PRO A 104 8.42 2.16 2.98
N PHE A 105 8.06 3.06 2.06
CA PHE A 105 8.95 3.41 0.95
C PHE A 105 8.84 4.90 0.63
N THR A 106 9.66 5.35 -0.32
CA THR A 106 9.66 6.75 -0.72
C THR A 106 8.93 6.94 -2.05
N VAL A 107 8.45 8.16 -2.28
CA VAL A 107 7.73 8.46 -3.51
C VAL A 107 7.97 9.91 -3.93
N THR A 108 8.54 10.09 -5.13
CA THR A 108 8.82 11.42 -5.65
C THR A 108 7.58 12.03 -6.32
N VAL A 109 7.13 13.15 -5.79
CA VAL A 109 5.95 13.83 -6.34
C VAL A 109 6.36 14.99 -7.24
N ARG A 110 6.18 14.82 -8.54
CA ARG A 110 6.52 15.85 -9.50
C ARG A 110 5.71 17.12 -9.25
N ARG A 111 5.91 18.13 -10.10
CA ARG A 111 5.21 19.39 -9.97
C ARG A 111 4.14 19.52 -11.06
N LYS A 112 3.04 20.19 -10.73
CA LYS A 112 1.94 20.39 -11.67
C LYS A 112 2.38 21.27 -12.83
N HIS A 113 2.07 20.84 -14.06
CA HIS A 113 2.43 21.59 -15.25
C HIS A 113 1.49 22.77 -15.45
N GLY A 1 -12.20 -27.83 -7.42
CA GLY A 1 -11.09 -26.99 -7.05
C GLY A 1 -10.46 -27.39 -5.74
N SER A 2 -9.26 -26.88 -5.47
CA SER A 2 -8.56 -27.19 -4.23
C SER A 2 -7.70 -26.00 -3.79
N SER A 3 -7.89 -25.60 -2.53
CA SER A 3 -7.14 -24.47 -1.98
C SER A 3 -6.91 -24.66 -0.48
N GLY A 4 -5.73 -24.24 -0.01
CA GLY A 4 -5.41 -24.37 1.39
C GLY A 4 -4.26 -23.47 1.81
N SER A 5 -4.50 -22.63 2.82
CA SER A 5 -3.47 -21.71 3.31
C SER A 5 -2.78 -22.28 4.53
N SER A 6 -1.46 -22.09 4.59
CA SER A 6 -0.66 -22.60 5.71
C SER A 6 -1.42 -22.45 7.03
N GLY A 7 -2.00 -21.26 7.24
CA GLY A 7 -2.74 -21.02 8.46
C GLY A 7 -3.31 -19.60 8.51
N GLU A 8 -2.46 -18.62 8.27
CA GLU A 8 -2.89 -17.22 8.29
C GLU A 8 -2.08 -16.39 7.30
N VAL A 9 -2.35 -15.09 7.27
CA VAL A 9 -1.65 -14.18 6.36
C VAL A 9 -0.39 -13.61 7.02
N ASP A 10 0.62 -13.35 6.20
CA ASP A 10 1.88 -12.79 6.70
C ASP A 10 2.27 -11.54 5.93
N PRO A 11 2.66 -10.49 6.66
CA PRO A 11 3.06 -9.21 6.07
C PRO A 11 4.40 -9.32 5.32
N ALA A 12 5.40 -9.87 5.99
CA ALA A 12 6.72 -10.03 5.38
C ALA A 12 6.62 -10.72 4.03
N LYS A 13 5.54 -11.46 3.82
CA LYS A 13 5.33 -12.16 2.56
C LYS A 13 4.51 -11.31 1.59
N CYS A 14 3.62 -10.49 2.13
CA CYS A 14 2.79 -9.62 1.32
C CYS A 14 3.63 -8.79 0.37
N VAL A 15 3.08 -8.52 -0.82
CA VAL A 15 3.78 -7.73 -1.82
C VAL A 15 2.89 -6.61 -2.36
N LEU A 16 3.48 -5.75 -3.20
CA LEU A 16 2.75 -4.63 -3.78
C LEU A 16 2.89 -4.61 -5.29
N GLN A 17 1.84 -4.20 -5.98
CA GLN A 17 1.85 -4.14 -7.44
C GLN A 17 1.74 -2.70 -7.91
N GLY A 18 2.53 -2.35 -8.93
CA GLY A 18 2.50 -0.99 -9.46
C GLY A 18 3.86 -0.54 -9.94
N GLU A 19 3.91 0.06 -11.12
CA GLU A 19 5.16 0.55 -11.69
C GLU A 19 5.54 1.90 -11.10
N ASP A 20 4.56 2.80 -11.04
CA ASP A 20 4.79 4.13 -10.49
C ASP A 20 4.52 4.16 -8.99
N LEU A 21 4.99 3.14 -8.29
CA LEU A 21 4.79 3.04 -6.85
C LEU A 21 5.75 3.97 -6.10
N HIS A 22 7.02 3.96 -6.53
CA HIS A 22 8.03 4.81 -5.91
C HIS A 22 8.10 6.17 -6.58
N ARG A 23 7.02 6.54 -7.26
CA ARG A 23 6.95 7.82 -7.97
C ARG A 23 5.51 8.26 -8.15
N ALA A 24 5.28 9.58 -8.04
CA ALA A 24 3.94 10.13 -8.20
C ALA A 24 3.99 11.54 -8.76
N ARG A 25 2.84 12.05 -9.20
CA ARG A 25 2.76 13.39 -9.77
C ARG A 25 1.92 14.30 -8.88
N GLU A 26 2.25 15.59 -8.87
CA GLU A 26 1.53 16.56 -8.06
C GLU A 26 0.03 16.47 -8.32
N LYS A 27 -0.75 16.55 -7.25
CA LYS A 27 -2.20 16.48 -7.35
C LYS A 27 -2.63 15.40 -8.33
N GLN A 28 -2.01 14.22 -8.22
CA GLN A 28 -2.33 13.11 -9.10
C GLN A 28 -2.88 11.93 -8.31
N THR A 29 -3.81 11.20 -8.92
CA THR A 29 -4.43 10.05 -8.27
C THR A 29 -3.65 8.78 -8.55
N ALA A 30 -2.85 8.35 -7.57
CA ALA A 30 -2.05 7.14 -7.71
C ALA A 30 -2.65 5.98 -6.92
N SER A 31 -2.93 4.89 -7.60
CA SER A 31 -3.50 3.71 -6.96
C SER A 31 -2.70 2.46 -7.29
N PHE A 32 -2.64 1.53 -6.33
CA PHE A 32 -1.91 0.29 -6.52
C PHE A 32 -2.66 -0.89 -5.91
N THR A 33 -2.22 -2.10 -6.23
CA THR A 33 -2.85 -3.31 -5.72
C THR A 33 -2.00 -3.96 -4.63
N LEU A 34 -2.64 -4.34 -3.53
CA LEU A 34 -1.94 -4.97 -2.42
C LEU A 34 -2.31 -6.45 -2.32
N LEU A 35 -1.37 -7.31 -2.67
CA LEU A 35 -1.59 -8.76 -2.63
C LEU A 35 -1.27 -9.30 -1.24
N CYS A 36 -2.01 -10.33 -0.83
CA CYS A 36 -1.81 -10.95 0.47
C CYS A 36 -1.40 -12.42 0.32
N LYS A 37 -0.29 -12.78 0.95
CA LYS A 37 0.21 -14.15 0.89
C LYS A 37 0.35 -14.74 2.29
N ASP A 38 0.46 -16.07 2.36
CA ASP A 38 0.61 -16.75 3.63
C ASP A 38 2.06 -16.80 4.07
N ALA A 39 2.33 -17.44 5.20
CA ALA A 39 3.68 -17.55 5.72
C ALA A 39 4.58 -18.33 4.78
N ALA A 40 3.97 -18.90 3.73
CA ALA A 40 4.72 -19.68 2.74
C ALA A 40 5.06 -18.82 1.52
N GLY A 41 4.41 -17.67 1.41
CA GLY A 41 4.67 -16.79 0.29
C GLY A 41 3.82 -17.12 -0.92
N GLU A 42 2.70 -17.79 -0.68
CA GLU A 42 1.80 -18.18 -1.76
C GLU A 42 0.43 -17.52 -1.59
N ILE A 43 -0.29 -17.38 -2.69
CA ILE A 43 -1.62 -16.77 -2.66
C ILE A 43 -2.55 -17.54 -1.74
N MET A 44 -3.33 -16.80 -0.96
CA MET A 44 -4.27 -17.41 -0.03
C MET A 44 -5.70 -17.31 -0.56
N GLY A 45 -5.98 -16.25 -1.31
CA GLY A 45 -7.31 -16.06 -1.86
C GLY A 45 -8.34 -15.75 -0.80
N ARG A 46 -7.88 -15.33 0.37
CA ARG A 46 -8.78 -15.00 1.47
C ARG A 46 -8.63 -13.54 1.89
N GLY A 47 -9.74 -12.81 1.84
CA GLY A 47 -9.72 -11.41 2.21
C GLY A 47 -10.16 -11.18 3.64
N GLY A 48 -9.19 -11.10 4.55
CA GLY A 48 -9.51 -10.88 5.95
C GLY A 48 -8.30 -10.41 6.75
N ASP A 49 -7.79 -9.24 6.41
CA ASP A 49 -6.63 -8.68 7.09
C ASP A 49 -6.83 -7.19 7.37
N ASN A 50 -5.94 -6.61 8.17
CA ASN A 50 -6.02 -5.20 8.52
C ASN A 50 -4.97 -4.39 7.76
N VAL A 51 -5.39 -3.76 6.67
CA VAL A 51 -4.49 -2.95 5.86
C VAL A 51 -4.39 -1.52 6.39
N GLN A 52 -3.19 -1.14 6.80
CA GLN A 52 -2.96 0.20 7.33
C GLN A 52 -2.26 1.08 6.31
N VAL A 53 -2.87 2.23 5.99
CA VAL A 53 -2.31 3.15 5.02
C VAL A 53 -2.21 4.56 5.60
N ALA A 54 -1.12 5.25 5.26
CA ALA A 54 -0.91 6.62 5.75
C ALA A 54 0.27 7.26 5.04
N VAL A 55 -0.01 8.26 4.20
CA VAL A 55 1.03 8.96 3.47
C VAL A 55 1.34 10.30 4.11
N VAL A 56 2.64 10.60 4.26
CA VAL A 56 3.07 11.85 4.86
C VAL A 56 4.29 12.40 4.13
N PRO A 57 4.22 13.70 3.76
CA PRO A 57 5.31 14.38 3.06
C PRO A 57 6.52 14.60 3.95
N LYS A 58 7.69 14.15 3.49
CA LYS A 58 8.92 14.30 4.24
C LYS A 58 9.16 15.77 4.60
N ASP A 59 8.73 16.66 3.72
CA ASP A 59 8.89 18.10 3.94
C ASP A 59 8.08 18.56 5.15
N LYS A 60 6.79 18.25 5.15
CA LYS A 60 5.91 18.63 6.24
C LYS A 60 5.49 17.40 7.05
N LYS A 61 5.73 17.46 8.36
CA LYS A 61 5.38 16.37 9.26
C LYS A 61 3.89 16.36 9.55
N ASP A 62 3.32 17.56 9.67
CA ASP A 62 1.89 17.69 9.96
C ASP A 62 1.06 17.54 8.69
N SER A 63 1.22 18.48 7.76
CA SER A 63 0.49 18.44 6.50
C SER A 63 0.22 17.00 6.06
N PRO A 64 -0.98 16.50 6.40
CA PRO A 64 -1.38 15.14 6.05
C PRO A 64 -1.62 14.97 4.55
N VAL A 65 -2.00 13.76 4.15
CA VAL A 65 -2.26 13.46 2.75
C VAL A 65 -3.60 12.77 2.58
N ARG A 66 -4.43 13.29 1.68
CA ARG A 66 -5.75 12.72 1.43
C ARG A 66 -5.62 11.35 0.76
N THR A 67 -5.76 10.29 1.56
CA THR A 67 -5.65 8.93 1.05
C THR A 67 -7.02 8.27 0.98
N MET A 68 -7.07 7.08 0.37
CA MET A 68 -8.32 6.34 0.23
C MET A 68 -8.08 4.84 0.32
N VAL A 69 -9.05 4.12 0.85
CA VAL A 69 -8.94 2.67 1.00
C VAL A 69 -10.27 1.99 0.66
N GLN A 70 -10.29 1.28 -0.46
CA GLN A 70 -11.49 0.57 -0.89
C GLN A 70 -11.42 -0.91 -0.52
N ASP A 71 -11.84 -1.23 0.69
CA ASP A 71 -11.82 -2.62 1.16
C ASP A 71 -12.66 -3.51 0.25
N ASN A 72 -12.07 -4.62 -0.17
CA ASN A 72 -12.77 -5.57 -1.05
C ASN A 72 -12.89 -6.94 -0.39
N LYS A 73 -11.85 -7.33 0.33
CA LYS A 73 -11.84 -8.62 1.02
C LYS A 73 -11.89 -9.77 0.02
N ASP A 74 -11.22 -9.59 -1.11
CA ASP A 74 -11.19 -10.62 -2.16
C ASP A 74 -9.76 -11.07 -2.44
N GLY A 75 -8.93 -11.07 -1.40
CA GLY A 75 -7.55 -11.47 -1.56
C GLY A 75 -6.63 -10.29 -1.82
N THR A 76 -7.18 -9.22 -2.37
CA THR A 76 -6.40 -8.02 -2.67
C THR A 76 -7.08 -6.78 -2.12
N TYR A 77 -6.42 -5.63 -2.29
CA TYR A 77 -6.97 -4.37 -1.81
C TYR A 77 -6.72 -3.24 -2.82
N TYR A 78 -7.55 -2.22 -2.77
CA TYR A 78 -7.43 -1.09 -3.69
C TYR A 78 -7.14 0.20 -2.92
N ILE A 79 -5.91 0.68 -3.02
CA ILE A 79 -5.49 1.90 -2.33
C ILE A 79 -5.29 3.04 -3.32
N SER A 80 -5.53 4.26 -2.86
CA SER A 80 -5.37 5.44 -3.70
C SER A 80 -4.91 6.65 -2.88
N TYR A 81 -4.04 7.45 -3.47
CA TYR A 81 -3.52 8.64 -2.79
C TYR A 81 -3.32 9.78 -3.78
N THR A 82 -3.38 11.01 -3.27
CA THR A 82 -3.21 12.19 -4.10
C THR A 82 -2.48 13.30 -3.34
N PRO A 83 -1.23 13.55 -3.74
CA PRO A 83 -0.39 14.58 -3.11
C PRO A 83 -0.89 16.00 -3.41
N LYS A 84 -0.70 16.90 -2.46
CA LYS A 84 -1.13 18.28 -2.63
C LYS A 84 0.01 19.15 -3.16
N GLU A 85 1.24 18.76 -2.84
CA GLU A 85 2.41 19.49 -3.28
C GLU A 85 3.54 18.54 -3.68
N PRO A 86 4.45 19.01 -4.55
CA PRO A 86 5.58 18.22 -5.02
C PRO A 86 6.61 17.97 -3.92
N GLY A 87 7.45 16.95 -4.13
CA GLY A 87 8.47 16.63 -3.15
C GLY A 87 8.47 15.16 -2.79
N VAL A 88 9.39 14.76 -1.91
CA VAL A 88 9.49 13.37 -1.49
C VAL A 88 8.46 13.04 -0.42
N TYR A 89 7.82 11.88 -0.56
CA TYR A 89 6.81 11.45 0.40
C TYR A 89 7.16 10.09 0.98
N THR A 90 6.43 9.69 2.02
CA THR A 90 6.66 8.41 2.67
C THR A 90 5.36 7.65 2.88
N VAL A 91 5.13 6.64 2.05
CA VAL A 91 3.92 5.82 2.13
C VAL A 91 4.07 4.72 3.18
N TRP A 92 3.17 4.71 4.14
CA TRP A 92 3.19 3.72 5.21
C TRP A 92 2.24 2.55 4.89
N VAL A 93 2.81 1.36 4.74
CA VAL A 93 2.02 0.18 4.44
C VAL A 93 2.35 -0.97 5.39
N CYS A 94 1.42 -1.26 6.29
CA CYS A 94 1.63 -2.34 7.27
C CYS A 94 0.33 -3.11 7.50
N ILE A 95 0.46 -4.36 7.91
CA ILE A 95 -0.70 -5.21 8.16
C ILE A 95 -0.66 -5.78 9.58
N LYS A 96 -1.76 -5.64 10.30
CA LYS A 96 -1.86 -6.14 11.66
C LYS A 96 -0.71 -5.64 12.51
N GLU A 97 -0.38 -4.35 12.36
CA GLU A 97 0.70 -3.74 13.13
C GLU A 97 2.04 -4.39 12.78
N GLN A 98 2.25 -4.65 11.49
CA GLN A 98 3.48 -5.27 11.02
C GLN A 98 3.86 -4.75 9.64
N HIS A 99 5.06 -4.20 9.53
CA HIS A 99 5.55 -3.67 8.26
C HIS A 99 5.71 -4.78 7.24
N VAL A 100 5.16 -4.57 6.04
CA VAL A 100 5.25 -5.55 4.97
C VAL A 100 6.57 -5.44 4.22
N GLN A 101 6.75 -6.29 3.22
CA GLN A 101 7.98 -6.28 2.43
C GLN A 101 8.09 -4.99 1.62
N GLY A 102 9.33 -4.51 1.45
CA GLY A 102 9.55 -3.28 0.71
C GLY A 102 8.65 -2.15 1.16
N SER A 103 8.54 -1.98 2.48
CA SER A 103 7.70 -0.92 3.04
C SER A 103 8.14 -0.57 4.46
N PRO A 104 7.98 0.70 4.83
CA PRO A 104 7.41 1.72 3.94
C PRO A 104 8.35 2.07 2.79
N PHE A 105 7.84 2.83 1.83
CA PHE A 105 8.63 3.24 0.67
C PHE A 105 8.42 4.71 0.36
N THR A 106 9.47 5.37 -0.12
CA THR A 106 9.40 6.79 -0.45
C THR A 106 8.84 6.99 -1.85
N VAL A 107 8.18 8.13 -2.08
CA VAL A 107 7.60 8.44 -3.37
C VAL A 107 7.85 9.89 -3.74
N THR A 108 8.47 10.11 -4.90
CA THR A 108 8.77 11.45 -5.37
C THR A 108 7.59 12.05 -6.12
N VAL A 109 7.23 13.28 -5.76
CA VAL A 109 6.11 13.96 -6.40
C VAL A 109 6.60 15.01 -7.39
N ARG A 110 6.07 14.96 -8.61
CA ARG A 110 6.45 15.90 -9.65
C ARG A 110 5.43 17.03 -9.77
N ARG A 111 5.71 17.99 -10.64
CA ARG A 111 4.82 19.11 -10.85
C ARG A 111 3.80 18.81 -11.94
N LYS A 112 2.57 19.27 -11.75
CA LYS A 112 1.50 19.03 -12.72
C LYS A 112 1.73 19.88 -13.97
N HIS A 113 1.44 19.30 -15.13
CA HIS A 113 1.59 19.99 -16.40
C HIS A 113 0.35 19.84 -17.26
N GLY A 1 -16.69 -24.88 -3.10
CA GLY A 1 -15.53 -24.07 -3.40
C GLY A 1 -14.37 -24.37 -2.47
N SER A 2 -14.07 -25.65 -2.29
CA SER A 2 -12.98 -26.06 -1.41
C SER A 2 -11.75 -25.18 -1.63
N SER A 3 -10.97 -25.00 -0.57
CA SER A 3 -9.76 -24.19 -0.64
C SER A 3 -8.60 -24.87 0.06
N GLY A 4 -7.38 -24.47 -0.30
CA GLY A 4 -6.20 -25.06 0.30
C GLY A 4 -5.31 -24.03 0.97
N SER A 5 -5.77 -23.51 2.11
CA SER A 5 -5.02 -22.50 2.85
C SER A 5 -4.01 -23.16 3.78
N SER A 6 -3.23 -22.33 4.48
CA SER A 6 -2.24 -22.83 5.41
C SER A 6 -2.59 -22.45 6.85
N GLY A 7 -2.60 -21.15 7.12
CA GLY A 7 -2.93 -20.68 8.46
C GLY A 7 -3.46 -19.26 8.45
N GLU A 8 -2.56 -18.28 8.45
CA GLU A 8 -2.94 -16.87 8.44
C GLU A 8 -2.15 -16.09 7.39
N VAL A 9 -2.38 -14.79 7.35
CA VAL A 9 -1.69 -13.92 6.39
C VAL A 9 -0.43 -13.32 7.01
N ASP A 10 0.65 -13.28 6.23
CA ASP A 10 1.90 -12.73 6.70
C ASP A 10 2.30 -11.50 5.88
N PRO A 11 2.68 -10.42 6.57
CA PRO A 11 3.08 -9.16 5.92
C PRO A 11 4.42 -9.30 5.21
N ALA A 12 5.33 -10.07 5.79
CA ALA A 12 6.65 -10.27 5.21
C ALA A 12 6.56 -10.97 3.86
N LYS A 13 5.42 -11.61 3.61
CA LYS A 13 5.20 -12.31 2.35
C LYS A 13 4.37 -11.46 1.39
N CYS A 14 3.54 -10.59 1.93
CA CYS A 14 2.71 -9.71 1.13
C CYS A 14 3.55 -8.87 0.18
N VAL A 15 2.95 -8.44 -0.92
CA VAL A 15 3.65 -7.62 -1.91
C VAL A 15 2.74 -6.54 -2.48
N LEU A 16 3.33 -5.57 -3.16
CA LEU A 16 2.58 -4.48 -3.75
C LEU A 16 2.67 -4.52 -5.28
N GLN A 17 1.59 -4.10 -5.95
CA GLN A 17 1.55 -4.09 -7.40
C GLN A 17 1.67 -2.66 -7.93
N GLY A 18 2.30 -2.52 -9.10
CA GLY A 18 2.46 -1.20 -9.69
C GLY A 18 3.86 -1.00 -10.24
N GLU A 19 3.99 -0.03 -11.15
CA GLU A 19 5.29 0.28 -11.75
C GLU A 19 5.80 1.63 -11.27
N ASP A 20 4.98 2.66 -11.40
CA ASP A 20 5.35 4.00 -10.99
C ASP A 20 4.91 4.27 -9.56
N LEU A 21 5.23 3.35 -8.66
CA LEU A 21 4.86 3.49 -7.26
C LEU A 21 5.83 4.42 -6.52
N HIS A 22 7.12 4.25 -6.80
CA HIS A 22 8.14 5.08 -6.16
C HIS A 22 8.08 6.51 -6.70
N ARG A 23 7.41 6.70 -7.83
CA ARG A 23 7.28 8.01 -8.44
C ARG A 23 5.82 8.45 -8.49
N ALA A 24 5.58 9.74 -8.29
CA ALA A 24 4.23 10.28 -8.30
C ALA A 24 4.21 11.70 -8.86
N ARG A 25 3.03 12.17 -9.23
CA ARG A 25 2.88 13.51 -9.78
C ARG A 25 1.94 14.35 -8.91
N GLU A 26 2.21 15.66 -8.86
CA GLU A 26 1.38 16.57 -8.07
C GLU A 26 -0.09 16.45 -8.45
N LYS A 27 -0.94 16.32 -7.45
CA LYS A 27 -2.38 16.19 -7.68
C LYS A 27 -2.69 15.04 -8.63
N GLN A 28 -2.07 13.89 -8.37
CA GLN A 28 -2.28 12.71 -9.20
C GLN A 28 -2.83 11.55 -8.37
N THR A 29 -3.73 10.78 -8.97
CA THR A 29 -4.34 9.65 -8.30
C THR A 29 -3.54 8.37 -8.53
N ALA A 30 -2.70 8.03 -7.56
CA ALA A 30 -1.87 6.83 -7.66
C ALA A 30 -2.46 5.68 -6.84
N SER A 31 -2.84 4.61 -7.53
CA SER A 31 -3.43 3.45 -6.86
C SER A 31 -2.67 2.18 -7.22
N PHE A 32 -2.69 1.21 -6.31
CA PHE A 32 -2.00 -0.06 -6.53
C PHE A 32 -2.77 -1.21 -5.90
N THR A 33 -2.38 -2.43 -6.26
CA THR A 33 -3.04 -3.62 -5.73
C THR A 33 -2.15 -4.35 -4.74
N LEU A 34 -2.64 -4.52 -3.51
CA LEU A 34 -1.88 -5.20 -2.47
C LEU A 34 -2.29 -6.67 -2.36
N LEU A 35 -1.37 -7.55 -2.73
CA LEU A 35 -1.64 -8.99 -2.68
C LEU A 35 -1.41 -9.54 -1.27
N CYS A 36 -2.28 -10.45 -0.86
CA CYS A 36 -2.17 -11.06 0.47
C CYS A 36 -1.78 -12.53 0.37
N LYS A 37 -0.61 -12.86 0.92
CA LYS A 37 -0.12 -14.23 0.89
C LYS A 37 0.00 -14.80 2.30
N ASP A 38 0.22 -16.10 2.39
CA ASP A 38 0.37 -16.76 3.69
C ASP A 38 1.83 -16.82 4.11
N ALA A 39 2.09 -17.46 5.24
CA ALA A 39 3.46 -17.60 5.75
C ALA A 39 4.33 -18.38 4.79
N ALA A 40 3.71 -19.26 4.01
CA ALA A 40 4.43 -20.07 3.04
C ALA A 40 4.61 -19.32 1.72
N GLY A 41 4.29 -18.04 1.73
CA GLY A 41 4.42 -17.24 0.54
C GLY A 41 3.53 -17.72 -0.60
N GLU A 42 2.37 -18.26 -0.24
CA GLU A 42 1.43 -18.78 -1.23
C GLU A 42 0.13 -17.99 -1.21
N ILE A 43 -0.62 -18.06 -2.30
CA ILE A 43 -1.90 -17.35 -2.39
C ILE A 43 -2.93 -17.94 -1.45
N MET A 44 -3.62 -17.07 -0.72
CA MET A 44 -4.64 -17.50 0.23
C MET A 44 -6.04 -17.32 -0.35
N GLY A 45 -6.20 -16.30 -1.19
CA GLY A 45 -7.48 -16.02 -1.80
C GLY A 45 -8.59 -15.89 -0.78
N ARG A 46 -8.41 -14.98 0.18
CA ARG A 46 -9.40 -14.76 1.23
C ARG A 46 -9.23 -13.38 1.84
N GLY A 47 -10.34 -12.83 2.35
CA GLY A 47 -10.29 -11.52 2.97
C GLY A 47 -10.32 -11.59 4.48
N GLY A 48 -9.34 -10.95 5.12
CA GLY A 48 -9.25 -10.96 6.57
C GLY A 48 -7.97 -10.35 7.08
N ASP A 49 -7.55 -9.25 6.46
CA ASP A 49 -6.32 -8.57 6.86
C ASP A 49 -6.56 -7.07 7.01
N ASN A 50 -5.87 -6.46 7.97
CA ASN A 50 -6.01 -5.03 8.22
C ASN A 50 -4.93 -4.25 7.49
N VAL A 51 -5.34 -3.45 6.50
CA VAL A 51 -4.41 -2.64 5.74
C VAL A 51 -4.37 -1.21 6.24
N GLN A 52 -3.16 -0.71 6.51
CA GLN A 52 -2.99 0.66 7.00
C GLN A 52 -2.12 1.48 6.06
N VAL A 53 -2.71 2.49 5.43
CA VAL A 53 -1.98 3.34 4.50
C VAL A 53 -1.95 4.79 4.99
N ALA A 54 -0.75 5.31 5.20
CA ALA A 54 -0.59 6.69 5.66
C ALA A 54 0.56 7.37 4.93
N VAL A 55 0.23 8.43 4.18
CA VAL A 55 1.23 9.18 3.43
C VAL A 55 1.57 10.49 4.14
N VAL A 56 2.87 10.78 4.24
CA VAL A 56 3.33 12.00 4.89
C VAL A 56 4.58 12.55 4.21
N PRO A 57 4.54 13.84 3.85
CA PRO A 57 5.67 14.50 3.20
C PRO A 57 6.87 14.70 4.12
N LYS A 58 8.04 14.27 3.67
CA LYS A 58 9.26 14.40 4.46
C LYS A 58 9.53 15.86 4.81
N ASP A 59 9.00 16.77 4.01
CA ASP A 59 9.18 18.20 4.23
C ASP A 59 8.27 18.68 5.36
N LYS A 60 6.96 18.49 5.19
CA LYS A 60 5.99 18.91 6.18
C LYS A 60 5.68 17.78 7.15
N LYS A 61 5.72 18.09 8.45
CA LYS A 61 5.45 17.10 9.48
C LYS A 61 3.97 17.09 9.84
N ASP A 62 3.25 18.14 9.43
CA ASP A 62 1.83 18.25 9.71
C ASP A 62 1.00 18.01 8.45
N SER A 63 1.16 18.91 7.48
CA SER A 63 0.43 18.80 6.22
C SER A 63 0.23 17.34 5.83
N PRO A 64 -0.96 16.80 6.16
CA PRO A 64 -1.30 15.41 5.85
C PRO A 64 -1.50 15.17 4.36
N VAL A 65 -1.91 13.96 4.01
CA VAL A 65 -2.15 13.60 2.61
C VAL A 65 -3.44 12.82 2.45
N ARG A 66 -4.20 13.14 1.40
CA ARG A 66 -5.46 12.46 1.13
C ARG A 66 -5.22 11.01 0.73
N THR A 67 -5.73 10.09 1.54
CA THR A 67 -5.58 8.66 1.27
C THR A 67 -6.92 7.94 1.31
N MET A 68 -7.04 6.88 0.51
CA MET A 68 -8.28 6.11 0.46
C MET A 68 -7.97 4.61 0.36
N VAL A 69 -8.62 3.83 1.22
CA VAL A 69 -8.42 2.39 1.24
C VAL A 69 -9.74 1.65 0.97
N GLN A 70 -9.76 0.88 -0.12
CA GLN A 70 -10.95 0.12 -0.48
C GLN A 70 -10.80 -1.35 -0.10
N ASP A 71 -11.64 -1.81 0.83
CA ASP A 71 -11.59 -3.20 1.27
C ASP A 71 -12.53 -4.07 0.44
N ASN A 72 -11.95 -4.86 -0.45
CA ASN A 72 -12.73 -5.74 -1.31
C ASN A 72 -12.84 -7.15 -0.71
N LYS A 73 -11.95 -7.44 0.23
CA LYS A 73 -11.94 -8.75 0.89
C LYS A 73 -12.07 -9.88 -0.14
N ASP A 74 -11.35 -9.75 -1.25
CA ASP A 74 -11.38 -10.75 -2.30
C ASP A 74 -9.97 -11.24 -2.62
N GLY A 75 -9.07 -11.13 -1.65
CA GLY A 75 -7.71 -11.56 -1.85
C GLY A 75 -6.77 -10.40 -2.13
N THR A 76 -7.29 -9.36 -2.76
CA THR A 76 -6.48 -8.19 -3.08
C THR A 76 -7.17 -6.90 -2.61
N TYR A 77 -6.36 -5.90 -2.29
CA TYR A 77 -6.89 -4.63 -1.82
C TYR A 77 -6.66 -3.52 -2.85
N TYR A 78 -7.47 -2.47 -2.78
CA TYR A 78 -7.35 -1.35 -3.71
C TYR A 78 -7.05 -0.05 -2.97
N ILE A 79 -5.79 0.36 -2.99
CA ILE A 79 -5.38 1.59 -2.32
C ILE A 79 -5.23 2.74 -3.32
N SER A 80 -5.53 3.95 -2.87
CA SER A 80 -5.43 5.13 -3.72
C SER A 80 -5.05 6.36 -2.91
N TYR A 81 -4.10 7.13 -3.42
CA TYR A 81 -3.63 8.33 -2.73
C TYR A 81 -3.32 9.44 -3.73
N THR A 82 -3.60 10.68 -3.34
CA THR A 82 -3.36 11.82 -4.20
C THR A 82 -2.66 12.95 -3.43
N PRO A 83 -1.40 13.22 -3.79
CA PRO A 83 -0.61 14.26 -3.15
C PRO A 83 -1.10 15.66 -3.50
N LYS A 84 -1.14 16.54 -2.49
CA LYS A 84 -1.58 17.91 -2.70
C LYS A 84 -0.44 18.81 -3.14
N GLU A 85 0.74 18.59 -2.56
CA GLU A 85 1.92 19.37 -2.91
C GLU A 85 3.08 18.47 -3.34
N PRO A 86 3.94 18.99 -4.22
CA PRO A 86 5.09 18.25 -4.73
C PRO A 86 6.16 18.02 -3.66
N GLY A 87 7.07 17.11 -3.93
CA GLY A 87 8.13 16.81 -2.99
C GLY A 87 8.23 15.34 -2.66
N VAL A 88 9.11 14.99 -1.72
CA VAL A 88 9.30 13.61 -1.32
C VAL A 88 8.30 13.22 -0.23
N TYR A 89 7.72 12.03 -0.38
CA TYR A 89 6.75 11.53 0.59
C TYR A 89 7.11 10.13 1.07
N THR A 90 6.44 9.67 2.12
CA THR A 90 6.70 8.35 2.68
C THR A 90 5.41 7.56 2.85
N VAL A 91 5.13 6.66 1.92
CA VAL A 91 3.91 5.85 1.98
C VAL A 91 4.06 4.73 3.00
N TRP A 92 3.37 4.88 4.13
CA TRP A 92 3.42 3.88 5.20
C TRP A 92 2.43 2.76 4.92
N VAL A 93 2.94 1.55 4.75
CA VAL A 93 2.09 0.39 4.49
C VAL A 93 2.41 -0.75 5.46
N CYS A 94 1.52 -0.95 6.42
CA CYS A 94 1.70 -2.00 7.42
C CYS A 94 0.41 -2.80 7.61
N ILE A 95 0.55 -4.10 7.81
CA ILE A 95 -0.60 -4.98 8.00
C ILE A 95 -0.58 -5.61 9.39
N LYS A 96 -1.58 -5.29 10.20
CA LYS A 96 -1.68 -5.84 11.55
C LYS A 96 -0.49 -5.41 12.40
N GLU A 97 -0.15 -4.13 12.34
CA GLU A 97 0.97 -3.60 13.10
C GLU A 97 2.27 -4.25 12.68
N GLN A 98 2.42 -4.47 11.38
CA GLN A 98 3.63 -5.09 10.84
C GLN A 98 3.93 -4.57 9.44
N HIS A 99 5.12 -3.99 9.28
CA HIS A 99 5.53 -3.45 7.98
C HIS A 99 5.75 -4.57 6.97
N VAL A 100 4.96 -4.54 5.90
CA VAL A 100 5.08 -5.56 4.85
C VAL A 100 6.39 -5.43 4.10
N GLN A 101 6.60 -6.30 3.12
CA GLN A 101 7.82 -6.29 2.33
C GLN A 101 7.87 -5.05 1.44
N GLY A 102 9.06 -4.47 1.30
CA GLY A 102 9.21 -3.29 0.47
C GLY A 102 8.39 -2.12 0.97
N SER A 103 8.46 -1.87 2.28
CA SER A 103 7.71 -0.77 2.88
C SER A 103 8.13 -0.58 4.33
N PRO A 104 8.02 0.67 4.81
CA PRO A 104 7.55 1.80 4.00
C PRO A 104 8.54 2.19 2.91
N PHE A 105 8.08 2.97 1.94
CA PHE A 105 8.93 3.41 0.85
C PHE A 105 8.67 4.88 0.51
N THR A 106 9.71 5.57 0.04
CA THR A 106 9.59 6.98 -0.32
C THR A 106 8.99 7.14 -1.71
N VAL A 107 8.39 8.31 -1.96
CA VAL A 107 7.78 8.60 -3.25
C VAL A 107 7.97 10.06 -3.63
N THR A 108 8.47 10.29 -4.84
CA THR A 108 8.69 11.64 -5.33
C THR A 108 7.45 12.19 -6.02
N VAL A 109 7.05 13.39 -5.63
CA VAL A 109 5.87 14.03 -6.22
C VAL A 109 6.27 15.20 -7.10
N ARG A 110 6.21 14.99 -8.42
CA ARG A 110 6.56 16.04 -9.37
C ARG A 110 5.65 17.25 -9.21
N ARG A 111 5.91 18.28 -10.01
CA ARG A 111 5.11 19.51 -9.95
C ARG A 111 4.07 19.52 -11.07
N LYS A 112 2.88 20.04 -10.75
CA LYS A 112 1.79 20.11 -11.72
C LYS A 112 1.92 21.35 -12.59
N HIS A 113 1.51 21.24 -13.84
CA HIS A 113 1.59 22.36 -14.78
C HIS A 113 0.60 23.46 -14.38
N GLY A 1 -12.29 -29.79 -4.00
CA GLY A 1 -10.99 -29.88 -3.36
C GLY A 1 -10.64 -28.64 -2.57
N SER A 2 -10.57 -28.77 -1.25
CA SER A 2 -10.25 -27.65 -0.38
C SER A 2 -8.76 -27.33 -0.42
N SER A 3 -8.41 -26.26 -1.12
CA SER A 3 -7.02 -25.85 -1.25
C SER A 3 -6.52 -25.18 0.03
N GLY A 4 -5.82 -25.96 0.85
CA GLY A 4 -5.31 -25.44 2.11
C GLY A 4 -4.09 -24.55 1.90
N SER A 5 -3.69 -23.85 2.96
CA SER A 5 -2.54 -22.95 2.89
C SER A 5 -1.77 -22.97 4.20
N SER A 6 -0.62 -22.29 4.22
CA SER A 6 0.22 -22.22 5.41
C SER A 6 -0.64 -22.20 6.67
N GLY A 7 -1.43 -21.14 6.82
CA GLY A 7 -2.29 -21.01 7.99
C GLY A 7 -2.94 -19.64 8.08
N GLU A 8 -2.13 -18.60 7.96
CA GLU A 8 -2.63 -17.23 8.03
C GLU A 8 -1.87 -16.31 7.07
N VAL A 9 -2.19 -15.02 7.12
CA VAL A 9 -1.53 -14.04 6.26
C VAL A 9 -0.32 -13.44 6.95
N ASP A 10 0.63 -12.96 6.16
CA ASP A 10 1.85 -12.35 6.69
C ASP A 10 2.25 -11.12 5.87
N PRO A 11 2.60 -10.04 6.58
CA PRO A 11 3.01 -8.78 5.93
C PRO A 11 4.36 -8.91 5.23
N ALA A 12 5.34 -9.46 5.94
CA ALA A 12 6.67 -9.64 5.39
C ALA A 12 6.63 -10.40 4.07
N LYS A 13 5.55 -11.15 3.86
CA LYS A 13 5.39 -11.93 2.64
C LYS A 13 4.60 -11.15 1.60
N CYS A 14 3.67 -10.32 2.06
CA CYS A 14 2.85 -9.51 1.16
C CYS A 14 3.72 -8.75 0.17
N VAL A 15 3.11 -8.32 -0.93
CA VAL A 15 3.83 -7.59 -1.96
C VAL A 15 3.03 -6.39 -2.45
N LEU A 16 3.60 -5.63 -3.37
CA LEU A 16 2.92 -4.46 -3.93
C LEU A 16 3.00 -4.46 -5.46
N GLN A 17 1.86 -4.23 -6.10
CA GLN A 17 1.79 -4.20 -7.56
C GLN A 17 1.62 -2.77 -8.06
N GLY A 18 2.06 -2.53 -9.29
CA GLY A 18 1.94 -1.20 -9.88
C GLY A 18 3.26 -0.70 -10.43
N GLU A 19 3.18 0.16 -11.44
CA GLU A 19 4.38 0.72 -12.06
C GLU A 19 4.80 2.01 -11.36
N ASP A 20 6.11 2.25 -11.32
CA ASP A 20 6.64 3.46 -10.68
C ASP A 20 5.99 3.68 -9.32
N LEU A 21 5.91 2.61 -8.52
CA LEU A 21 5.31 2.70 -7.20
C LEU A 21 6.06 3.70 -6.32
N HIS A 22 7.32 3.93 -6.66
CA HIS A 22 8.15 4.88 -5.90
C HIS A 22 8.12 6.26 -6.54
N ARG A 23 7.07 6.54 -7.30
CA ARG A 23 6.91 7.82 -7.97
C ARG A 23 5.45 8.24 -8.01
N ALA A 24 5.21 9.55 -7.98
CA ALA A 24 3.86 10.08 -8.02
C ALA A 24 3.83 11.44 -8.71
N ARG A 25 2.62 11.90 -9.05
CA ARG A 25 2.45 13.18 -9.71
C ARG A 25 1.55 14.11 -8.89
N GLU A 26 1.98 15.36 -8.73
CA GLU A 26 1.22 16.33 -7.96
C GLU A 26 -0.26 16.28 -8.34
N LYS A 27 -1.13 16.50 -7.35
CA LYS A 27 -2.57 16.48 -7.59
C LYS A 27 -2.95 15.41 -8.61
N GLN A 28 -2.44 14.20 -8.40
CA GLN A 28 -2.73 13.09 -9.29
C GLN A 28 -3.32 11.90 -8.53
N THR A 29 -4.12 11.10 -9.21
CA THR A 29 -4.74 9.94 -8.60
C THR A 29 -3.92 8.68 -8.84
N ALA A 30 -3.12 8.30 -7.85
CA ALA A 30 -2.27 7.11 -7.95
C ALA A 30 -2.80 5.99 -7.07
N SER A 31 -3.08 4.84 -7.67
CA SER A 31 -3.59 3.68 -6.94
C SER A 31 -2.82 2.43 -7.32
N PHE A 32 -2.74 1.49 -6.38
CA PHE A 32 -2.03 0.24 -6.60
C PHE A 32 -2.80 -0.94 -5.99
N THR A 33 -2.35 -2.15 -6.31
CA THR A 33 -3.00 -3.35 -5.79
C THR A 33 -2.12 -4.05 -4.77
N LEU A 34 -2.68 -4.33 -3.60
CA LEU A 34 -1.95 -5.00 -2.54
C LEU A 34 -2.31 -6.48 -2.46
N LEU A 35 -1.38 -7.33 -2.84
CA LEU A 35 -1.61 -8.78 -2.81
C LEU A 35 -1.28 -9.36 -1.44
N CYS A 36 -2.13 -10.26 -0.97
CA CYS A 36 -1.94 -10.89 0.33
C CYS A 36 -1.49 -12.34 0.16
N LYS A 37 -0.38 -12.69 0.80
CA LYS A 37 0.15 -14.05 0.72
C LYS A 37 0.16 -14.70 2.10
N ASP A 38 0.55 -15.97 2.15
CA ASP A 38 0.61 -16.71 3.41
C ASP A 38 2.01 -16.62 4.02
N ALA A 39 2.14 -17.12 5.25
CA ALA A 39 3.42 -17.10 5.94
C ALA A 39 4.51 -17.76 5.10
N ALA A 40 4.10 -18.65 4.19
CA ALA A 40 5.05 -19.34 3.33
C ALA A 40 5.41 -18.49 2.11
N GLY A 41 4.56 -17.52 1.80
CA GLY A 41 4.82 -16.66 0.66
C GLY A 41 4.04 -17.07 -0.57
N GLU A 42 2.87 -17.67 -0.35
CA GLU A 42 2.02 -18.12 -1.45
C GLU A 42 0.64 -17.48 -1.37
N ILE A 43 -0.08 -17.48 -2.49
CA ILE A 43 -1.41 -16.91 -2.55
C ILE A 43 -2.40 -17.72 -1.71
N MET A 44 -3.24 -17.02 -0.97
CA MET A 44 -4.24 -17.67 -0.13
C MET A 44 -5.60 -17.66 -0.80
N GLY A 45 -5.91 -16.57 -1.50
CA GLY A 45 -7.19 -16.46 -2.17
C GLY A 45 -7.98 -15.25 -1.72
N ARG A 46 -7.84 -14.90 -0.44
CA ARG A 46 -8.56 -13.76 0.13
C ARG A 46 -7.64 -12.94 1.03
N GLY A 47 -8.20 -11.90 1.65
CA GLY A 47 -7.42 -11.06 2.54
C GLY A 47 -7.95 -11.06 3.95
N GLY A 48 -9.17 -10.56 4.13
CA GLY A 48 -9.77 -10.51 5.44
C GLY A 48 -8.77 -10.16 6.53
N ASP A 49 -8.25 -8.93 6.47
CA ASP A 49 -7.28 -8.47 7.45
C ASP A 49 -7.37 -6.96 7.64
N ASN A 50 -6.55 -6.42 8.54
CA ASN A 50 -6.53 -5.00 8.80
C ASN A 50 -5.37 -4.32 8.08
N VAL A 51 -5.69 -3.53 7.07
CA VAL A 51 -4.68 -2.82 6.30
C VAL A 51 -4.60 -1.35 6.71
N GLN A 52 -3.40 -0.90 7.03
CA GLN A 52 -3.19 0.49 7.44
C GLN A 52 -2.40 1.25 6.38
N VAL A 53 -3.02 2.29 5.82
CA VAL A 53 -2.38 3.11 4.80
C VAL A 53 -2.28 4.56 5.24
N ALA A 54 -1.08 5.12 5.12
CA ALA A 54 -0.85 6.52 5.51
C ALA A 54 0.22 7.15 4.64
N VAL A 55 0.04 8.43 4.31
CA VAL A 55 1.00 9.16 3.49
C VAL A 55 1.45 10.44 4.17
N VAL A 56 2.76 10.60 4.33
CA VAL A 56 3.32 11.79 4.97
C VAL A 56 4.58 12.26 4.25
N PRO A 57 4.58 13.53 3.83
CA PRO A 57 5.72 14.13 3.12
C PRO A 57 6.93 14.32 4.02
N LYS A 58 8.08 13.81 3.59
CA LYS A 58 9.31 13.92 4.36
C LYS A 58 9.63 15.39 4.67
N ASP A 59 9.19 16.27 3.77
CA ASP A 59 9.44 17.71 3.95
C ASP A 59 8.57 18.27 5.07
N LYS A 60 7.29 17.92 5.05
CA LYS A 60 6.36 18.39 6.07
C LYS A 60 5.92 17.25 6.98
N LYS A 61 6.15 17.41 8.27
CA LYS A 61 5.77 16.39 9.25
C LYS A 61 4.30 16.49 9.60
N ASP A 62 3.77 17.71 9.55
CA ASP A 62 2.37 17.95 9.86
C ASP A 62 1.49 17.76 8.62
N SER A 63 1.69 18.63 7.64
CA SER A 63 0.91 18.57 6.41
C SER A 63 0.52 17.13 6.07
N PRO A 64 -0.69 16.74 6.48
CA PRO A 64 -1.20 15.39 6.24
C PRO A 64 -1.52 15.14 4.77
N VAL A 65 -1.91 13.91 4.46
CA VAL A 65 -2.24 13.54 3.09
C VAL A 65 -3.48 12.66 3.03
N ARG A 66 -4.57 13.21 2.49
CA ARG A 66 -5.82 12.47 2.38
C ARG A 66 -5.66 11.24 1.49
N THR A 67 -6.06 10.09 2.01
CA THR A 67 -5.97 8.83 1.27
C THR A 67 -7.31 8.12 1.20
N MET A 68 -7.39 7.10 0.36
CA MET A 68 -8.62 6.33 0.20
C MET A 68 -8.32 4.84 0.09
N VAL A 69 -8.97 4.04 0.94
CA VAL A 69 -8.76 2.60 0.93
C VAL A 69 -10.08 1.87 0.66
N GLN A 70 -10.17 1.26 -0.52
CA GLN A 70 -11.37 0.52 -0.90
C GLN A 70 -11.23 -0.96 -0.56
N ASP A 71 -11.97 -1.39 0.47
CA ASP A 71 -11.94 -2.77 0.91
C ASP A 71 -12.70 -3.67 -0.06
N ASN A 72 -12.03 -4.70 -0.57
CA ASN A 72 -12.65 -5.63 -1.51
C ASN A 72 -12.76 -7.02 -0.91
N LYS A 73 -11.80 -7.38 -0.06
CA LYS A 73 -11.79 -8.68 0.59
C LYS A 73 -11.81 -9.80 -0.45
N ASP A 74 -11.06 -9.62 -1.53
CA ASP A 74 -11.00 -10.61 -2.59
C ASP A 74 -9.56 -11.03 -2.85
N GLY A 75 -8.76 -11.09 -1.79
CA GLY A 75 -7.36 -11.48 -1.94
C GLY A 75 -6.45 -10.27 -2.05
N THR A 76 -6.97 -9.18 -2.56
CA THR A 76 -6.19 -7.96 -2.73
C THR A 76 -6.98 -6.73 -2.30
N TYR A 77 -6.33 -5.57 -2.33
CA TYR A 77 -6.98 -4.32 -1.94
C TYR A 77 -6.70 -3.22 -2.97
N TYR A 78 -7.51 -2.17 -2.94
CA TYR A 78 -7.36 -1.05 -3.87
C TYR A 78 -7.11 0.25 -3.10
N ILE A 79 -5.85 0.66 -3.04
CA ILE A 79 -5.48 1.89 -2.35
C ILE A 79 -5.28 3.03 -3.33
N SER A 80 -5.74 4.22 -2.96
CA SER A 80 -5.62 5.39 -3.81
C SER A 80 -5.22 6.61 -2.99
N TYR A 81 -4.36 7.46 -3.56
CA TYR A 81 -3.91 8.66 -2.88
C TYR A 81 -3.71 9.81 -3.87
N THR A 82 -3.95 11.03 -3.42
CA THR A 82 -3.80 12.20 -4.26
C THR A 82 -3.07 13.32 -3.53
N PRO A 83 -1.77 13.49 -3.84
CA PRO A 83 -0.94 14.51 -3.23
C PRO A 83 -1.32 15.93 -3.67
N LYS A 84 -0.98 16.91 -2.84
CA LYS A 84 -1.29 18.30 -3.14
C LYS A 84 -0.04 19.05 -3.61
N GLU A 85 1.07 18.80 -2.93
CA GLU A 85 2.33 19.47 -3.26
C GLU A 85 3.40 18.43 -3.61
N PRO A 86 4.36 18.84 -4.45
CA PRO A 86 5.45 17.97 -4.89
C PRO A 86 6.44 17.67 -3.77
N GLY A 87 7.40 16.79 -4.05
CA GLY A 87 8.39 16.43 -3.05
C GLY A 87 8.41 14.94 -2.76
N VAL A 88 9.23 14.54 -1.79
CA VAL A 88 9.34 13.14 -1.42
C VAL A 88 8.34 12.79 -0.32
N TYR A 89 7.72 11.62 -0.45
CA TYR A 89 6.74 11.16 0.53
C TYR A 89 7.09 9.76 1.03
N THR A 90 6.46 9.36 2.14
CA THR A 90 6.70 8.05 2.72
C THR A 90 5.40 7.27 2.88
N VAL A 91 5.14 6.37 1.94
CA VAL A 91 3.93 5.55 1.98
C VAL A 91 4.01 4.50 3.08
N TRP A 92 3.26 4.71 4.15
CA TRP A 92 3.25 3.78 5.27
C TRP A 92 2.23 2.66 5.04
N VAL A 93 2.72 1.42 4.93
CA VAL A 93 1.86 0.28 4.71
C VAL A 93 2.22 -0.87 5.64
N CYS A 94 1.38 -1.09 6.67
CA CYS A 94 1.61 -2.15 7.63
C CYS A 94 0.30 -2.86 7.98
N ILE A 95 0.38 -4.18 8.13
CA ILE A 95 -0.80 -4.97 8.47
C ILE A 95 -0.65 -5.63 9.83
N LYS A 96 -1.68 -5.52 10.66
CA LYS A 96 -1.67 -6.12 11.98
C LYS A 96 -0.48 -5.62 12.79
N GLU A 97 -0.20 -4.32 12.69
CA GLU A 97 0.91 -3.72 13.41
C GLU A 97 2.24 -4.34 12.97
N GLN A 98 2.41 -4.50 11.67
CA GLN A 98 3.63 -5.08 11.13
C GLN A 98 3.92 -4.53 9.73
N HIS A 99 5.17 -4.13 9.50
CA HIS A 99 5.57 -3.59 8.22
C HIS A 99 5.69 -4.69 7.18
N VAL A 100 5.16 -4.44 5.98
CA VAL A 100 5.21 -5.42 4.90
C VAL A 100 6.50 -5.30 4.11
N GLN A 101 6.68 -6.20 3.15
CA GLN A 101 7.89 -6.20 2.32
C GLN A 101 8.03 -4.88 1.57
N GLY A 102 9.26 -4.42 1.41
CA GLY A 102 9.50 -3.17 0.71
C GLY A 102 8.60 -2.05 1.18
N SER A 103 8.45 -1.94 2.50
CA SER A 103 7.61 -0.90 3.09
C SER A 103 7.97 -0.68 4.56
N PRO A 104 7.85 0.57 5.01
CA PRO A 104 7.40 1.69 4.16
C PRO A 104 8.44 2.06 3.11
N PHE A 105 7.99 2.75 2.07
CA PHE A 105 8.88 3.17 1.00
C PHE A 105 8.68 4.66 0.67
N THR A 106 9.67 5.24 -0.02
CA THR A 106 9.61 6.65 -0.37
C THR A 106 8.96 6.83 -1.74
N VAL A 107 8.41 8.02 -1.98
CA VAL A 107 7.76 8.33 -3.25
C VAL A 107 8.18 9.70 -3.76
N THR A 108 8.54 9.76 -5.04
CA THR A 108 8.97 11.02 -5.65
C THR A 108 7.81 11.69 -6.38
N VAL A 109 7.34 12.81 -5.82
CA VAL A 109 6.23 13.55 -6.40
C VAL A 109 6.74 14.68 -7.28
N ARG A 110 6.06 14.91 -8.41
CA ARG A 110 6.45 15.96 -9.33
C ARG A 110 5.39 17.07 -9.37
N ARG A 111 5.67 18.12 -10.11
CA ARG A 111 4.76 19.25 -10.23
C ARG A 111 3.84 19.08 -11.45
N LYS A 112 2.61 19.55 -11.32
CA LYS A 112 1.64 19.45 -12.41
C LYS A 112 1.89 20.53 -13.46
N HIS A 113 1.30 20.36 -14.63
CA HIS A 113 1.45 21.32 -15.72
C HIS A 113 1.04 22.73 -15.27
N GLY A 1 -14.22 -32.75 3.45
CA GLY A 1 -13.42 -32.19 2.38
C GLY A 1 -11.99 -31.89 2.82
N SER A 2 -11.16 -31.46 1.87
CA SER A 2 -9.77 -31.15 2.17
C SER A 2 -9.38 -29.80 1.60
N SER A 3 -9.15 -28.84 2.49
CA SER A 3 -8.78 -27.48 2.07
C SER A 3 -8.16 -26.71 3.24
N GLY A 4 -6.88 -26.41 3.13
CA GLY A 4 -6.20 -25.67 4.18
C GLY A 4 -4.97 -24.95 3.68
N SER A 5 -4.49 -23.97 4.45
CA SER A 5 -3.32 -23.20 4.07
C SER A 5 -2.31 -23.15 5.22
N SER A 6 -1.14 -22.57 4.95
CA SER A 6 -0.10 -22.46 5.96
C SER A 6 -0.69 -22.21 7.33
N GLY A 7 -1.37 -21.08 7.49
CA GLY A 7 -1.97 -20.75 8.76
C GLY A 7 -2.67 -19.40 8.74
N GLU A 8 -1.89 -18.33 8.58
CA GLU A 8 -2.44 -16.98 8.54
C GLU A 8 -1.68 -16.11 7.55
N VAL A 9 -2.18 -14.89 7.33
CA VAL A 9 -1.55 -13.96 6.40
C VAL A 9 -0.30 -13.34 7.03
N ASP A 10 0.76 -13.23 6.23
CA ASP A 10 2.01 -12.65 6.69
C ASP A 10 2.37 -11.42 5.88
N PRO A 11 2.73 -10.33 6.58
CA PRO A 11 3.11 -9.06 5.94
C PRO A 11 4.44 -9.15 5.22
N ALA A 12 5.41 -9.81 5.85
CA ALA A 12 6.73 -9.98 5.26
C ALA A 12 6.66 -10.70 3.93
N LYS A 13 5.62 -11.51 3.76
CA LYS A 13 5.43 -12.27 2.52
C LYS A 13 4.60 -11.47 1.53
N CYS A 14 3.78 -10.57 2.03
CA CYS A 14 2.92 -9.73 1.18
C CYS A 14 3.77 -8.89 0.24
N VAL A 15 3.15 -8.43 -0.84
CA VAL A 15 3.84 -7.61 -1.83
C VAL A 15 2.94 -6.49 -2.35
N LEU A 16 3.51 -5.59 -3.14
CA LEU A 16 2.75 -4.48 -3.71
C LEU A 16 2.86 -4.47 -5.22
N GLN A 17 1.77 -4.08 -5.88
CA GLN A 17 1.73 -4.03 -7.34
C GLN A 17 1.69 -2.58 -7.83
N GLY A 18 2.35 -2.31 -8.94
CA GLY A 18 2.37 -0.97 -9.49
C GLY A 18 3.72 -0.60 -10.09
N GLU A 19 3.87 -0.85 -11.39
CA GLU A 19 5.11 -0.54 -12.09
C GLU A 19 5.68 0.80 -11.63
N ASP A 20 4.80 1.78 -11.46
CA ASP A 20 5.21 3.11 -11.02
C ASP A 20 4.70 3.40 -9.62
N LEU A 21 5.30 2.76 -8.62
CA LEU A 21 4.90 2.95 -7.24
C LEU A 21 5.75 4.03 -6.56
N HIS A 22 7.04 4.05 -6.89
CA HIS A 22 7.96 5.03 -6.32
C HIS A 22 7.98 6.30 -7.18
N ARG A 23 6.90 6.53 -7.92
CA ARG A 23 6.81 7.70 -8.78
C ARG A 23 5.37 8.22 -8.82
N ALA A 24 5.18 9.46 -8.37
CA ALA A 24 3.87 10.08 -8.35
C ALA A 24 3.92 11.48 -8.94
N ARG A 25 2.75 12.03 -9.25
CA ARG A 25 2.65 13.37 -9.82
C ARG A 25 1.78 14.27 -8.96
N GLU A 26 2.11 15.55 -8.92
CA GLU A 26 1.35 16.52 -8.13
C GLU A 26 -0.14 16.39 -8.40
N LYS A 27 -0.95 16.63 -7.37
CA LYS A 27 -2.40 16.53 -7.50
C LYS A 27 -2.79 15.45 -8.50
N GLN A 28 -2.30 14.24 -8.27
CA GLN A 28 -2.61 13.12 -9.16
C GLN A 28 -3.15 11.93 -8.37
N THR A 29 -3.94 11.10 -9.03
CA THR A 29 -4.53 9.92 -8.38
C THR A 29 -3.65 8.70 -8.59
N ALA A 30 -2.93 8.30 -7.54
CA ALA A 30 -2.05 7.14 -7.60
C ALA A 30 -2.59 6.00 -6.74
N SER A 31 -2.87 4.87 -7.36
CA SER A 31 -3.39 3.71 -6.65
C SER A 31 -2.62 2.45 -7.03
N PHE A 32 -2.65 1.45 -6.14
CA PHE A 32 -1.96 0.19 -6.39
C PHE A 32 -2.74 -0.98 -5.80
N THR A 33 -2.35 -2.20 -6.18
CA THR A 33 -3.01 -3.39 -5.70
C THR A 33 -2.15 -4.12 -4.67
N LEU A 34 -2.72 -4.33 -3.48
CA LEU A 34 -2.01 -5.01 -2.41
C LEU A 34 -2.37 -6.49 -2.36
N LEU A 35 -1.37 -7.35 -2.50
CA LEU A 35 -1.59 -8.80 -2.46
C LEU A 35 -1.40 -9.34 -1.06
N CYS A 36 -2.06 -10.46 -0.77
CA CYS A 36 -1.96 -11.09 0.54
C CYS A 36 -1.52 -12.55 0.42
N LYS A 37 -0.35 -12.85 0.95
CA LYS A 37 0.20 -14.20 0.90
C LYS A 37 0.33 -14.79 2.30
N ASP A 38 0.52 -16.10 2.38
CA ASP A 38 0.67 -16.78 3.66
C ASP A 38 2.12 -16.79 4.10
N ALA A 39 2.38 -17.39 5.26
CA ALA A 39 3.74 -17.47 5.79
C ALA A 39 4.65 -18.25 4.86
N ALA A 40 4.05 -18.92 3.88
CA ALA A 40 4.81 -19.71 2.90
C ALA A 40 4.97 -18.96 1.59
N GLY A 41 4.60 -17.68 1.59
CA GLY A 41 4.72 -16.86 0.40
C GLY A 41 3.81 -17.36 -0.72
N GLU A 42 2.75 -18.06 -0.35
CA GLU A 42 1.81 -18.59 -1.33
C GLU A 42 0.50 -17.82 -1.31
N ILE A 43 -0.26 -17.90 -2.39
CA ILE A 43 -1.54 -17.20 -2.50
C ILE A 43 -2.59 -17.85 -1.61
N MET A 44 -3.36 -17.02 -0.91
CA MET A 44 -4.40 -17.52 -0.02
C MET A 44 -5.79 -17.18 -0.57
N GLY A 45 -5.89 -16.03 -1.23
CA GLY A 45 -7.17 -15.62 -1.79
C GLY A 45 -8.23 -15.39 -0.74
N ARG A 46 -7.93 -14.52 0.22
CA ARG A 46 -8.86 -14.22 1.31
C ARG A 46 -8.89 -12.72 1.60
N GLY A 47 -9.82 -12.31 2.45
CA GLY A 47 -9.93 -10.91 2.81
C GLY A 47 -10.10 -10.69 4.30
N GLY A 48 -9.23 -11.33 5.09
CA GLY A 48 -9.31 -11.20 6.53
C GLY A 48 -8.05 -10.59 7.12
N ASP A 49 -7.64 -9.44 6.59
CA ASP A 49 -6.45 -8.76 7.07
C ASP A 49 -6.74 -7.29 7.34
N ASN A 50 -5.90 -6.66 8.17
CA ASN A 50 -6.06 -5.25 8.50
C ASN A 50 -5.02 -4.39 7.78
N VAL A 51 -5.44 -3.76 6.70
CA VAL A 51 -4.55 -2.90 5.91
C VAL A 51 -4.44 -1.52 6.53
N GLN A 52 -3.25 -0.93 6.48
CA GLN A 52 -3.02 0.39 7.03
C GLN A 52 -2.24 1.26 6.04
N VAL A 53 -2.80 2.43 5.73
CA VAL A 53 -2.16 3.36 4.80
C VAL A 53 -2.05 4.75 5.40
N ALA A 54 -0.86 5.33 5.32
CA ALA A 54 -0.62 6.67 5.85
C ALA A 54 0.57 7.34 5.14
N VAL A 55 0.27 8.34 4.32
CA VAL A 55 1.30 9.05 3.59
C VAL A 55 1.70 10.34 4.33
N VAL A 56 2.99 10.49 4.54
CA VAL A 56 3.52 11.67 5.23
C VAL A 56 4.70 12.27 4.49
N PRO A 57 4.58 13.54 4.09
CA PRO A 57 5.63 14.26 3.36
C PRO A 57 6.84 14.55 4.24
N LYS A 58 8.03 14.34 3.69
CA LYS A 58 9.27 14.58 4.42
C LYS A 58 9.45 16.07 4.70
N ASP A 59 8.91 16.91 3.83
CA ASP A 59 9.01 18.35 3.99
C ASP A 59 8.28 18.82 5.26
N LYS A 60 7.00 18.49 5.37
CA LYS A 60 6.20 18.87 6.53
C LYS A 60 6.13 17.71 7.52
N LYS A 61 5.69 18.01 8.74
CA LYS A 61 5.57 17.01 9.78
C LYS A 61 4.10 16.72 10.09
N ASP A 62 3.27 17.76 10.04
CA ASP A 62 1.85 17.62 10.30
C ASP A 62 1.07 17.46 9.00
N SER A 63 1.23 18.41 8.10
CA SER A 63 0.54 18.38 6.81
C SER A 63 0.32 16.95 6.35
N PRO A 64 -0.88 16.41 6.64
CA PRO A 64 -1.23 15.04 6.26
C PRO A 64 -1.43 14.89 4.76
N VAL A 65 -1.91 13.72 4.34
CA VAL A 65 -2.14 13.45 2.93
C VAL A 65 -3.46 12.71 2.72
N ARG A 66 -4.23 13.16 1.72
CA ARG A 66 -5.52 12.54 1.43
C ARG A 66 -5.33 11.14 0.84
N THR A 67 -5.87 10.14 1.52
CA THR A 67 -5.76 8.76 1.07
C THR A 67 -7.13 8.09 1.02
N MET A 68 -7.18 6.93 0.37
CA MET A 68 -8.43 6.18 0.26
C MET A 68 -8.20 4.70 0.54
N VAL A 69 -9.28 3.99 0.87
CA VAL A 69 -9.19 2.56 1.16
C VAL A 69 -10.51 1.85 0.84
N GLN A 70 -10.53 1.11 -0.25
CA GLN A 70 -11.72 0.38 -0.67
C GLN A 70 -11.57 -1.11 -0.41
N ASP A 71 -11.89 -1.53 0.81
CA ASP A 71 -11.79 -2.94 1.18
C ASP A 71 -12.68 -3.80 0.29
N ASN A 72 -12.05 -4.63 -0.54
CA ASN A 72 -12.79 -5.50 -1.45
C ASN A 72 -12.93 -6.91 -0.85
N LYS A 73 -11.96 -7.30 -0.03
CA LYS A 73 -11.99 -8.60 0.61
C LYS A 73 -12.02 -9.72 -0.44
N ASP A 74 -11.30 -9.52 -1.53
CA ASP A 74 -11.25 -10.51 -2.60
C ASP A 74 -9.82 -10.95 -2.87
N GLY A 75 -9.01 -10.99 -1.82
CA GLY A 75 -7.62 -11.38 -1.96
C GLY A 75 -6.68 -10.20 -2.06
N THR A 76 -7.18 -9.09 -2.59
CA THR A 76 -6.37 -7.89 -2.75
C THR A 76 -7.11 -6.66 -2.24
N TYR A 77 -6.45 -5.52 -2.26
CA TYR A 77 -7.04 -4.27 -1.79
C TYR A 77 -6.86 -3.16 -2.83
N TYR A 78 -7.65 -2.11 -2.69
CA TYR A 78 -7.57 -0.97 -3.61
C TYR A 78 -7.24 0.31 -2.88
N ILE A 79 -5.95 0.65 -2.84
CA ILE A 79 -5.50 1.86 -2.15
C ILE A 79 -5.20 2.97 -3.15
N SER A 80 -5.55 4.19 -2.79
CA SER A 80 -5.32 5.34 -3.66
C SER A 80 -5.03 6.60 -2.84
N TYR A 81 -4.13 7.44 -3.36
CA TYR A 81 -3.76 8.67 -2.67
C TYR A 81 -3.45 9.77 -3.67
N THR A 82 -3.75 11.01 -3.28
CA THR A 82 -3.51 12.16 -4.14
C THR A 82 -2.75 13.25 -3.41
N PRO A 83 -1.49 13.46 -3.80
CA PRO A 83 -0.62 14.48 -3.18
C PRO A 83 -1.07 15.90 -3.52
N LYS A 84 -1.00 16.78 -2.53
CA LYS A 84 -1.40 18.18 -2.72
C LYS A 84 -0.23 19.01 -3.26
N GLU A 85 0.97 18.73 -2.77
CA GLU A 85 2.15 19.44 -3.19
C GLU A 85 3.25 18.47 -3.64
N PRO A 86 4.12 18.92 -4.56
CA PRO A 86 5.22 18.11 -5.08
C PRO A 86 6.30 17.87 -4.02
N GLY A 87 7.16 16.88 -4.29
CA GLY A 87 8.22 16.57 -3.35
C GLY A 87 8.25 15.09 -2.99
N VAL A 88 9.13 14.73 -2.06
CA VAL A 88 9.25 13.35 -1.62
C VAL A 88 8.25 13.03 -0.51
N TYR A 89 7.67 11.84 -0.58
CA TYR A 89 6.69 11.41 0.41
C TYR A 89 7.01 10.00 0.92
N THR A 90 6.45 9.66 2.07
CA THR A 90 6.66 8.34 2.66
C THR A 90 5.34 7.65 2.95
N VAL A 91 5.02 6.62 2.16
CA VAL A 91 3.77 5.87 2.33
C VAL A 91 3.95 4.76 3.35
N TRP A 92 3.09 4.75 4.36
CA TRP A 92 3.15 3.73 5.40
C TRP A 92 2.16 2.62 5.13
N VAL A 93 2.67 1.45 4.73
CA VAL A 93 1.83 0.30 4.44
C VAL A 93 2.16 -0.87 5.35
N CYS A 94 1.24 -1.17 6.27
CA CYS A 94 1.44 -2.28 7.21
C CYS A 94 0.16 -3.09 7.37
N ILE A 95 0.30 -4.39 7.55
CA ILE A 95 -0.84 -5.28 7.72
C ILE A 95 -0.88 -5.86 9.13
N LYS A 96 -1.97 -5.59 9.84
CA LYS A 96 -2.14 -6.10 11.20
C LYS A 96 -1.03 -5.56 12.11
N GLU A 97 -0.72 -4.28 11.97
CA GLU A 97 0.32 -3.66 12.78
C GLU A 97 1.68 -4.28 12.50
N GLN A 98 1.97 -4.51 11.23
CA GLN A 98 3.24 -5.11 10.82
C GLN A 98 3.70 -4.55 9.49
N HIS A 99 4.96 -4.14 9.42
CA HIS A 99 5.52 -3.59 8.19
C HIS A 99 5.75 -4.68 7.15
N VAL A 100 5.08 -4.56 6.01
CA VAL A 100 5.21 -5.53 4.94
C VAL A 100 6.55 -5.41 4.24
N GLN A 101 6.75 -6.21 3.19
CA GLN A 101 8.00 -6.19 2.43
C GLN A 101 8.14 -4.89 1.67
N GLY A 102 9.36 -4.38 1.59
CA GLY A 102 9.62 -3.14 0.88
C GLY A 102 8.74 -2.00 1.36
N SER A 103 8.50 -1.96 2.66
CA SER A 103 7.66 -0.92 3.26
C SER A 103 8.13 -0.59 4.67
N PRO A 104 8.06 0.70 5.03
CA PRO A 104 7.56 1.75 4.12
C PRO A 104 8.51 2.02 2.96
N PHE A 105 8.12 2.93 2.08
CA PHE A 105 8.95 3.28 0.93
C PHE A 105 8.90 4.78 0.65
N THR A 106 9.69 5.23 -0.32
CA THR A 106 9.72 6.64 -0.68
C THR A 106 9.05 6.88 -2.02
N VAL A 107 8.39 8.03 -2.13
CA VAL A 107 7.70 8.40 -3.37
C VAL A 107 8.07 9.79 -3.82
N THR A 108 8.32 9.95 -5.12
CA THR A 108 8.69 11.24 -5.69
C THR A 108 7.53 11.87 -6.44
N VAL A 109 7.02 12.98 -5.91
CA VAL A 109 5.91 13.69 -6.52
C VAL A 109 6.40 14.83 -7.40
N ARG A 110 6.33 14.62 -8.72
CA ARG A 110 6.78 15.64 -9.67
C ARG A 110 5.77 16.78 -9.74
N ARG A 111 6.15 17.85 -10.44
CA ARG A 111 5.29 19.01 -10.59
C ARG A 111 4.42 18.90 -11.85
N LYS A 112 3.19 19.37 -11.75
CA LYS A 112 2.26 19.32 -12.88
C LYS A 112 2.43 20.53 -13.78
N HIS A 113 2.61 20.28 -15.07
CA HIS A 113 2.78 21.35 -16.05
C HIS A 113 1.52 21.55 -16.87
N GLY A 1 -14.12 -27.09 1.71
CA GLY A 1 -14.74 -25.78 1.81
C GLY A 1 -13.84 -24.67 1.31
N SER A 2 -13.39 -24.79 0.07
CA SER A 2 -12.51 -23.79 -0.53
C SER A 2 -11.20 -23.69 0.25
N SER A 3 -10.63 -24.84 0.60
CA SER A 3 -9.38 -24.88 1.35
C SER A 3 -8.21 -24.48 0.47
N GLY A 4 -7.38 -23.56 0.99
CA GLY A 4 -6.23 -23.10 0.24
C GLY A 4 -5.16 -22.50 1.13
N SER A 5 -5.50 -21.42 1.82
CA SER A 5 -4.55 -20.75 2.71
C SER A 5 -3.95 -21.74 3.70
N SER A 6 -2.65 -21.63 3.93
CA SER A 6 -1.95 -22.52 4.85
C SER A 6 -2.52 -22.38 6.26
N GLY A 7 -2.66 -21.14 6.71
CA GLY A 7 -3.19 -20.90 8.05
C GLY A 7 -3.67 -19.47 8.22
N GLU A 8 -2.76 -18.51 8.08
CA GLU A 8 -3.11 -17.10 8.22
C GLU A 8 -2.33 -16.24 7.24
N VAL A 9 -2.49 -14.93 7.34
CA VAL A 9 -1.80 -14.00 6.47
C VAL A 9 -0.62 -13.34 7.18
N ASP A 10 0.49 -13.19 6.47
CA ASP A 10 1.68 -12.57 7.03
C ASP A 10 2.12 -11.37 6.20
N PRO A 11 2.52 -10.29 6.89
CA PRO A 11 2.96 -9.06 6.25
C PRO A 11 4.30 -9.22 5.55
N ALA A 12 5.26 -9.81 6.24
CA ALA A 12 6.59 -10.02 5.68
C ALA A 12 6.51 -10.69 4.32
N LYS A 13 5.43 -11.45 4.09
CA LYS A 13 5.23 -12.13 2.83
C LYS A 13 4.47 -11.25 1.85
N CYS A 14 3.54 -10.46 2.36
CA CYS A 14 2.75 -9.56 1.53
C CYS A 14 3.62 -8.82 0.53
N VAL A 15 3.00 -8.30 -0.51
CA VAL A 15 3.73 -7.55 -1.54
C VAL A 15 2.89 -6.41 -2.10
N LEU A 16 3.46 -5.67 -3.04
CA LEU A 16 2.76 -4.55 -3.66
C LEU A 16 2.92 -4.57 -5.17
N GLN A 17 1.83 -4.26 -5.88
CA GLN A 17 1.84 -4.25 -7.33
C GLN A 17 1.61 -2.83 -7.87
N GLY A 18 1.82 -2.65 -9.17
CA GLY A 18 1.62 -1.35 -9.77
C GLY A 18 2.89 -0.80 -10.40
N GLU A 19 2.76 -0.26 -11.60
CA GLU A 19 3.91 0.30 -12.31
C GLU A 19 4.24 1.71 -11.80
N ASP A 20 5.53 2.04 -11.79
CA ASP A 20 5.98 3.34 -11.32
C ASP A 20 5.39 3.66 -9.94
N LEU A 21 5.54 2.73 -9.01
CA LEU A 21 5.03 2.91 -7.66
C LEU A 21 5.79 4.02 -6.93
N HIS A 22 7.10 4.06 -7.14
CA HIS A 22 7.94 5.07 -6.50
C HIS A 22 7.96 6.36 -7.32
N ARG A 23 6.90 6.57 -8.10
CA ARG A 23 6.78 7.76 -8.93
C ARG A 23 5.35 8.26 -8.97
N ALA A 24 5.15 9.51 -8.58
CA ALA A 24 3.82 10.12 -8.58
C ALA A 24 3.87 11.56 -9.06
N ARG A 25 2.70 12.12 -9.37
CA ARG A 25 2.61 13.49 -9.84
C ARG A 25 1.78 14.35 -8.90
N GLU A 26 2.01 15.65 -8.92
CA GLU A 26 1.29 16.58 -8.06
C GLU A 26 -0.19 16.65 -8.46
N LYS A 27 -1.06 16.51 -7.47
CA LYS A 27 -2.50 16.56 -7.71
C LYS A 27 -2.94 15.42 -8.62
N GLN A 28 -2.22 14.30 -8.54
CA GLN A 28 -2.54 13.13 -9.37
C GLN A 28 -3.08 12.00 -8.50
N THR A 29 -3.93 11.17 -9.10
CA THR A 29 -4.51 10.04 -8.39
C THR A 29 -3.73 8.75 -8.64
N ALA A 30 -2.86 8.39 -7.70
CA ALA A 30 -2.05 7.19 -7.83
C ALA A 30 -2.70 6.01 -7.09
N SER A 31 -2.94 4.93 -7.82
CA SER A 31 -3.55 3.75 -7.24
C SER A 31 -2.72 2.50 -7.55
N PHE A 32 -2.67 1.58 -6.59
CA PHE A 32 -1.92 0.35 -6.76
C PHE A 32 -2.67 -0.83 -6.15
N THR A 33 -2.20 -2.05 -6.45
CA THR A 33 -2.83 -3.25 -5.94
C THR A 33 -1.97 -3.90 -4.85
N LEU A 34 -2.62 -4.26 -3.74
CA LEU A 34 -1.92 -4.90 -2.63
C LEU A 34 -2.24 -6.38 -2.54
N LEU A 35 -1.25 -7.22 -2.88
CA LEU A 35 -1.44 -8.66 -2.85
C LEU A 35 -1.22 -9.20 -1.43
N CYS A 36 -1.95 -10.26 -1.10
CA CYS A 36 -1.84 -10.88 0.22
C CYS A 36 -1.43 -12.34 0.11
N LYS A 37 -0.43 -12.74 0.88
CA LYS A 37 0.06 -14.11 0.87
C LYS A 37 0.05 -14.70 2.28
N ASP A 38 0.36 -15.99 2.37
CA ASP A 38 0.38 -16.68 3.65
C ASP A 38 1.80 -16.71 4.23
N ALA A 39 1.94 -17.33 5.39
CA ALA A 39 3.25 -17.44 6.04
C ALA A 39 4.27 -18.10 5.13
N ALA A 40 3.78 -18.90 4.18
CA ALA A 40 4.66 -19.60 3.25
C ALA A 40 5.03 -18.70 2.08
N GLY A 41 4.26 -17.63 1.88
CA GLY A 41 4.53 -16.71 0.80
C GLY A 41 3.80 -17.08 -0.48
N GLU A 42 2.71 -17.83 -0.35
CA GLU A 42 1.92 -18.25 -1.49
C GLU A 42 0.52 -17.63 -1.45
N ILE A 43 -0.10 -17.53 -2.62
CA ILE A 43 -1.45 -16.97 -2.71
C ILE A 43 -2.42 -17.70 -1.79
N MET A 44 -3.20 -16.93 -1.03
CA MET A 44 -4.18 -17.49 -0.12
C MET A 44 -5.60 -17.31 -0.64
N GLY A 45 -5.81 -16.24 -1.39
CA GLY A 45 -7.12 -15.97 -1.94
C GLY A 45 -8.13 -15.60 -0.88
N ARG A 46 -7.71 -14.80 0.10
CA ARG A 46 -8.59 -14.39 1.18
C ARG A 46 -8.24 -12.99 1.67
N GLY A 47 -9.00 -12.48 2.63
CA GLY A 47 -8.76 -11.15 3.15
C GLY A 47 -8.60 -11.15 4.66
N GLY A 48 -9.49 -10.42 5.34
CA GLY A 48 -9.42 -10.35 6.78
C GLY A 48 -8.06 -9.94 7.29
N ASP A 49 -7.47 -8.93 6.66
CA ASP A 49 -6.15 -8.44 7.06
C ASP A 49 -6.18 -6.94 7.34
N ASN A 50 -5.82 -6.57 8.56
CA ASN A 50 -5.81 -5.17 8.95
C ASN A 50 -4.73 -4.39 8.19
N VAL A 51 -5.15 -3.72 7.12
CA VAL A 51 -4.21 -2.93 6.32
C VAL A 51 -4.28 -1.46 6.67
N GLN A 52 -3.12 -0.88 6.98
CA GLN A 52 -3.04 0.53 7.34
C GLN A 52 -2.28 1.32 6.29
N VAL A 53 -2.94 2.34 5.73
CA VAL A 53 -2.33 3.17 4.70
C VAL A 53 -2.21 4.62 5.17
N ALA A 54 -0.99 5.07 5.37
CA ALA A 54 -0.75 6.44 5.82
C ALA A 54 0.41 7.08 5.04
N VAL A 55 0.11 8.17 4.34
CA VAL A 55 1.12 8.87 3.55
C VAL A 55 1.48 10.21 4.20
N VAL A 56 2.78 10.48 4.30
CA VAL A 56 3.25 11.73 4.89
C VAL A 56 4.43 12.29 4.10
N PRO A 57 4.34 13.57 3.71
CA PRO A 57 5.39 14.25 2.95
C PRO A 57 6.64 14.49 3.80
N LYS A 58 7.80 14.16 3.24
CA LYS A 58 9.07 14.35 3.94
C LYS A 58 9.25 15.82 4.34
N ASP A 59 8.58 16.71 3.64
CA ASP A 59 8.66 18.14 3.93
C ASP A 59 7.87 18.48 5.19
N LYS A 60 6.61 18.07 5.23
CA LYS A 60 5.75 18.34 6.37
C LYS A 60 5.39 17.03 7.09
N LYS A 61 5.51 17.04 8.42
CA LYS A 61 5.19 15.86 9.22
C LYS A 61 3.89 16.07 10.00
N ASP A 62 3.44 17.31 10.06
CA ASP A 62 2.21 17.65 10.77
C ASP A 62 1.01 17.60 9.83
N SER A 63 1.26 17.86 8.54
CA SER A 63 0.21 17.86 7.54
C SER A 63 0.09 16.49 6.88
N PRO A 64 -1.04 15.80 7.13
CA PRO A 64 -1.29 14.47 6.58
C PRO A 64 -1.55 14.52 5.08
N VAL A 65 -1.81 13.35 4.49
CA VAL A 65 -2.07 13.25 3.05
C VAL A 65 -3.36 12.48 2.78
N ARG A 66 -4.31 13.14 2.14
CA ARG A 66 -5.59 12.52 1.81
C ARG A 66 -5.38 11.20 1.08
N THR A 67 -6.02 10.14 1.57
CA THR A 67 -5.90 8.82 0.97
C THR A 67 -7.25 8.11 0.93
N MET A 68 -7.34 7.08 0.09
CA MET A 68 -8.58 6.32 -0.04
C MET A 68 -8.30 4.82 0.01
N VAL A 69 -9.05 4.10 0.83
CA VAL A 69 -8.88 2.67 0.98
C VAL A 69 -10.18 1.93 0.65
N GLN A 70 -10.17 1.21 -0.47
CA GLN A 70 -11.36 0.46 -0.89
C GLN A 70 -11.22 -1.02 -0.53
N ASP A 71 -11.81 -1.40 0.59
CA ASP A 71 -11.74 -2.79 1.06
C ASP A 71 -12.48 -3.72 0.09
N ASN A 72 -11.76 -4.66 -0.49
CA ASN A 72 -12.35 -5.61 -1.42
C ASN A 72 -12.58 -6.97 -0.77
N LYS A 73 -11.61 -7.40 0.04
CA LYS A 73 -11.70 -8.67 0.73
C LYS A 73 -11.85 -9.82 -0.27
N ASP A 74 -11.16 -9.71 -1.39
CA ASP A 74 -11.20 -10.75 -2.42
C ASP A 74 -9.80 -11.23 -2.79
N GLY A 75 -8.85 -10.94 -1.90
CA GLY A 75 -7.47 -11.35 -2.16
C GLY A 75 -6.56 -10.17 -2.39
N THR A 76 -7.12 -9.04 -2.79
CA THR A 76 -6.35 -7.84 -3.06
C THR A 76 -7.07 -6.59 -2.56
N TYR A 77 -6.36 -5.48 -2.52
CA TYR A 77 -6.94 -4.22 -2.06
C TYR A 77 -6.68 -3.10 -3.06
N TYR A 78 -7.53 -2.08 -3.03
CA TYR A 78 -7.40 -0.94 -3.93
C TYR A 78 -7.13 0.34 -3.17
N ILE A 79 -5.88 0.80 -3.20
CA ILE A 79 -5.49 2.02 -2.50
C ILE A 79 -5.29 3.16 -3.49
N SER A 80 -5.53 4.39 -3.03
CA SER A 80 -5.37 5.57 -3.86
C SER A 80 -4.96 6.77 -3.03
N TYR A 81 -4.02 7.56 -3.56
CA TYR A 81 -3.54 8.75 -2.86
C TYR A 81 -3.34 9.91 -3.82
N THR A 82 -3.65 11.12 -3.35
CA THR A 82 -3.52 12.32 -4.18
C THR A 82 -2.76 13.41 -3.44
N PRO A 83 -1.47 13.56 -3.77
CA PRO A 83 -0.61 14.56 -3.15
C PRO A 83 -0.99 15.98 -3.56
N LYS A 84 -0.78 16.94 -2.66
CA LYS A 84 -1.09 18.34 -2.93
C LYS A 84 0.13 19.08 -3.47
N GLU A 85 1.27 18.86 -2.81
CA GLU A 85 2.51 19.51 -3.22
C GLU A 85 3.56 18.47 -3.63
N PRO A 86 4.43 18.86 -4.58
CA PRO A 86 5.49 17.97 -5.07
C PRO A 86 6.58 17.73 -4.03
N GLY A 87 7.31 16.64 -4.19
CA GLY A 87 8.37 16.31 -3.26
C GLY A 87 8.39 14.84 -2.89
N VAL A 88 9.28 14.46 -1.98
CA VAL A 88 9.39 13.08 -1.54
C VAL A 88 8.40 12.77 -0.44
N TYR A 89 7.67 11.67 -0.60
CA TYR A 89 6.68 11.25 0.38
C TYR A 89 7.03 9.89 0.98
N THR A 90 6.33 9.53 2.06
CA THR A 90 6.56 8.25 2.72
C THR A 90 5.28 7.46 2.88
N VAL A 91 5.08 6.48 2.02
CA VAL A 91 3.88 5.65 2.07
C VAL A 91 4.00 4.57 3.13
N TRP A 92 3.43 4.82 4.30
CA TRP A 92 3.48 3.87 5.40
C TRP A 92 2.47 2.74 5.19
N VAL A 93 2.97 1.60 4.74
CA VAL A 93 2.12 0.43 4.50
C VAL A 93 2.46 -0.71 5.46
N CYS A 94 1.60 -0.91 6.44
CA CYS A 94 1.81 -1.97 7.42
C CYS A 94 0.51 -2.74 7.67
N ILE A 95 0.65 -4.04 7.91
CA ILE A 95 -0.52 -4.89 8.15
C ILE A 95 -0.40 -5.62 9.49
N LYS A 96 -1.41 -5.45 10.34
CA LYS A 96 -1.41 -6.09 11.65
C LYS A 96 -0.27 -5.57 12.52
N GLU A 97 -0.07 -4.25 12.49
CA GLU A 97 1.00 -3.64 13.27
C GLU A 97 2.36 -4.18 12.86
N GLN A 98 2.58 -4.28 11.56
CA GLN A 98 3.84 -4.78 11.03
C GLN A 98 4.11 -4.23 9.63
N HIS A 99 5.32 -3.73 9.42
CA HIS A 99 5.70 -3.17 8.12
C HIS A 99 5.90 -4.27 7.09
N VAL A 100 4.92 -4.41 6.20
CA VAL A 100 4.98 -5.42 5.15
C VAL A 100 6.33 -5.39 4.43
N GLN A 101 6.48 -6.28 3.45
CA GLN A 101 7.72 -6.35 2.68
C GLN A 101 7.90 -5.10 1.81
N GLY A 102 9.15 -4.68 1.64
CA GLY A 102 9.43 -3.51 0.82
C GLY A 102 8.63 -2.29 1.28
N SER A 103 8.62 -2.05 2.58
CA SER A 103 7.88 -0.92 3.14
C SER A 103 8.34 -0.62 4.56
N PRO A 104 8.19 0.65 4.97
CA PRO A 104 7.63 1.71 4.11
C PRO A 104 8.56 2.08 2.97
N PHE A 105 8.01 2.76 1.97
CA PHE A 105 8.79 3.18 0.80
C PHE A 105 8.53 4.64 0.48
N THR A 106 9.54 5.30 -0.09
CA THR A 106 9.42 6.70 -0.45
C THR A 106 8.80 6.87 -1.83
N VAL A 107 8.27 8.06 -2.10
CA VAL A 107 7.65 8.35 -3.39
C VAL A 107 8.04 9.73 -3.89
N THR A 108 8.55 9.78 -5.12
CA THR A 108 8.96 11.05 -5.71
C THR A 108 7.81 11.71 -6.46
N VAL A 109 7.25 12.76 -5.85
CA VAL A 109 6.14 13.48 -6.46
C VAL A 109 6.63 14.71 -7.22
N ARG A 110 6.11 14.89 -8.43
CA ARG A 110 6.49 16.03 -9.26
C ARG A 110 5.35 17.03 -9.36
N ARG A 111 5.67 18.22 -9.89
CA ARG A 111 4.67 19.28 -10.04
C ARG A 111 3.72 18.98 -11.19
N LYS A 112 2.64 19.74 -11.28
CA LYS A 112 1.65 19.55 -12.34
C LYS A 112 1.88 20.55 -13.46
N HIS A 113 1.04 20.46 -14.49
CA HIS A 113 1.15 21.37 -15.64
C HIS A 113 1.42 22.79 -15.19
N GLY A 1 -12.23 -27.32 -4.45
CA GLY A 1 -13.13 -27.54 -3.33
C GLY A 1 -12.79 -26.71 -2.12
N SER A 2 -11.60 -26.92 -1.58
CA SER A 2 -11.15 -26.17 -0.40
C SER A 2 -9.93 -25.31 -0.74
N SER A 3 -10.04 -24.02 -0.43
CA SER A 3 -8.95 -23.08 -0.71
C SER A 3 -8.88 -22.01 0.38
N GLY A 4 -7.66 -21.60 0.72
CA GLY A 4 -7.49 -20.58 1.74
C GLY A 4 -6.05 -20.50 2.22
N SER A 5 -5.83 -19.78 3.31
CA SER A 5 -4.50 -19.61 3.87
C SER A 5 -4.21 -20.67 4.91
N SER A 6 -3.11 -21.40 4.73
CA SER A 6 -2.72 -22.46 5.66
C SER A 6 -2.98 -22.04 7.10
N GLY A 7 -2.45 -20.88 7.49
CA GLY A 7 -2.64 -20.39 8.83
C GLY A 7 -3.16 -18.96 8.86
N GLU A 8 -2.27 -18.01 8.56
CA GLU A 8 -2.65 -16.60 8.56
C GLU A 8 -1.84 -15.83 7.52
N VAL A 9 -2.24 -14.59 7.27
CA VAL A 9 -1.56 -13.75 6.30
C VAL A 9 -0.36 -13.03 6.93
N ASP A 10 0.78 -13.09 6.25
CA ASP A 10 1.99 -12.45 6.76
C ASP A 10 2.33 -11.22 5.91
N PRO A 11 2.62 -10.09 6.59
CA PRO A 11 2.97 -8.84 5.93
C PRO A 11 4.34 -8.90 5.27
N ALA A 12 5.32 -9.42 5.99
CA ALA A 12 6.68 -9.54 5.47
C ALA A 12 6.69 -10.27 4.14
N LYS A 13 5.68 -11.09 3.89
CA LYS A 13 5.57 -11.84 2.65
C LYS A 13 4.75 -11.08 1.62
N CYS A 14 3.74 -10.36 2.09
CA CYS A 14 2.87 -9.59 1.21
C CYS A 14 3.70 -8.77 0.22
N VAL A 15 3.10 -8.42 -0.91
CA VAL A 15 3.78 -7.64 -1.94
C VAL A 15 2.85 -6.57 -2.51
N LEU A 16 3.41 -5.71 -3.36
CA LEU A 16 2.64 -4.64 -3.99
C LEU A 16 2.76 -4.69 -5.51
N GLN A 17 1.74 -4.18 -6.19
CA GLN A 17 1.74 -4.18 -7.65
C GLN A 17 1.52 -2.76 -8.18
N GLY A 18 1.81 -2.56 -9.46
CA GLY A 18 1.66 -1.25 -10.07
C GLY A 18 2.96 -0.69 -10.60
N GLU A 19 2.88 0.01 -11.73
CA GLU A 19 4.07 0.60 -12.34
C GLU A 19 4.35 1.99 -11.76
N ASP A 20 5.60 2.41 -11.85
CA ASP A 20 6.00 3.72 -11.33
C ASP A 20 5.44 3.95 -9.93
N LEU A 21 5.50 2.92 -9.09
CA LEU A 21 5.00 3.00 -7.73
C LEU A 21 5.76 4.05 -6.93
N HIS A 22 7.06 4.16 -7.20
CA HIS A 22 7.90 5.13 -6.52
C HIS A 22 7.93 6.47 -7.26
N ARG A 23 6.86 6.74 -8.00
CA ARG A 23 6.76 7.98 -8.77
C ARG A 23 5.32 8.47 -8.82
N ALA A 24 5.09 9.70 -8.37
CA ALA A 24 3.76 10.29 -8.37
C ALA A 24 3.77 11.68 -9.01
N ARG A 25 2.58 12.19 -9.31
CA ARG A 25 2.46 13.51 -9.92
C ARG A 25 1.61 14.43 -9.03
N GLU A 26 2.12 15.64 -8.81
CA GLU A 26 1.42 16.61 -7.98
C GLU A 26 -0.06 16.66 -8.34
N LYS A 27 -0.92 16.47 -7.35
CA LYS A 27 -2.36 16.50 -7.56
C LYS A 27 -2.79 15.37 -8.50
N GLN A 28 -2.23 14.20 -8.29
CA GLN A 28 -2.56 13.04 -9.12
C GLN A 28 -3.07 11.88 -8.27
N THR A 29 -3.91 11.05 -8.87
CA THR A 29 -4.47 9.89 -8.16
C THR A 29 -3.69 8.62 -8.47
N ALA A 30 -2.86 8.21 -7.52
CA ALA A 30 -2.06 7.00 -7.67
C ALA A 30 -2.69 5.81 -6.96
N SER A 31 -3.02 4.78 -7.73
CA SER A 31 -3.64 3.58 -7.18
C SER A 31 -2.82 2.35 -7.49
N PHE A 32 -2.84 1.38 -6.58
CA PHE A 32 -2.09 0.13 -6.77
C PHE A 32 -2.81 -1.04 -6.11
N THR A 33 -2.37 -2.25 -6.44
CA THR A 33 -2.98 -3.46 -5.88
C THR A 33 -2.05 -4.11 -4.86
N LEU A 34 -2.62 -4.54 -3.75
CA LEU A 34 -1.86 -5.19 -2.69
C LEU A 34 -2.22 -6.67 -2.58
N LEU A 35 -1.29 -7.53 -2.98
CA LEU A 35 -1.52 -8.98 -2.92
C LEU A 35 -1.32 -9.50 -1.50
N CYS A 36 -2.16 -10.45 -1.10
CA CYS A 36 -2.06 -11.04 0.23
C CYS A 36 -1.50 -12.45 0.16
N LYS A 37 -0.45 -12.70 0.94
CA LYS A 37 0.19 -14.01 0.97
C LYS A 37 0.25 -14.56 2.39
N ASP A 38 0.57 -15.84 2.51
CA ASP A 38 0.66 -16.48 3.82
C ASP A 38 2.09 -16.47 4.34
N ALA A 39 2.31 -17.08 5.50
CA ALA A 39 3.63 -17.13 6.11
C ALA A 39 4.65 -17.76 5.16
N ALA A 40 4.17 -18.71 4.36
CA ALA A 40 5.05 -19.40 3.40
C ALA A 40 5.22 -18.58 2.14
N GLY A 41 4.68 -17.37 2.14
CA GLY A 41 4.80 -16.49 0.99
C GLY A 41 4.08 -17.05 -0.23
N GLU A 42 3.01 -17.79 0.00
CA GLU A 42 2.23 -18.39 -1.08
C GLU A 42 0.85 -17.76 -1.17
N ILE A 43 0.27 -17.81 -2.37
CA ILE A 43 -1.06 -17.25 -2.59
C ILE A 43 -2.10 -17.90 -1.69
N MET A 44 -2.92 -17.08 -1.05
CA MET A 44 -3.96 -17.57 -0.16
C MET A 44 -5.35 -17.40 -0.76
N GLY A 45 -5.53 -16.28 -1.47
CA GLY A 45 -6.81 -16.01 -2.10
C GLY A 45 -7.94 -15.93 -1.10
N ARG A 46 -7.83 -15.01 -0.15
CA ARG A 46 -8.85 -14.84 0.88
C ARG A 46 -8.70 -13.49 1.59
N GLY A 47 -9.82 -12.87 1.91
CA GLY A 47 -9.79 -11.58 2.58
C GLY A 47 -9.87 -11.71 4.09
N GLY A 48 -10.16 -10.60 4.76
CA GLY A 48 -10.27 -10.62 6.21
C GLY A 48 -8.99 -10.18 6.90
N ASP A 49 -8.43 -9.06 6.42
CA ASP A 49 -7.20 -8.52 7.00
C ASP A 49 -7.31 -7.02 7.21
N ASN A 50 -6.61 -6.52 8.23
CA ASN A 50 -6.64 -5.10 8.54
C ASN A 50 -5.46 -4.38 7.89
N VAL A 51 -5.74 -3.72 6.76
CA VAL A 51 -4.71 -2.99 6.04
C VAL A 51 -4.64 -1.54 6.49
N GLN A 52 -3.42 -1.03 6.64
CA GLN A 52 -3.21 0.36 7.07
C GLN A 52 -2.38 1.13 6.05
N VAL A 53 -2.89 2.30 5.66
CA VAL A 53 -2.19 3.15 4.69
C VAL A 53 -2.12 4.59 5.17
N ALA A 54 -0.90 5.11 5.27
CA ALA A 54 -0.70 6.49 5.71
C ALA A 54 0.45 7.14 4.96
N VAL A 55 0.15 8.21 4.24
CA VAL A 55 1.17 8.93 3.47
C VAL A 55 1.59 10.20 4.19
N VAL A 56 2.91 10.39 4.30
CA VAL A 56 3.45 11.57 4.97
C VAL A 56 4.70 12.08 4.25
N PRO A 57 4.72 13.39 3.96
CA PRO A 57 5.85 14.04 3.27
C PRO A 57 7.10 14.10 4.15
N LYS A 58 8.23 13.71 3.58
CA LYS A 58 9.50 13.73 4.32
C LYS A 58 9.83 15.15 4.78
N ASP A 59 9.25 16.15 4.10
CA ASP A 59 9.49 17.54 4.45
C ASP A 59 8.65 17.95 5.66
N LYS A 60 7.34 18.03 5.46
CA LYS A 60 6.42 18.40 6.53
C LYS A 60 6.07 17.20 7.40
N LYS A 61 5.80 17.46 8.67
CA LYS A 61 5.45 16.40 9.61
C LYS A 61 3.96 16.46 9.96
N ASP A 62 3.37 17.63 9.82
CA ASP A 62 1.95 17.81 10.11
C ASP A 62 1.12 17.67 8.85
N SER A 63 1.37 18.52 7.87
CA SER A 63 0.63 18.49 6.61
C SER A 63 0.32 17.05 6.20
N PRO A 64 -0.92 16.61 6.49
CA PRO A 64 -1.37 15.26 6.16
C PRO A 64 -1.54 15.05 4.65
N VAL A 65 -1.82 13.81 4.26
CA VAL A 65 -2.01 13.49 2.85
C VAL A 65 -3.30 12.72 2.64
N ARG A 66 -4.18 13.26 1.81
CA ARG A 66 -5.46 12.62 1.51
C ARG A 66 -5.25 11.21 0.97
N THR A 67 -5.86 10.24 1.63
CA THR A 67 -5.74 8.84 1.22
C THR A 67 -7.11 8.15 1.21
N MET A 68 -7.20 7.05 0.47
CA MET A 68 -8.45 6.30 0.37
C MET A 68 -8.18 4.80 0.27
N VAL A 69 -8.87 4.02 1.10
CA VAL A 69 -8.69 2.58 1.11
C VAL A 69 -10.01 1.87 0.84
N GLN A 70 -10.10 1.21 -0.31
CA GLN A 70 -11.32 0.49 -0.68
C GLN A 70 -11.20 -0.99 -0.34
N ASP A 71 -11.87 -1.39 0.74
CA ASP A 71 -11.84 -2.79 1.19
C ASP A 71 -12.64 -3.67 0.24
N ASN A 72 -12.06 -4.80 -0.16
CA ASN A 72 -12.71 -5.72 -1.06
C ASN A 72 -12.73 -7.13 -0.48
N LYS A 73 -11.70 -7.47 0.28
CA LYS A 73 -11.59 -8.78 0.90
C LYS A 73 -11.75 -9.89 -0.13
N ASP A 74 -11.32 -9.61 -1.36
CA ASP A 74 -11.41 -10.58 -2.44
C ASP A 74 -10.02 -11.04 -2.88
N GLY A 75 -9.11 -11.13 -1.92
CA GLY A 75 -7.75 -11.54 -2.22
C GLY A 75 -6.78 -10.39 -2.27
N THR A 76 -7.23 -9.27 -2.82
CA THR A 76 -6.39 -8.07 -2.92
C THR A 76 -7.12 -6.84 -2.42
N TYR A 77 -6.41 -5.72 -2.38
CA TYR A 77 -6.99 -4.46 -1.90
C TYR A 77 -6.76 -3.35 -2.92
N TYR A 78 -7.51 -2.25 -2.76
CA TYR A 78 -7.39 -1.12 -3.66
C TYR A 78 -7.08 0.16 -2.89
N ILE A 79 -5.81 0.58 -2.94
CA ILE A 79 -5.39 1.79 -2.24
C ILE A 79 -5.14 2.93 -3.22
N SER A 80 -5.53 4.13 -2.81
CA SER A 80 -5.35 5.31 -3.67
C SER A 80 -4.98 6.53 -2.83
N TYR A 81 -4.11 7.37 -3.37
CA TYR A 81 -3.67 8.58 -2.67
C TYR A 81 -3.48 9.73 -3.64
N THR A 82 -3.70 10.96 -3.15
CA THR A 82 -3.54 12.14 -3.98
C THR A 82 -2.79 13.24 -3.23
N PRO A 83 -1.52 13.45 -3.61
CA PRO A 83 -0.65 14.46 -3.00
C PRO A 83 -1.10 15.88 -3.35
N LYS A 84 -0.91 16.80 -2.41
CA LYS A 84 -1.28 18.19 -2.63
C LYS A 84 -0.10 18.98 -3.19
N GLU A 85 1.07 18.82 -2.57
CA GLU A 85 2.27 19.52 -3.01
C GLU A 85 3.35 18.53 -3.44
N PRO A 86 4.24 18.98 -4.35
CA PRO A 86 5.33 18.16 -4.85
C PRO A 86 6.40 17.88 -3.80
N GLY A 87 7.18 16.83 -4.02
CA GLY A 87 8.22 16.47 -3.07
C GLY A 87 8.26 14.98 -2.79
N VAL A 88 9.16 14.58 -1.89
CA VAL A 88 9.29 13.18 -1.52
C VAL A 88 8.35 12.81 -0.37
N TYR A 89 7.62 11.71 -0.55
CA TYR A 89 6.68 11.26 0.46
C TYR A 89 7.04 9.86 0.96
N THR A 90 6.34 9.40 1.99
CA THR A 90 6.59 8.08 2.55
C THR A 90 5.29 7.30 2.73
N VAL A 91 5.11 6.25 1.92
CA VAL A 91 3.92 5.43 2.00
C VAL A 91 4.04 4.38 3.10
N TRP A 92 3.32 4.58 4.20
CA TRP A 92 3.35 3.65 5.31
C TRP A 92 2.34 2.53 5.12
N VAL A 93 2.83 1.36 4.68
CA VAL A 93 1.97 0.21 4.45
C VAL A 93 2.22 -0.87 5.49
N CYS A 94 1.30 -1.00 6.44
CA CYS A 94 1.41 -2.00 7.49
C CYS A 94 0.09 -2.73 7.70
N ILE A 95 0.17 -4.03 7.95
CA ILE A 95 -1.02 -4.84 8.17
C ILE A 95 -1.03 -5.43 9.58
N LYS A 96 -2.11 -5.17 10.31
CA LYS A 96 -2.25 -5.67 11.67
C LYS A 96 -1.07 -5.23 12.54
N GLU A 97 -0.71 -3.95 12.43
CA GLU A 97 0.39 -3.41 13.20
C GLU A 97 1.71 -4.08 12.83
N GLN A 98 1.91 -4.30 11.53
CA GLN A 98 3.13 -4.93 11.04
C GLN A 98 3.51 -4.38 9.66
N HIS A 99 4.80 -4.15 9.48
CA HIS A 99 5.31 -3.63 8.21
C HIS A 99 5.44 -4.74 7.17
N VAL A 100 5.07 -4.43 5.94
CA VAL A 100 5.16 -5.41 4.85
C VAL A 100 6.49 -5.31 4.12
N GLN A 101 6.67 -6.17 3.12
CA GLN A 101 7.91 -6.18 2.34
C GLN A 101 8.07 -4.86 1.58
N GLY A 102 9.32 -4.54 1.25
CA GLY A 102 9.60 -3.31 0.54
C GLY A 102 8.77 -2.14 1.02
N SER A 103 8.70 -1.98 2.34
CA SER A 103 7.92 -0.89 2.94
C SER A 103 8.38 -0.62 4.37
N PRO A 104 8.21 0.63 4.81
CA PRO A 104 7.63 1.69 3.99
C PRO A 104 8.55 2.11 2.85
N PHE A 105 7.96 2.69 1.80
CA PHE A 105 8.73 3.14 0.65
C PHE A 105 8.47 4.61 0.37
N THR A 106 9.48 5.30 -0.17
CA THR A 106 9.37 6.71 -0.49
C THR A 106 8.72 6.92 -1.85
N VAL A 107 8.15 8.10 -2.07
CA VAL A 107 7.50 8.43 -3.33
C VAL A 107 7.99 9.78 -3.86
N THR A 108 8.32 9.81 -5.15
CA THR A 108 8.80 11.03 -5.78
C THR A 108 7.67 11.75 -6.52
N VAL A 109 7.15 12.80 -5.91
CA VAL A 109 6.06 13.57 -6.51
C VAL A 109 6.60 14.77 -7.27
N ARG A 110 6.19 14.90 -8.53
CA ARG A 110 6.64 16.00 -9.38
C ARG A 110 5.59 17.11 -9.41
N ARG A 111 5.95 18.23 -10.02
CA ARG A 111 5.04 19.37 -10.12
C ARG A 111 4.14 19.24 -11.34
N LYS A 112 2.87 19.61 -11.16
CA LYS A 112 1.90 19.52 -12.26
C LYS A 112 1.93 20.79 -13.11
N HIS A 113 1.18 20.77 -14.21
CA HIS A 113 1.14 21.92 -15.11
C HIS A 113 -0.32 22.33 -15.37
N GLY A 1 -1.41 -27.31 -3.15
CA GLY A 1 -1.71 -27.27 -4.57
C GLY A 1 -3.08 -26.67 -4.85
N SER A 2 -4.11 -27.51 -4.73
CA SER A 2 -5.48 -27.06 -4.98
C SER A 2 -5.92 -26.04 -3.93
N SER A 3 -5.62 -26.33 -2.67
CA SER A 3 -5.99 -25.44 -1.57
C SER A 3 -4.80 -25.17 -0.67
N GLY A 4 -4.62 -23.89 -0.32
CA GLY A 4 -3.50 -23.52 0.53
C GLY A 4 -3.97 -22.93 1.86
N SER A 5 -3.37 -21.81 2.25
CA SER A 5 -3.71 -21.16 3.50
C SER A 5 -3.47 -22.09 4.68
N SER A 6 -2.35 -22.80 4.65
CA SER A 6 -1.99 -23.73 5.71
C SER A 6 -1.90 -23.01 7.05
N GLY A 7 -1.33 -21.81 7.04
CA GLY A 7 -1.19 -21.03 8.26
C GLY A 7 -2.06 -19.80 8.26
N GLU A 8 -1.43 -18.63 8.22
CA GLU A 8 -2.16 -17.37 8.22
C GLU A 8 -1.48 -16.34 7.33
N VAL A 9 -2.09 -15.17 7.19
CA VAL A 9 -1.54 -14.10 6.36
C VAL A 9 -0.33 -13.46 7.02
N ASP A 10 0.65 -13.11 6.21
CA ASP A 10 1.87 -12.48 6.73
C ASP A 10 2.28 -11.28 5.86
N PRO A 11 2.68 -10.19 6.52
CA PRO A 11 3.09 -8.97 5.83
C PRO A 11 4.42 -9.13 5.10
N ALA A 12 5.40 -9.73 5.78
CA ALA A 12 6.71 -9.96 5.18
C ALA A 12 6.59 -10.68 3.84
N LYS A 13 5.50 -11.40 3.66
CA LYS A 13 5.26 -12.15 2.42
C LYS A 13 4.45 -11.32 1.43
N CYS A 14 3.60 -10.43 1.97
CA CYS A 14 2.77 -9.58 1.14
C CYS A 14 3.61 -8.74 0.19
N VAL A 15 2.98 -8.15 -0.82
CA VAL A 15 3.68 -7.32 -1.79
C VAL A 15 2.78 -6.20 -2.30
N LEU A 16 3.33 -5.36 -3.17
CA LEU A 16 2.58 -4.24 -3.73
C LEU A 16 2.76 -4.19 -5.25
N GLN A 17 1.71 -3.74 -5.94
CA GLN A 17 1.74 -3.64 -7.39
C GLN A 17 1.89 -2.18 -7.83
N GLY A 18 2.29 -1.99 -9.09
CA GLY A 18 2.45 -0.64 -9.61
C GLY A 18 3.87 -0.38 -10.09
N GLU A 19 4.11 -0.62 -11.37
CA GLU A 19 5.43 -0.41 -11.95
C GLU A 19 5.99 0.95 -11.54
N ASP A 20 5.15 1.97 -11.60
CA ASP A 20 5.56 3.32 -11.23
C ASP A 20 4.98 3.72 -9.88
N LEU A 21 5.47 3.09 -8.82
CA LEU A 21 5.00 3.38 -7.47
C LEU A 21 5.81 4.51 -6.83
N HIS A 22 7.13 4.40 -6.92
CA HIS A 22 8.02 5.41 -6.36
C HIS A 22 7.91 6.71 -7.13
N ARG A 23 7.25 6.66 -8.29
CA ARG A 23 7.09 7.85 -9.12
C ARG A 23 5.66 8.39 -9.03
N ALA A 24 5.54 9.68 -8.79
CA ALA A 24 4.23 10.32 -8.69
C ALA A 24 4.29 11.77 -9.16
N ARG A 25 3.11 12.36 -9.36
CA ARG A 25 3.02 13.74 -9.81
C ARG A 25 2.05 14.54 -8.95
N GLU A 26 2.41 15.79 -8.65
CA GLU A 26 1.56 16.65 -7.83
C GLU A 26 0.11 16.56 -8.29
N LYS A 27 -0.80 16.43 -7.32
CA LYS A 27 -2.23 16.35 -7.61
C LYS A 27 -2.50 15.23 -8.61
N GLN A 28 -1.86 14.08 -8.41
CA GLN A 28 -2.05 12.94 -9.29
C GLN A 28 -2.67 11.77 -8.54
N THR A 29 -3.55 11.03 -9.22
CA THR A 29 -4.21 9.88 -8.62
C THR A 29 -3.40 8.60 -8.83
N ALA A 30 -2.72 8.16 -7.78
CA ALA A 30 -1.91 6.95 -7.86
C ALA A 30 -2.58 5.80 -7.12
N SER A 31 -2.89 4.73 -7.85
CA SER A 31 -3.54 3.56 -7.27
C SER A 31 -2.70 2.31 -7.51
N PHE A 32 -2.67 1.43 -6.51
CA PHE A 32 -1.91 0.18 -6.60
C PHE A 32 -2.69 -0.97 -5.98
N THR A 33 -2.20 -2.19 -6.20
CA THR A 33 -2.84 -3.38 -5.66
C THR A 33 -1.99 -4.05 -4.59
N LEU A 34 -2.61 -4.42 -3.49
CA LEU A 34 -1.90 -5.05 -2.39
C LEU A 34 -2.28 -6.53 -2.28
N LEU A 35 -1.35 -7.40 -2.67
CA LEU A 35 -1.59 -8.84 -2.61
C LEU A 35 -1.39 -9.37 -1.20
N CYS A 36 -2.11 -10.43 -0.87
CA CYS A 36 -2.02 -11.04 0.46
C CYS A 36 -1.63 -12.51 0.35
N LYS A 37 -0.42 -12.83 0.81
CA LYS A 37 0.08 -14.19 0.76
C LYS A 37 0.18 -14.78 2.17
N ASP A 38 0.36 -16.09 2.25
CA ASP A 38 0.48 -16.78 3.53
C ASP A 38 1.89 -16.65 4.09
N ALA A 39 2.10 -17.15 5.30
CA ALA A 39 3.40 -17.11 5.94
C ALA A 39 4.45 -17.82 5.09
N ALA A 40 4.00 -18.72 4.22
CA ALA A 40 4.90 -19.47 3.36
C ALA A 40 5.23 -18.68 2.10
N GLY A 41 4.40 -17.69 1.79
CA GLY A 41 4.62 -16.87 0.61
C GLY A 41 3.80 -17.32 -0.57
N GLU A 42 2.68 -17.99 -0.30
CA GLU A 42 1.80 -18.48 -1.35
C GLU A 42 0.42 -17.84 -1.26
N ILE A 43 -0.30 -17.84 -2.37
CA ILE A 43 -1.64 -17.26 -2.41
C ILE A 43 -2.55 -17.89 -1.37
N MET A 44 -3.41 -17.07 -0.78
CA MET A 44 -4.34 -17.55 0.24
C MET A 44 -5.78 -17.51 -0.27
N GLY A 45 -6.08 -16.54 -1.13
CA GLY A 45 -7.41 -16.40 -1.68
C GLY A 45 -8.43 -15.99 -0.64
N ARG A 46 -8.02 -15.11 0.28
CA ARG A 46 -8.91 -14.64 1.34
C ARG A 46 -8.46 -13.29 1.85
N GLY A 47 -9.32 -12.64 2.63
CA GLY A 47 -9.00 -11.34 3.18
C GLY A 47 -9.00 -11.33 4.70
N GLY A 48 -9.83 -10.48 5.29
CA GLY A 48 -9.90 -10.39 6.73
C GLY A 48 -8.59 -9.94 7.35
N ASP A 49 -7.98 -8.92 6.77
CA ASP A 49 -6.71 -8.39 7.26
C ASP A 49 -6.78 -6.87 7.43
N ASN A 50 -6.46 -6.40 8.62
CA ASN A 50 -6.48 -4.97 8.91
C ASN A 50 -5.30 -4.27 8.28
N VAL A 51 -5.53 -3.66 7.12
CA VAL A 51 -4.47 -2.94 6.41
C VAL A 51 -4.43 -1.47 6.82
N GLN A 52 -3.22 -0.94 6.97
CA GLN A 52 -3.04 0.46 7.36
C GLN A 52 -2.30 1.23 6.28
N VAL A 53 -2.89 2.34 5.85
CA VAL A 53 -2.29 3.19 4.82
C VAL A 53 -2.26 4.64 5.24
N ALA A 54 -1.06 5.20 5.35
CA ALA A 54 -0.90 6.60 5.74
C ALA A 54 0.23 7.26 4.96
N VAL A 55 -0.13 8.22 4.11
CA VAL A 55 0.86 8.93 3.30
C VAL A 55 1.27 10.24 3.97
N VAL A 56 2.57 10.40 4.20
CA VAL A 56 3.09 11.60 4.83
C VAL A 56 4.34 12.10 4.12
N PRO A 57 4.34 13.37 3.72
CA PRO A 57 5.48 13.99 3.02
C PRO A 57 6.68 14.18 3.94
N LYS A 58 7.83 13.64 3.52
CA LYS A 58 9.06 13.75 4.30
C LYS A 58 9.39 15.21 4.60
N ASP A 59 8.81 16.11 3.80
CA ASP A 59 9.04 17.54 3.98
C ASP A 59 8.27 18.07 5.19
N LYS A 60 6.96 18.01 5.13
CA LYS A 60 6.10 18.47 6.22
C LYS A 60 5.59 17.31 7.05
N LYS A 61 5.64 17.45 8.37
CA LYS A 61 5.18 16.40 9.27
C LYS A 61 3.68 16.53 9.52
N ASP A 62 3.19 17.76 9.54
CA ASP A 62 1.77 18.02 9.77
C ASP A 62 0.96 17.79 8.49
N SER A 63 1.16 18.67 7.50
CA SER A 63 0.44 18.56 6.24
C SER A 63 0.16 17.11 5.89
N PRO A 64 -1.04 16.64 6.24
CA PRO A 64 -1.46 15.26 5.98
C PRO A 64 -1.69 15.00 4.49
N VAL A 65 -2.10 13.78 4.16
CA VAL A 65 -2.34 13.40 2.77
C VAL A 65 -3.60 12.54 2.65
N ARG A 66 -4.59 13.07 1.94
CA ARG A 66 -5.85 12.35 1.75
C ARG A 66 -5.62 11.01 1.06
N THR A 67 -6.10 9.94 1.68
CA THR A 67 -5.94 8.60 1.12
C THR A 67 -7.26 7.84 1.14
N MET A 68 -7.36 6.82 0.29
CA MET A 68 -8.58 6.01 0.22
C MET A 68 -8.23 4.52 0.18
N VAL A 69 -9.01 3.72 0.89
CA VAL A 69 -8.78 2.29 0.94
C VAL A 69 -10.10 1.52 0.82
N GLN A 70 -10.32 0.92 -0.35
CA GLN A 70 -11.54 0.16 -0.59
C GLN A 70 -11.37 -1.31 -0.18
N ASP A 71 -11.83 -1.64 1.02
CA ASP A 71 -11.72 -3.00 1.52
C ASP A 71 -12.58 -3.96 0.69
N ASN A 72 -11.92 -4.89 0.01
CA ASN A 72 -12.60 -5.87 -0.82
C ASN A 72 -12.50 -7.27 -0.22
N LYS A 73 -11.52 -7.45 0.66
CA LYS A 73 -11.30 -8.75 1.31
C LYS A 73 -11.49 -9.89 0.31
N ASP A 74 -11.17 -9.63 -0.95
CA ASP A 74 -11.30 -10.63 -2.00
C ASP A 74 -9.94 -11.08 -2.50
N GLY A 75 -8.96 -11.10 -1.60
CA GLY A 75 -7.62 -11.50 -1.97
C GLY A 75 -6.71 -10.33 -2.27
N THR A 76 -7.31 -9.23 -2.74
CA THR A 76 -6.54 -8.03 -3.07
C THR A 76 -7.27 -6.78 -2.58
N TYR A 77 -6.50 -5.71 -2.35
CA TYR A 77 -7.07 -4.45 -1.89
C TYR A 77 -6.81 -3.34 -2.89
N TYR A 78 -7.61 -2.28 -2.81
CA TYR A 78 -7.47 -1.14 -3.71
C TYR A 78 -7.16 0.14 -2.93
N ILE A 79 -5.92 0.60 -3.04
CA ILE A 79 -5.50 1.81 -2.36
C ILE A 79 -5.30 2.96 -3.33
N SER A 80 -5.74 4.16 -2.95
CA SER A 80 -5.62 5.33 -3.79
C SER A 80 -5.21 6.55 -2.97
N TYR A 81 -4.26 7.32 -3.50
CA TYR A 81 -3.78 8.51 -2.81
C TYR A 81 -3.40 9.60 -3.80
N THR A 82 -3.70 10.85 -3.46
CA THR A 82 -3.39 11.99 -4.32
C THR A 82 -2.69 13.10 -3.54
N PRO A 83 -1.40 13.31 -3.86
CA PRO A 83 -0.59 14.33 -3.20
C PRO A 83 -1.02 15.74 -3.59
N LYS A 84 -0.68 16.71 -2.74
CA LYS A 84 -1.03 18.11 -3.00
C LYS A 84 0.20 18.92 -3.38
N GLU A 85 1.31 18.68 -2.68
CA GLU A 85 2.55 19.39 -2.95
C GLU A 85 3.64 18.42 -3.43
N PRO A 86 4.53 18.92 -4.29
CA PRO A 86 5.63 18.12 -4.83
C PRO A 86 6.68 17.78 -3.79
N GLY A 87 7.41 16.69 -4.02
CA GLY A 87 8.44 16.28 -3.08
C GLY A 87 8.41 14.79 -2.81
N VAL A 88 9.30 14.33 -1.94
CA VAL A 88 9.38 12.92 -1.59
C VAL A 88 8.40 12.58 -0.47
N TYR A 89 7.58 11.56 -0.69
CA TYR A 89 6.60 11.14 0.30
C TYR A 89 6.95 9.76 0.86
N THR A 90 6.34 9.42 1.99
CA THR A 90 6.57 8.13 2.62
C THR A 90 5.27 7.35 2.80
N VAL A 91 5.04 6.39 1.92
CA VAL A 91 3.83 5.56 1.98
C VAL A 91 3.96 4.48 3.04
N TRP A 92 3.24 4.65 4.15
CA TRP A 92 3.27 3.68 5.24
C TRP A 92 2.22 2.61 5.04
N VAL A 93 2.66 1.37 4.88
CA VAL A 93 1.76 0.25 4.68
C VAL A 93 2.11 -0.92 5.60
N CYS A 94 1.30 -1.10 6.64
CA CYS A 94 1.53 -2.18 7.60
C CYS A 94 0.24 -2.96 7.86
N ILE A 95 0.37 -4.26 8.06
CA ILE A 95 -0.78 -5.11 8.32
C ILE A 95 -0.67 -5.79 9.69
N LYS A 96 -1.69 -5.57 10.52
CA LYS A 96 -1.71 -6.16 11.85
C LYS A 96 -0.51 -5.69 12.67
N GLU A 97 -0.23 -4.39 12.62
CA GLU A 97 0.89 -3.82 13.36
C GLU A 97 2.21 -4.42 12.88
N GLN A 98 2.34 -4.60 11.57
CA GLN A 98 3.55 -5.16 10.99
C GLN A 98 3.80 -4.58 9.59
N HIS A 99 5.02 -4.09 9.38
CA HIS A 99 5.40 -3.51 8.09
C HIS A 99 5.65 -4.60 7.06
N VAL A 100 4.96 -4.50 5.92
CA VAL A 100 5.10 -5.48 4.85
C VAL A 100 6.33 -5.17 4.00
N GLN A 101 6.55 -6.01 2.98
CA GLN A 101 7.69 -5.83 2.10
C GLN A 101 7.63 -4.47 1.41
N GLY A 102 8.78 -4.00 0.92
CA GLY A 102 8.84 -2.71 0.26
C GLY A 102 7.91 -1.69 0.89
N SER A 103 7.99 -1.56 2.21
CA SER A 103 7.15 -0.61 2.93
C SER A 103 7.68 -0.39 4.34
N PRO A 104 7.76 0.88 4.75
CA PRO A 104 7.36 2.01 3.90
C PRO A 104 8.32 2.23 2.74
N PHE A 105 7.94 3.11 1.83
CA PHE A 105 8.77 3.41 0.66
C PHE A 105 8.64 4.88 0.26
N THR A 106 9.70 5.41 -0.34
CA THR A 106 9.71 6.80 -0.78
C THR A 106 9.00 6.97 -2.11
N VAL A 107 8.48 8.17 -2.35
CA VAL A 107 7.78 8.46 -3.60
C VAL A 107 8.04 9.88 -4.05
N THR A 108 8.65 10.02 -5.23
CA THR A 108 8.96 11.34 -5.79
C THR A 108 7.75 11.94 -6.49
N VAL A 109 7.27 13.06 -5.97
CA VAL A 109 6.11 13.74 -6.55
C VAL A 109 6.52 15.03 -7.25
N ARG A 110 6.44 15.03 -8.58
CA ARG A 110 6.80 16.19 -9.37
C ARG A 110 5.89 17.38 -9.05
N ARG A 111 6.20 18.53 -9.63
CA ARG A 111 5.40 19.73 -9.41
C ARG A 111 4.47 19.99 -10.59
N LYS A 112 3.21 20.24 -10.29
CA LYS A 112 2.22 20.51 -11.33
C LYS A 112 2.56 21.77 -12.11
N HIS A 113 2.43 21.72 -13.42
CA HIS A 113 2.72 22.86 -14.28
C HIS A 113 1.60 23.89 -14.20
N GLY A 1 -9.60 -29.42 -8.62
CA GLY A 1 -9.05 -29.48 -7.28
C GLY A 1 -9.53 -28.34 -6.41
N SER A 2 -9.33 -28.47 -5.10
CA SER A 2 -9.75 -27.44 -4.16
C SER A 2 -8.58 -26.54 -3.78
N SER A 3 -8.41 -25.45 -4.53
CA SER A 3 -7.32 -24.51 -4.27
C SER A 3 -7.73 -23.48 -3.21
N GLY A 4 -7.07 -23.54 -2.06
CA GLY A 4 -7.38 -22.61 -0.99
C GLY A 4 -6.13 -21.99 -0.40
N SER A 5 -5.88 -22.27 0.88
CA SER A 5 -4.72 -21.72 1.57
C SER A 5 -4.01 -22.81 2.38
N SER A 6 -2.84 -22.46 2.92
CA SER A 6 -2.07 -23.40 3.71
C SER A 6 -2.11 -23.03 5.19
N GLY A 7 -1.89 -21.75 5.48
CA GLY A 7 -1.91 -21.29 6.86
C GLY A 7 -2.57 -19.93 7.00
N GLU A 8 -1.86 -18.99 7.62
CA GLU A 8 -2.39 -17.65 7.82
C GLU A 8 -1.69 -16.65 6.91
N VAL A 9 -2.10 -15.39 6.99
CA VAL A 9 -1.51 -14.33 6.18
C VAL A 9 -0.34 -13.67 6.90
N ASP A 10 0.71 -13.38 6.14
CA ASP A 10 1.91 -12.76 6.71
C ASP A 10 2.25 -11.48 5.95
N PRO A 11 2.60 -10.42 6.69
CA PRO A 11 2.96 -9.12 6.10
C PRO A 11 4.30 -9.17 5.37
N ALA A 12 5.26 -9.89 5.95
CA ALA A 12 6.58 -10.03 5.35
C ALA A 12 6.50 -10.70 3.98
N LYS A 13 5.45 -11.49 3.77
CA LYS A 13 5.25 -12.19 2.51
C LYS A 13 4.43 -11.35 1.54
N CYS A 14 3.62 -10.45 2.09
CA CYS A 14 2.78 -9.58 1.26
C CYS A 14 3.63 -8.75 0.32
N VAL A 15 2.98 -8.19 -0.71
CA VAL A 15 3.68 -7.36 -1.69
C VAL A 15 2.76 -6.28 -2.24
N LEU A 16 3.35 -5.34 -2.97
CA LEU A 16 2.59 -4.24 -3.55
C LEU A 16 2.83 -4.14 -5.05
N GLN A 17 1.75 -3.98 -5.82
CA GLN A 17 1.85 -3.87 -7.27
C GLN A 17 1.71 -2.42 -7.72
N GLY A 18 2.06 -2.16 -8.98
CA GLY A 18 1.97 -0.82 -9.51
C GLY A 18 3.22 -0.39 -10.25
N GLU A 19 3.04 0.08 -11.48
CA GLU A 19 4.17 0.53 -12.30
C GLU A 19 4.79 1.79 -11.72
N ASP A 20 6.08 1.71 -11.39
CA ASP A 20 6.79 2.86 -10.84
C ASP A 20 6.16 3.30 -9.52
N LEU A 21 5.97 2.36 -8.61
CA LEU A 21 5.37 2.66 -7.31
C LEU A 21 6.16 3.74 -6.58
N HIS A 22 7.41 3.93 -7.01
CA HIS A 22 8.28 4.93 -6.39
C HIS A 22 8.25 6.24 -7.19
N ARG A 23 7.18 6.43 -7.96
CA ARG A 23 7.02 7.64 -8.76
C ARG A 23 5.60 8.18 -8.68
N ALA A 24 5.47 9.50 -8.62
CA ALA A 24 4.17 10.14 -8.54
C ALA A 24 4.19 11.52 -9.20
N ARG A 25 3.00 12.04 -9.48
CA ARG A 25 2.88 13.35 -10.11
C ARG A 25 1.94 14.25 -9.32
N GLU A 26 2.34 15.52 -9.15
CA GLU A 26 1.53 16.48 -8.41
C GLU A 26 0.06 16.34 -8.76
N LYS A 27 -0.81 16.54 -7.77
CA LYS A 27 -2.24 16.44 -7.98
C LYS A 27 -2.58 15.29 -8.93
N GLN A 28 -2.06 14.10 -8.62
CA GLN A 28 -2.31 12.93 -9.45
C GLN A 28 -2.88 11.78 -8.61
N THR A 29 -3.77 11.01 -9.21
CA THR A 29 -4.39 9.89 -8.52
C THR A 29 -3.57 8.61 -8.69
N ALA A 30 -2.81 8.26 -7.66
CA ALA A 30 -1.98 7.07 -7.69
C ALA A 30 -2.64 5.91 -6.95
N SER A 31 -2.88 4.81 -7.66
CA SER A 31 -3.51 3.64 -7.07
C SER A 31 -2.67 2.40 -7.29
N PHE A 32 -2.58 1.55 -6.26
CA PHE A 32 -1.80 0.32 -6.34
C PHE A 32 -2.58 -0.85 -5.76
N THR A 33 -2.18 -2.06 -6.14
CA THR A 33 -2.85 -3.27 -5.66
C THR A 33 -2.00 -3.97 -4.60
N LEU A 34 -2.58 -4.17 -3.43
CA LEU A 34 -1.89 -4.83 -2.33
C LEU A 34 -2.29 -6.30 -2.23
N LEU A 35 -1.38 -7.19 -2.62
CA LEU A 35 -1.64 -8.62 -2.57
C LEU A 35 -1.43 -9.16 -1.16
N CYS A 36 -2.06 -10.29 -0.87
CA CYS A 36 -1.95 -10.92 0.44
C CYS A 36 -1.51 -12.38 0.31
N LYS A 37 -0.33 -12.68 0.83
CA LYS A 37 0.21 -14.04 0.77
C LYS A 37 0.35 -14.63 2.16
N ASP A 38 0.40 -15.96 2.23
CA ASP A 38 0.53 -16.64 3.51
C ASP A 38 1.99 -16.71 3.95
N ALA A 39 2.23 -17.35 5.09
CA ALA A 39 3.58 -17.49 5.62
C ALA A 39 4.47 -18.27 4.65
N ALA A 40 3.84 -18.92 3.68
CA ALA A 40 4.58 -19.71 2.70
C ALA A 40 5.00 -18.84 1.51
N GLY A 41 4.43 -17.64 1.43
CA GLY A 41 4.76 -16.73 0.35
C GLY A 41 4.02 -17.07 -0.94
N GLU A 42 2.82 -17.62 -0.79
CA GLU A 42 2.01 -18.01 -1.95
C GLU A 42 0.60 -17.43 -1.83
N ILE A 43 -0.09 -17.35 -2.96
CA ILE A 43 -1.45 -16.83 -2.99
C ILE A 43 -2.38 -17.66 -2.10
N MET A 44 -3.13 -16.97 -1.24
CA MET A 44 -4.07 -17.64 -0.35
C MET A 44 -5.48 -17.63 -0.91
N GLY A 45 -5.84 -16.52 -1.57
CA GLY A 45 -7.16 -16.41 -2.15
C GLY A 45 -8.21 -15.99 -1.13
N ARG A 46 -7.83 -15.08 -0.23
CA ARG A 46 -8.75 -14.61 0.80
C ARG A 46 -8.23 -13.32 1.43
N GLY A 47 -9.15 -12.51 1.94
CA GLY A 47 -8.77 -11.26 2.57
C GLY A 47 -8.84 -11.32 4.08
N GLY A 48 -9.85 -10.67 4.65
CA GLY A 48 -10.01 -10.67 6.09
C GLY A 48 -8.76 -10.18 6.81
N ASP A 49 -8.34 -8.97 6.50
CA ASP A 49 -7.15 -8.39 7.12
C ASP A 49 -7.34 -6.89 7.36
N ASN A 50 -6.42 -6.30 8.12
CA ASN A 50 -6.48 -4.88 8.43
C ASN A 50 -5.30 -4.14 7.81
N VAL A 51 -5.56 -3.49 6.66
CA VAL A 51 -4.53 -2.74 5.97
C VAL A 51 -4.47 -1.29 6.45
N GLN A 52 -3.32 -0.90 6.98
CA GLN A 52 -3.14 0.46 7.49
C GLN A 52 -2.32 1.30 6.51
N VAL A 53 -2.94 2.35 5.97
CA VAL A 53 -2.27 3.23 5.03
C VAL A 53 -2.11 4.64 5.60
N ALA A 54 -0.92 5.20 5.44
CA ALA A 54 -0.63 6.54 5.94
C ALA A 54 0.51 7.18 5.17
N VAL A 55 0.20 8.22 4.40
CA VAL A 55 1.20 8.93 3.61
C VAL A 55 1.50 10.30 4.20
N VAL A 56 2.77 10.56 4.47
CA VAL A 56 3.18 11.84 5.04
C VAL A 56 4.39 12.41 4.29
N PRO A 57 4.34 13.72 4.01
CA PRO A 57 5.41 14.41 3.29
C PRO A 57 6.69 14.54 4.13
N LYS A 58 7.82 14.24 3.52
CA LYS A 58 9.10 14.32 4.21
C LYS A 58 9.44 15.77 4.57
N ASP A 59 8.72 16.71 3.96
CA ASP A 59 8.94 18.13 4.23
C ASP A 59 8.30 18.53 5.55
N LYS A 60 6.99 18.29 5.66
CA LYS A 60 6.25 18.64 6.87
C LYS A 60 5.95 17.39 7.69
N LYS A 61 5.85 17.57 9.00
CA LYS A 61 5.57 16.45 9.91
C LYS A 61 4.10 16.44 10.29
N ASP A 62 3.34 17.40 9.78
CA ASP A 62 1.91 17.50 10.07
C ASP A 62 1.09 17.37 8.79
N SER A 63 1.28 18.32 7.87
CA SER A 63 0.55 18.31 6.61
C SER A 63 0.28 16.88 6.14
N PRO A 64 -0.92 16.38 6.45
CA PRO A 64 -1.33 15.03 6.06
C PRO A 64 -1.55 14.88 4.57
N VAL A 65 -1.94 13.68 4.14
CA VAL A 65 -2.17 13.41 2.72
C VAL A 65 -3.48 12.65 2.52
N ARG A 66 -4.44 13.30 1.87
CA ARG A 66 -5.74 12.68 1.61
C ARG A 66 -5.58 11.35 0.90
N THR A 67 -5.79 10.26 1.64
CA THR A 67 -5.66 8.92 1.07
C THR A 67 -7.01 8.22 1.03
N MET A 68 -7.07 7.10 0.29
CA MET A 68 -8.30 6.34 0.16
C MET A 68 -8.01 4.84 0.15
N VAL A 69 -8.84 4.07 0.84
CA VAL A 69 -8.68 2.62 0.90
C VAL A 69 -10.01 1.91 0.74
N GLN A 70 -10.14 1.14 -0.34
CA GLN A 70 -11.36 0.40 -0.62
C GLN A 70 -11.18 -1.09 -0.33
N ASP A 71 -11.28 -1.45 0.94
CA ASP A 71 -11.13 -2.84 1.34
C ASP A 71 -12.17 -3.73 0.67
N ASN A 72 -11.73 -4.86 0.14
CA ASN A 72 -12.63 -5.80 -0.53
C ASN A 72 -12.57 -7.18 0.11
N LYS A 73 -11.59 -7.37 0.99
CA LYS A 73 -11.42 -8.64 1.68
C LYS A 73 -11.49 -9.81 0.70
N ASP A 74 -11.11 -9.55 -0.55
CA ASP A 74 -11.13 -10.58 -1.58
C ASP A 74 -9.71 -10.99 -1.96
N GLY A 75 -8.81 -10.95 -0.99
CA GLY A 75 -7.42 -11.32 -1.25
C GLY A 75 -6.61 -10.17 -1.79
N THR A 76 -7.29 -9.11 -2.23
CA THR A 76 -6.62 -7.94 -2.79
C THR A 76 -7.27 -6.65 -2.29
N TYR A 77 -6.44 -5.64 -2.05
CA TYR A 77 -6.93 -4.36 -1.57
C TYR A 77 -6.69 -3.26 -2.60
N TYR A 78 -7.54 -2.24 -2.58
CA TYR A 78 -7.42 -1.12 -3.51
C TYR A 78 -7.16 0.18 -2.78
N ILE A 79 -5.94 0.68 -2.88
CA ILE A 79 -5.55 1.92 -2.22
C ILE A 79 -5.29 3.02 -3.24
N SER A 80 -5.59 4.26 -2.85
CA SER A 80 -5.39 5.41 -3.73
C SER A 80 -5.01 6.64 -2.94
N TYR A 81 -4.10 7.45 -3.49
CA TYR A 81 -3.64 8.67 -2.83
C TYR A 81 -3.35 9.76 -3.85
N THR A 82 -3.65 11.01 -3.48
CA THR A 82 -3.43 12.14 -4.35
C THR A 82 -2.69 13.26 -3.62
N PRO A 83 -1.41 13.46 -3.98
CA PRO A 83 -0.57 14.49 -3.37
C PRO A 83 -1.00 15.90 -3.77
N LYS A 84 -1.12 16.78 -2.80
CA LYS A 84 -1.52 18.16 -3.04
C LYS A 84 -0.35 18.99 -3.58
N GLU A 85 0.82 18.81 -2.98
CA GLU A 85 2.02 19.52 -3.38
C GLU A 85 3.12 18.56 -3.80
N PRO A 86 3.99 19.01 -4.72
CA PRO A 86 5.11 18.20 -5.21
C PRO A 86 6.19 17.99 -4.16
N GLY A 87 6.95 16.91 -4.32
CA GLY A 87 8.01 16.62 -3.36
C GLY A 87 8.03 15.16 -2.97
N VAL A 88 8.98 14.80 -2.11
CA VAL A 88 9.11 13.41 -1.65
C VAL A 88 8.13 13.12 -0.52
N TYR A 89 7.60 11.90 -0.52
CA TYR A 89 6.63 11.49 0.50
C TYR A 89 6.99 10.11 1.06
N THR A 90 6.32 9.73 2.14
CA THR A 90 6.56 8.44 2.77
C THR A 90 5.26 7.65 2.92
N VAL A 91 5.17 6.53 2.21
CA VAL A 91 3.98 5.69 2.27
C VAL A 91 4.14 4.62 3.35
N TRP A 92 3.13 4.53 4.23
CA TRP A 92 3.15 3.55 5.30
C TRP A 92 2.15 2.43 5.04
N VAL A 93 2.64 1.21 4.90
CA VAL A 93 1.78 0.06 4.65
C VAL A 93 2.10 -1.08 5.60
N CYS A 94 1.21 -1.31 6.56
CA CYS A 94 1.39 -2.38 7.54
C CYS A 94 0.10 -3.17 7.73
N ILE A 95 0.24 -4.47 7.95
CA ILE A 95 -0.92 -5.33 8.15
C ILE A 95 -0.92 -5.93 9.55
N LYS A 96 -1.95 -5.63 10.32
CA LYS A 96 -2.08 -6.14 11.68
C LYS A 96 -0.92 -5.66 12.55
N GLU A 97 -0.65 -4.37 12.51
CA GLU A 97 0.44 -3.79 13.30
C GLU A 97 1.78 -4.41 12.91
N GLN A 98 1.97 -4.63 11.61
CA GLN A 98 3.21 -5.23 11.12
C GLN A 98 3.55 -4.68 9.73
N HIS A 99 4.79 -4.19 9.58
CA HIS A 99 5.23 -3.65 8.31
C HIS A 99 5.47 -4.76 7.30
N VAL A 100 4.95 -4.56 6.08
CA VAL A 100 5.10 -5.55 5.02
C VAL A 100 6.43 -5.39 4.31
N GLN A 101 6.65 -6.18 3.26
CA GLN A 101 7.88 -6.12 2.49
C GLN A 101 7.92 -4.89 1.61
N GLY A 102 9.10 -4.30 1.46
CA GLY A 102 9.25 -3.11 0.65
C GLY A 102 8.42 -1.95 1.15
N SER A 103 8.26 -1.87 2.48
CA SER A 103 7.48 -0.80 3.09
C SER A 103 8.01 -0.48 4.48
N PRO A 104 7.98 0.82 4.83
CA PRO A 104 7.48 1.87 3.95
C PRO A 104 8.40 2.12 2.76
N PHE A 105 7.92 2.91 1.80
CA PHE A 105 8.71 3.22 0.61
C PHE A 105 8.61 4.71 0.27
N THR A 106 9.67 5.24 -0.32
CA THR A 106 9.71 6.65 -0.71
C THR A 106 9.01 6.87 -2.05
N VAL A 107 8.44 8.06 -2.22
CA VAL A 107 7.75 8.40 -3.45
C VAL A 107 7.95 9.86 -3.82
N THR A 108 8.51 10.10 -5.00
CA THR A 108 8.77 11.46 -5.47
C THR A 108 7.61 11.98 -6.31
N VAL A 109 7.02 13.09 -5.88
CA VAL A 109 5.91 13.69 -6.60
C VAL A 109 6.37 14.90 -7.41
N ARG A 110 6.40 14.75 -8.73
CA ARG A 110 6.81 15.83 -9.62
C ARG A 110 5.78 16.95 -9.63
N ARG A 111 6.15 18.08 -10.23
CA ARG A 111 5.25 19.23 -10.31
C ARG A 111 4.30 19.09 -11.50
N LYS A 112 3.06 19.52 -11.29
CA LYS A 112 2.05 19.45 -12.34
C LYS A 112 2.32 20.48 -13.43
N HIS A 113 2.29 20.03 -14.69
CA HIS A 113 2.53 20.91 -15.83
C HIS A 113 1.30 20.99 -16.73
N GLY A 1 -15.07 -22.40 -9.69
CA GLY A 1 -13.73 -22.02 -9.27
C GLY A 1 -13.63 -21.87 -7.76
N SER A 2 -12.89 -22.77 -7.12
CA SER A 2 -12.72 -22.74 -5.68
C SER A 2 -11.27 -22.40 -5.32
N SER A 3 -11.11 -21.72 -4.19
CA SER A 3 -9.78 -21.32 -3.72
C SER A 3 -9.67 -21.46 -2.20
N GLY A 4 -8.95 -22.48 -1.76
CA GLY A 4 -8.78 -22.71 -0.34
C GLY A 4 -7.43 -22.25 0.17
N SER A 5 -7.41 -21.60 1.32
CA SER A 5 -6.17 -21.11 1.91
C SER A 5 -5.45 -22.22 2.66
N SER A 6 -4.35 -21.86 3.31
CA SER A 6 -3.55 -22.83 4.06
C SER A 6 -3.54 -22.48 5.54
N GLY A 7 -3.01 -21.31 5.86
CA GLY A 7 -2.95 -20.88 7.25
C GLY A 7 -3.48 -19.47 7.45
N GLU A 8 -2.59 -18.55 7.82
CA GLU A 8 -2.97 -17.16 8.03
C GLU A 8 -2.19 -16.23 7.11
N VAL A 9 -2.49 -14.93 7.20
CA VAL A 9 -1.82 -13.94 6.37
C VAL A 9 -0.53 -13.45 7.03
N ASP A 10 0.47 -13.17 6.20
CA ASP A 10 1.76 -12.69 6.69
C ASP A 10 2.19 -11.43 5.96
N PRO A 11 2.62 -10.42 6.73
CA PRO A 11 3.07 -9.13 6.18
C PRO A 11 4.40 -9.26 5.41
N ALA A 12 5.28 -10.11 5.93
CA ALA A 12 6.58 -10.33 5.30
C ALA A 12 6.43 -11.00 3.94
N LYS A 13 5.31 -11.68 3.74
CA LYS A 13 5.04 -12.37 2.49
C LYS A 13 4.24 -11.48 1.55
N CYS A 14 3.51 -10.52 2.10
CA CYS A 14 2.71 -9.60 1.31
C CYS A 14 3.58 -8.80 0.35
N VAL A 15 2.96 -8.24 -0.68
CA VAL A 15 3.68 -7.45 -1.67
C VAL A 15 2.80 -6.34 -2.23
N LEU A 16 3.38 -5.50 -3.09
CA LEU A 16 2.65 -4.39 -3.70
C LEU A 16 2.86 -4.37 -5.20
N GLN A 17 1.84 -3.97 -5.94
CA GLN A 17 1.90 -3.91 -7.39
C GLN A 17 1.93 -2.46 -7.87
N GLY A 18 2.58 -2.23 -9.01
CA GLY A 18 2.66 -0.88 -9.56
C GLY A 18 4.04 -0.57 -10.09
N GLU A 19 4.11 -0.17 -11.36
CA GLU A 19 5.39 0.15 -12.00
C GLU A 19 5.94 1.46 -11.44
N ASP A 20 5.05 2.41 -11.18
CA ASP A 20 5.45 3.71 -10.65
C ASP A 20 5.03 3.85 -9.19
N LEU A 21 5.54 2.95 -8.35
CA LEU A 21 5.22 2.96 -6.92
C LEU A 21 6.18 3.89 -6.16
N HIS A 22 7.36 4.11 -6.74
CA HIS A 22 8.36 4.97 -6.12
C HIS A 22 8.33 6.37 -6.74
N ARG A 23 7.23 6.69 -7.40
CA ARG A 23 7.08 7.99 -8.06
C ARG A 23 5.61 8.36 -8.21
N ALA A 24 5.32 9.66 -8.11
CA ALA A 24 3.95 10.14 -8.24
C ALA A 24 3.92 11.55 -8.82
N ARG A 25 2.74 11.98 -9.26
CA ARG A 25 2.57 13.31 -9.84
C ARG A 25 1.77 14.21 -8.91
N GLU A 26 2.01 15.51 -9.01
CA GLU A 26 1.30 16.49 -8.17
C GLU A 26 -0.15 16.62 -8.62
N LYS A 27 -1.06 16.56 -7.65
CA LYS A 27 -2.48 16.69 -7.94
C LYS A 27 -2.95 15.58 -8.88
N GLN A 28 -2.39 14.39 -8.71
CA GLN A 28 -2.74 13.25 -9.56
C GLN A 28 -3.22 12.07 -8.72
N THR A 29 -3.98 11.18 -9.34
CA THR A 29 -4.50 10.01 -8.64
C THR A 29 -3.64 8.78 -8.90
N ALA A 30 -2.93 8.34 -7.88
CA ALA A 30 -2.06 7.18 -7.99
C ALA A 30 -2.51 6.05 -7.07
N SER A 31 -2.93 4.94 -7.67
CA SER A 31 -3.40 3.79 -6.89
C SER A 31 -2.61 2.54 -7.25
N PHE A 32 -2.63 1.56 -6.35
CA PHE A 32 -1.92 0.30 -6.57
C PHE A 32 -2.67 -0.87 -5.96
N THR A 33 -2.26 -2.08 -6.29
CA THR A 33 -2.89 -3.29 -5.78
C THR A 33 -2.03 -3.95 -4.72
N LEU A 34 -2.63 -4.27 -3.58
CA LEU A 34 -1.92 -4.92 -2.49
C LEU A 34 -2.30 -6.39 -2.37
N LEU A 35 -1.40 -7.27 -2.77
CA LEU A 35 -1.65 -8.71 -2.71
C LEU A 35 -1.40 -9.24 -1.31
N CYS A 36 -2.23 -10.18 -0.88
CA CYS A 36 -2.10 -10.77 0.44
C CYS A 36 -1.81 -12.27 0.34
N LYS A 37 -0.65 -12.69 0.83
CA LYS A 37 -0.25 -14.08 0.79
C LYS A 37 -0.17 -14.66 2.20
N ASP A 38 0.05 -15.97 2.28
CA ASP A 38 0.15 -16.65 3.57
C ASP A 38 1.60 -16.74 4.03
N ALA A 39 1.82 -17.38 5.18
CA ALA A 39 3.17 -17.54 5.72
C ALA A 39 4.06 -18.32 4.75
N ALA A 40 3.44 -19.11 3.90
CA ALA A 40 4.18 -19.92 2.92
C ALA A 40 4.58 -19.07 1.71
N GLY A 41 3.93 -17.92 1.56
CA GLY A 41 4.24 -17.04 0.45
C GLY A 41 3.39 -17.34 -0.78
N GLU A 42 2.22 -17.93 -0.55
CA GLU A 42 1.32 -18.27 -1.65
C GLU A 42 -0.02 -17.56 -1.49
N ILE A 43 -0.72 -17.37 -2.61
CA ILE A 43 -2.01 -16.69 -2.60
C ILE A 43 -2.97 -17.36 -1.61
N MET A 44 -3.55 -16.55 -0.74
CA MET A 44 -4.48 -17.06 0.26
C MET A 44 -5.91 -17.08 -0.29
N GLY A 45 -6.21 -16.12 -1.16
CA GLY A 45 -7.54 -16.05 -1.75
C GLY A 45 -8.61 -15.74 -0.72
N ARG A 46 -8.31 -14.82 0.19
CA ARG A 46 -9.25 -14.43 1.23
C ARG A 46 -8.82 -13.12 1.90
N GLY A 47 -9.78 -12.44 2.50
CA GLY A 47 -9.49 -11.18 3.17
C GLY A 47 -9.51 -11.30 4.68
N GLY A 48 -9.26 -10.19 5.36
CA GLY A 48 -9.27 -10.20 6.81
C GLY A 48 -7.95 -9.75 7.41
N ASP A 49 -7.27 -8.84 6.71
CA ASP A 49 -5.98 -8.33 7.16
C ASP A 49 -6.06 -6.83 7.43
N ASN A 50 -5.62 -6.41 8.61
CA ASN A 50 -5.64 -5.00 8.97
C ASN A 50 -4.60 -4.22 8.19
N VAL A 51 -5.04 -3.56 7.12
CA VAL A 51 -4.15 -2.76 6.29
C VAL A 51 -4.08 -1.32 6.77
N GLN A 52 -2.87 -0.79 6.89
CA GLN A 52 -2.67 0.58 7.34
C GLN A 52 -1.91 1.39 6.30
N VAL A 53 -2.59 2.37 5.70
CA VAL A 53 -1.98 3.22 4.68
C VAL A 53 -1.97 4.68 5.12
N ALA A 54 -0.80 5.30 5.08
CA ALA A 54 -0.67 6.70 5.47
C ALA A 54 0.51 7.36 4.73
N VAL A 55 0.22 8.44 4.02
CA VAL A 55 1.25 9.16 3.27
C VAL A 55 1.64 10.44 3.99
N VAL A 56 2.86 10.46 4.53
CA VAL A 56 3.35 11.63 5.24
C VAL A 56 4.51 12.28 4.48
N PRO A 57 4.34 13.58 4.15
CA PRO A 57 5.35 14.34 3.42
C PRO A 57 6.59 14.62 4.28
N LYS A 58 7.75 14.22 3.78
CA LYS A 58 9.00 14.44 4.49
C LYS A 58 9.16 15.90 4.89
N ASP A 59 8.50 16.79 4.15
CA ASP A 59 8.56 18.21 4.44
C ASP A 59 7.84 18.55 5.74
N LYS A 60 6.53 18.36 5.75
CA LYS A 60 5.72 18.64 6.93
C LYS A 60 5.34 17.34 7.64
N LYS A 61 5.63 17.28 8.93
CA LYS A 61 5.32 16.10 9.73
C LYS A 61 3.84 16.05 10.07
N ASP A 62 3.18 17.20 9.98
CA ASP A 62 1.76 17.30 10.28
C ASP A 62 0.92 17.20 9.01
N SER A 63 1.08 18.19 8.13
CA SER A 63 0.34 18.24 6.87
C SER A 63 0.11 16.83 6.35
N PRO A 64 -1.09 16.28 6.64
CA PRO A 64 -1.47 14.93 6.20
C PRO A 64 -1.69 14.86 4.70
N VAL A 65 -2.04 13.67 4.21
CA VAL A 65 -2.28 13.46 2.78
C VAL A 65 -3.56 12.66 2.55
N ARG A 66 -4.32 13.05 1.54
CA ARG A 66 -5.57 12.37 1.21
C ARG A 66 -5.30 10.97 0.67
N THR A 67 -5.98 9.97 1.23
CA THR A 67 -5.82 8.59 0.81
C THR A 67 -7.16 7.88 0.71
N MET A 68 -7.17 6.76 0.01
CA MET A 68 -8.40 5.97 -0.15
C MET A 68 -8.12 4.48 0.01
N VAL A 69 -9.05 3.78 0.65
CA VAL A 69 -8.90 2.34 0.87
C VAL A 69 -10.24 1.62 0.71
N GLN A 70 -10.29 0.66 -0.21
CA GLN A 70 -11.51 -0.10 -0.46
C GLN A 70 -11.25 -1.59 -0.31
N ASP A 71 -11.76 -2.17 0.78
CA ASP A 71 -11.59 -3.59 1.05
C ASP A 71 -12.41 -4.42 0.07
N ASN A 72 -11.74 -5.34 -0.63
CA ASN A 72 -12.41 -6.21 -1.59
C ASN A 72 -12.72 -7.56 -0.98
N LYS A 73 -12.23 -7.80 0.23
CA LYS A 73 -12.46 -9.05 0.93
C LYS A 73 -12.31 -10.23 -0.02
N ASP A 74 -11.28 -10.17 -0.87
CA ASP A 74 -11.02 -11.24 -1.82
C ASP A 74 -9.55 -11.62 -1.82
N GLY A 75 -8.68 -10.63 -1.63
CA GLY A 75 -7.25 -10.88 -1.60
C GLY A 75 -6.46 -9.68 -2.09
N THR A 76 -7.10 -8.79 -2.82
CA THR A 76 -6.45 -7.60 -3.34
C THR A 76 -7.15 -6.33 -2.87
N TYR A 77 -6.37 -5.40 -2.32
CA TYR A 77 -6.92 -4.14 -1.83
C TYR A 77 -6.69 -3.02 -2.85
N TYR A 78 -7.49 -1.96 -2.73
CA TYR A 78 -7.37 -0.82 -3.63
C TYR A 78 -6.98 0.44 -2.87
N ILE A 79 -5.69 0.77 -2.91
CA ILE A 79 -5.19 1.96 -2.23
C ILE A 79 -4.84 3.07 -3.22
N SER A 80 -5.42 4.24 -3.03
CA SER A 80 -5.17 5.37 -3.90
C SER A 80 -4.87 6.63 -3.10
N TYR A 81 -3.97 7.46 -3.61
CA TYR A 81 -3.59 8.70 -2.94
C TYR A 81 -3.43 9.84 -3.94
N THR A 82 -3.76 11.05 -3.50
CA THR A 82 -3.66 12.22 -4.36
C THR A 82 -2.96 13.37 -3.63
N PRO A 83 -1.67 13.56 -3.93
CA PRO A 83 -0.86 14.62 -3.33
C PRO A 83 -1.28 16.02 -3.79
N LYS A 84 -0.97 17.03 -2.99
CA LYS A 84 -1.32 18.40 -3.32
C LYS A 84 -0.07 19.20 -3.71
N GLU A 85 1.01 19.00 -2.95
CA GLU A 85 2.27 19.70 -3.21
C GLU A 85 3.36 18.71 -3.60
N PRO A 86 4.27 19.17 -4.49
CA PRO A 86 5.38 18.34 -4.96
C PRO A 86 6.43 18.09 -3.88
N GLY A 87 7.22 17.04 -4.06
CA GLY A 87 8.24 16.71 -3.08
C GLY A 87 8.29 15.23 -2.77
N VAL A 88 9.17 14.85 -1.85
CA VAL A 88 9.32 13.45 -1.46
C VAL A 88 8.30 13.08 -0.39
N TYR A 89 7.77 11.86 -0.49
CA TYR A 89 6.78 11.38 0.47
C TYR A 89 7.13 9.98 0.96
N THR A 90 6.51 9.56 2.05
CA THR A 90 6.75 8.25 2.62
C THR A 90 5.45 7.46 2.78
N VAL A 91 5.24 6.50 1.89
CA VAL A 91 4.03 5.67 1.93
C VAL A 91 4.12 4.61 3.01
N TRP A 92 3.40 4.82 4.11
CA TRP A 92 3.40 3.88 5.22
C TRP A 92 2.45 2.72 4.95
N VAL A 93 3.00 1.55 4.66
CA VAL A 93 2.20 0.36 4.40
C VAL A 93 2.58 -0.78 5.33
N CYS A 94 1.73 -1.05 6.30
CA CYS A 94 1.97 -2.12 7.26
C CYS A 94 0.69 -2.89 7.56
N ILE A 95 0.83 -4.16 7.90
CA ILE A 95 -0.31 -5.02 8.19
C ILE A 95 -0.20 -5.62 9.59
N LYS A 96 -1.22 -5.42 10.41
CA LYS A 96 -1.23 -5.95 11.76
C LYS A 96 -0.08 -5.38 12.58
N GLU A 97 0.16 -4.08 12.43
CA GLU A 97 1.23 -3.42 13.15
C GLU A 97 2.60 -3.97 12.74
N GLN A 98 2.74 -4.30 11.46
CA GLN A 98 3.98 -4.84 10.95
C GLN A 98 4.25 -4.34 9.53
N HIS A 99 5.40 -3.70 9.34
CA HIS A 99 5.77 -3.17 8.04
C HIS A 99 6.00 -4.31 7.04
N VAL A 100 5.04 -4.49 6.13
CA VAL A 100 5.15 -5.54 5.11
C VAL A 100 6.44 -5.43 4.33
N GLN A 101 6.62 -6.30 3.35
CA GLN A 101 7.82 -6.30 2.53
C GLN A 101 7.87 -5.06 1.62
N GLY A 102 9.06 -4.54 1.41
CA GLY A 102 9.22 -3.37 0.57
C GLY A 102 8.40 -2.18 1.06
N SER A 103 8.41 -1.98 2.38
CA SER A 103 7.66 -0.89 2.98
C SER A 103 8.08 -0.66 4.43
N PRO A 104 8.02 0.59 4.88
CA PRO A 104 7.57 1.72 4.04
C PRO A 104 8.57 2.05 2.94
N PHE A 105 8.11 2.82 1.94
CA PHE A 105 8.96 3.21 0.83
C PHE A 105 8.81 4.69 0.53
N THR A 106 9.83 5.27 -0.11
CA THR A 106 9.80 6.69 -0.46
C THR A 106 9.18 6.91 -1.83
N VAL A 107 8.69 8.12 -2.06
CA VAL A 107 8.07 8.46 -3.34
C VAL A 107 8.40 9.89 -3.74
N THR A 108 8.81 10.07 -4.99
CA THR A 108 9.14 11.39 -5.51
C THR A 108 7.98 12.00 -6.29
N VAL A 109 7.38 13.03 -5.71
CA VAL A 109 6.25 13.71 -6.36
C VAL A 109 6.73 14.86 -7.23
N ARG A 110 6.20 14.92 -8.45
CA ARG A 110 6.57 15.97 -9.38
C ARG A 110 5.40 16.92 -9.64
N ARG A 111 5.69 18.07 -10.23
CA ARG A 111 4.66 19.06 -10.53
C ARG A 111 3.49 18.42 -11.26
N LYS A 112 2.41 19.17 -11.42
CA LYS A 112 1.22 18.68 -12.10
C LYS A 112 1.59 17.99 -13.41
N HIS A 113 0.59 17.41 -14.07
CA HIS A 113 0.82 16.73 -15.34
C HIS A 113 0.69 17.69 -16.50
N GLY A 1 -15.11 -25.45 -8.19
CA GLY A 1 -13.90 -24.82 -7.68
C GLY A 1 -13.57 -25.26 -6.26
N SER A 2 -12.50 -24.73 -5.72
CA SER A 2 -12.07 -25.08 -4.37
C SER A 2 -11.00 -24.10 -3.87
N SER A 3 -11.23 -23.56 -2.67
CA SER A 3 -10.30 -22.61 -2.07
C SER A 3 -9.91 -23.05 -0.67
N GLY A 4 -8.75 -22.57 -0.21
CA GLY A 4 -8.27 -22.93 1.11
C GLY A 4 -6.89 -22.37 1.40
N SER A 5 -6.60 -22.17 2.68
CA SER A 5 -5.31 -21.63 3.10
C SER A 5 -4.56 -22.61 3.99
N SER A 6 -3.29 -22.32 4.25
CA SER A 6 -2.46 -23.18 5.09
C SER A 6 -2.60 -22.80 6.56
N GLY A 7 -2.24 -21.56 6.88
CA GLY A 7 -2.34 -21.09 8.25
C GLY A 7 -3.01 -19.74 8.36
N GLU A 8 -2.22 -18.68 8.24
CA GLU A 8 -2.76 -17.32 8.32
C GLU A 8 -2.00 -16.38 7.38
N VAL A 9 -2.48 -15.14 7.29
CA VAL A 9 -1.86 -14.15 6.42
C VAL A 9 -0.64 -13.53 7.10
N ASP A 10 0.43 -13.34 6.33
CA ASP A 10 1.66 -12.75 6.86
C ASP A 10 2.06 -11.53 6.03
N PRO A 11 2.42 -10.44 6.74
CA PRO A 11 2.83 -9.19 6.10
C PRO A 11 4.18 -9.31 5.41
N ALA A 12 5.14 -9.93 6.10
CA ALA A 12 6.48 -10.11 5.55
C ALA A 12 6.43 -10.73 4.16
N LYS A 13 5.36 -11.48 3.90
CA LYS A 13 5.19 -12.13 2.61
C LYS A 13 4.38 -11.25 1.65
N CYS A 14 3.54 -10.38 2.22
CA CYS A 14 2.72 -9.49 1.42
C CYS A 14 3.58 -8.64 0.48
N VAL A 15 2.96 -8.13 -0.58
CA VAL A 15 3.68 -7.31 -1.55
C VAL A 15 2.76 -6.24 -2.14
N LEU A 16 3.33 -5.39 -2.99
CA LEU A 16 2.56 -4.31 -3.62
C LEU A 16 2.69 -4.38 -5.14
N GLN A 17 1.69 -3.85 -5.83
CA GLN A 17 1.69 -3.84 -7.29
C GLN A 17 1.78 -2.40 -7.82
N GLY A 18 2.29 -2.26 -9.04
CA GLY A 18 2.41 -0.95 -9.65
C GLY A 18 3.71 -0.78 -10.41
N GLU A 19 3.67 -0.01 -11.49
CA GLU A 19 4.85 0.24 -12.30
C GLU A 19 5.63 1.43 -11.78
N ASP A 20 4.91 2.48 -11.39
CA ASP A 20 5.55 3.69 -10.87
C ASP A 20 5.11 3.96 -9.43
N LEU A 21 5.41 3.03 -8.54
CA LEU A 21 5.05 3.17 -7.14
C LEU A 21 5.96 4.16 -6.43
N HIS A 22 7.21 4.23 -6.87
CA HIS A 22 8.18 5.14 -6.29
C HIS A 22 8.21 6.47 -7.03
N ARG A 23 7.10 6.77 -7.73
CA ARG A 23 7.00 8.01 -8.48
C ARG A 23 5.54 8.47 -8.59
N ALA A 24 5.31 9.74 -8.29
CA ALA A 24 3.96 10.29 -8.34
C ALA A 24 3.98 11.72 -8.89
N ARG A 25 2.80 12.23 -9.24
CA ARG A 25 2.69 13.58 -9.78
C ARG A 25 1.87 14.47 -8.85
N GLU A 26 1.97 15.77 -9.05
CA GLU A 26 1.24 16.73 -8.22
C GLU A 26 -0.26 16.61 -8.43
N LYS A 27 -1.00 16.47 -7.34
CA LYS A 27 -2.45 16.34 -7.40
C LYS A 27 -2.85 15.19 -8.33
N GLN A 28 -2.04 14.14 -8.34
CA GLN A 28 -2.31 12.98 -9.18
C GLN A 28 -2.96 11.85 -8.38
N THR A 29 -3.77 11.04 -9.05
CA THR A 29 -4.45 9.93 -8.38
C THR A 29 -3.65 8.65 -8.53
N ALA A 30 -2.88 8.31 -7.48
CA ALA A 30 -2.07 7.10 -7.48
C ALA A 30 -2.80 5.95 -6.80
N SER A 31 -2.90 4.82 -7.50
CA SER A 31 -3.57 3.65 -6.96
C SER A 31 -2.82 2.37 -7.32
N PHE A 32 -2.68 1.48 -6.34
CA PHE A 32 -1.98 0.22 -6.55
C PHE A 32 -2.72 -0.94 -5.90
N THR A 33 -2.32 -2.16 -6.24
CA THR A 33 -2.95 -3.35 -5.69
C THR A 33 -2.05 -4.02 -4.65
N LEU A 34 -2.64 -4.39 -3.51
CA LEU A 34 -1.91 -5.04 -2.44
C LEU A 34 -2.24 -6.52 -2.36
N LEU A 35 -1.31 -7.36 -2.80
CA LEU A 35 -1.50 -8.80 -2.78
C LEU A 35 -1.21 -9.37 -1.40
N CYS A 36 -2.14 -10.15 -0.87
CA CYS A 36 -1.98 -10.76 0.45
C CYS A 36 -1.62 -12.23 0.31
N LYS A 37 -0.51 -12.62 0.95
CA LYS A 37 -0.06 -14.01 0.91
C LYS A 37 -0.06 -14.62 2.31
N ASP A 38 0.25 -15.92 2.38
CA ASP A 38 0.28 -16.61 3.66
C ASP A 38 1.72 -16.73 4.16
N ALA A 39 1.88 -17.43 5.29
CA ALA A 39 3.21 -17.62 5.89
C ALA A 39 4.17 -18.25 4.88
N ALA A 40 3.64 -19.13 4.04
CA ALA A 40 4.45 -19.80 3.04
C ALA A 40 4.67 -18.92 1.82
N GLY A 41 4.16 -17.69 1.89
CA GLY A 41 4.31 -16.77 0.78
C GLY A 41 3.52 -17.21 -0.44
N GLU A 42 2.37 -17.82 -0.21
CA GLU A 42 1.52 -18.29 -1.30
C GLU A 42 0.17 -17.58 -1.28
N ILE A 43 -0.45 -17.46 -2.45
CA ILE A 43 -1.75 -16.81 -2.57
C ILE A 43 -2.78 -17.50 -1.68
N MET A 44 -3.54 -16.70 -0.93
CA MET A 44 -4.56 -17.24 -0.05
C MET A 44 -5.96 -16.90 -0.58
N GLY A 45 -6.10 -15.70 -1.14
CA GLY A 45 -7.38 -15.29 -1.67
C GLY A 45 -8.53 -15.65 -0.76
N ARG A 46 -8.45 -15.24 0.50
CA ARG A 46 -9.49 -15.52 1.48
C ARG A 46 -10.14 -14.23 1.98
N GLY A 47 -9.42 -13.12 1.82
CA GLY A 47 -9.94 -11.84 2.26
C GLY A 47 -10.05 -11.74 3.77
N GLY A 48 -9.41 -10.74 4.35
CA GLY A 48 -9.45 -10.56 5.79
C GLY A 48 -8.11 -10.13 6.36
N ASP A 49 -7.66 -8.95 5.96
CA ASP A 49 -6.39 -8.41 6.45
C ASP A 49 -6.48 -6.92 6.72
N ASN A 50 -6.04 -6.51 7.90
CA ASN A 50 -6.09 -5.11 8.30
C ASN A 50 -4.99 -4.31 7.59
N VAL A 51 -5.37 -3.63 6.51
CA VAL A 51 -4.43 -2.83 5.74
C VAL A 51 -4.40 -1.39 6.24
N GLN A 52 -3.21 -0.87 6.50
CA GLN A 52 -3.04 0.50 6.98
C GLN A 52 -2.16 1.30 6.03
N VAL A 53 -2.69 2.43 5.56
CA VAL A 53 -1.94 3.30 4.66
C VAL A 53 -1.86 4.72 5.19
N ALA A 54 -0.64 5.22 5.33
CA ALA A 54 -0.43 6.58 5.83
C ALA A 54 0.69 7.27 5.07
N VAL A 55 0.35 8.31 4.32
CA VAL A 55 1.33 9.06 3.55
C VAL A 55 1.69 10.36 4.24
N VAL A 56 2.98 10.56 4.49
CA VAL A 56 3.47 11.76 5.15
C VAL A 56 4.67 12.35 4.41
N PRO A 57 4.56 13.64 4.04
CA PRO A 57 5.63 14.34 3.33
C PRO A 57 6.85 14.59 4.20
N LYS A 58 8.02 14.21 3.70
CA LYS A 58 9.27 14.39 4.44
C LYS A 58 9.44 15.85 4.86
N ASP A 59 8.93 16.76 4.04
CA ASP A 59 9.02 18.18 4.32
C ASP A 59 8.24 18.55 5.58
N LYS A 60 6.92 18.40 5.51
CA LYS A 60 6.06 18.69 6.65
C LYS A 60 5.65 17.42 7.38
N LYS A 61 5.68 17.48 8.70
CA LYS A 61 5.31 16.33 9.52
C LYS A 61 3.80 16.28 9.75
N ASP A 62 3.23 17.41 10.15
CA ASP A 62 1.79 17.50 10.40
C ASP A 62 1.01 17.35 9.09
N SER A 63 1.17 18.32 8.20
CA SER A 63 0.47 18.30 6.91
C SER A 63 0.27 16.87 6.44
N PRO A 64 -0.92 16.32 6.73
CA PRO A 64 -1.28 14.95 6.34
C PRO A 64 -1.49 14.82 4.83
N VAL A 65 -1.89 13.63 4.40
CA VAL A 65 -2.11 13.37 2.98
C VAL A 65 -3.39 12.56 2.77
N ARG A 66 -4.27 13.06 1.92
CA ARG A 66 -5.53 12.39 1.63
C ARG A 66 -5.28 10.98 1.09
N THR A 67 -5.87 9.99 1.75
CA THR A 67 -5.71 8.60 1.35
C THR A 67 -7.05 7.87 1.35
N MET A 68 -7.14 6.79 0.58
CA MET A 68 -8.36 6.00 0.51
C MET A 68 -8.05 4.51 0.64
N VAL A 69 -9.05 3.75 1.11
CA VAL A 69 -8.89 2.31 1.29
C VAL A 69 -10.16 1.57 0.94
N GLN A 70 -10.05 0.62 0.01
CA GLN A 70 -11.20 -0.16 -0.42
C GLN A 70 -11.05 -1.62 -0.01
N ASP A 71 -12.05 -2.14 0.69
CA ASP A 71 -12.02 -3.54 1.14
C ASP A 71 -12.76 -4.44 0.16
N ASN A 72 -12.02 -5.33 -0.49
CA ASN A 72 -12.61 -6.25 -1.46
C ASN A 72 -12.71 -7.65 -0.88
N LYS A 73 -11.79 -7.98 0.02
CA LYS A 73 -11.77 -9.30 0.65
C LYS A 73 -11.71 -10.40 -0.39
N ASP A 74 -11.01 -10.14 -1.48
CA ASP A 74 -10.87 -11.12 -2.56
C ASP A 74 -9.41 -11.49 -2.79
N GLY A 75 -8.61 -11.40 -1.72
CA GLY A 75 -7.20 -11.72 -1.83
C GLY A 75 -6.35 -10.49 -2.06
N THR A 76 -6.96 -9.42 -2.54
CA THR A 76 -6.26 -8.17 -2.81
C THR A 76 -7.07 -6.97 -2.37
N TYR A 77 -6.42 -5.81 -2.30
CA TYR A 77 -7.09 -4.58 -1.89
C TYR A 77 -6.88 -3.48 -2.93
N TYR A 78 -7.49 -2.32 -2.69
CA TYR A 78 -7.37 -1.19 -3.60
C TYR A 78 -7.11 0.10 -2.84
N ILE A 79 -5.88 0.57 -2.89
CA ILE A 79 -5.49 1.80 -2.21
C ILE A 79 -5.31 2.94 -3.20
N SER A 80 -5.65 4.15 -2.77
CA SER A 80 -5.52 5.33 -3.62
C SER A 80 -5.10 6.54 -2.80
N TYR A 81 -4.21 7.36 -3.36
CA TYR A 81 -3.73 8.56 -2.68
C TYR A 81 -3.46 9.68 -3.68
N THR A 82 -3.58 10.92 -3.21
CA THR A 82 -3.34 12.08 -4.06
C THR A 82 -2.59 13.17 -3.31
N PRO A 83 -1.36 13.46 -3.77
CA PRO A 83 -0.51 14.49 -3.15
C PRO A 83 -1.05 15.91 -3.38
N LYS A 84 -0.52 16.87 -2.63
CA LYS A 84 -0.93 18.25 -2.76
C LYS A 84 0.19 19.11 -3.34
N GLU A 85 1.42 18.80 -2.97
CA GLU A 85 2.58 19.53 -3.45
C GLU A 85 3.70 18.58 -3.86
N PRO A 86 4.56 19.04 -4.78
CA PRO A 86 5.69 18.25 -5.28
C PRO A 86 6.77 18.06 -4.23
N GLY A 87 7.65 17.08 -4.45
CA GLY A 87 8.72 16.83 -3.51
C GLY A 87 8.87 15.35 -3.20
N VAL A 88 9.20 15.05 -1.95
CA VAL A 88 9.36 13.66 -1.51
C VAL A 88 8.40 13.33 -0.37
N TYR A 89 7.82 12.13 -0.44
CA TYR A 89 6.88 11.69 0.58
C TYR A 89 7.25 10.30 1.09
N THR A 90 6.54 9.84 2.12
CA THR A 90 6.78 8.53 2.70
C THR A 90 5.49 7.75 2.88
N VAL A 91 5.32 6.70 2.08
CA VAL A 91 4.12 5.87 2.16
C VAL A 91 4.28 4.76 3.18
N TRP A 92 3.52 4.83 4.27
CA TRP A 92 3.59 3.82 5.32
C TRP A 92 2.48 2.78 5.14
N VAL A 93 2.86 1.62 4.62
CA VAL A 93 1.91 0.54 4.40
C VAL A 93 2.24 -0.68 5.27
N CYS A 94 1.43 -0.90 6.30
CA CYS A 94 1.64 -2.03 7.20
C CYS A 94 0.33 -2.78 7.44
N ILE A 95 0.43 -4.11 7.58
CA ILE A 95 -0.74 -4.94 7.80
C ILE A 95 -0.71 -5.55 9.20
N LYS A 96 -1.82 -5.42 9.92
CA LYS A 96 -1.93 -5.96 11.26
C LYS A 96 -0.80 -5.45 12.15
N GLU A 97 -0.61 -4.14 12.16
CA GLU A 97 0.44 -3.51 12.96
C GLU A 97 1.79 -4.19 12.71
N GLN A 98 2.10 -4.41 11.44
CA GLN A 98 3.35 -5.04 11.05
C GLN A 98 3.80 -4.57 9.67
N HIS A 99 5.02 -4.06 9.60
CA HIS A 99 5.58 -3.57 8.34
C HIS A 99 5.71 -4.71 7.33
N VAL A 100 5.15 -4.52 6.14
CA VAL A 100 5.21 -5.53 5.10
C VAL A 100 6.52 -5.42 4.32
N GLN A 101 6.71 -6.35 3.38
CA GLN A 101 7.91 -6.37 2.56
C GLN A 101 7.97 -5.15 1.64
N GLY A 102 9.18 -4.66 1.38
CA GLY A 102 9.34 -3.50 0.52
C GLY A 102 8.54 -2.31 1.00
N SER A 103 8.61 -2.03 2.29
CA SER A 103 7.89 -0.90 2.87
C SER A 103 8.46 -0.55 4.25
N PRO A 104 8.34 0.74 4.61
CA PRO A 104 7.71 1.76 3.77
C PRO A 104 8.54 2.08 2.53
N PHE A 105 8.04 3.00 1.71
CA PHE A 105 8.75 3.41 0.50
C PHE A 105 8.57 4.89 0.24
N THR A 106 9.62 5.52 -0.29
CA THR A 106 9.57 6.95 -0.58
C THR A 106 8.89 7.22 -1.92
N VAL A 107 8.38 8.43 -2.08
CA VAL A 107 7.70 8.82 -3.31
C VAL A 107 8.09 10.22 -3.74
N THR A 108 8.45 10.36 -5.03
CA THR A 108 8.86 11.65 -5.56
C THR A 108 7.74 12.28 -6.37
N VAL A 109 7.11 13.30 -5.82
CA VAL A 109 6.01 14.00 -6.49
C VAL A 109 6.55 15.04 -7.47
N ARG A 110 5.93 15.12 -8.64
CA ARG A 110 6.34 16.06 -9.67
C ARG A 110 5.29 17.16 -9.84
N ARG A 111 5.56 18.08 -10.76
CA ARG A 111 4.64 19.18 -11.02
C ARG A 111 3.64 18.82 -12.11
N LYS A 112 2.38 19.15 -11.88
CA LYS A 112 1.32 18.85 -12.85
C LYS A 112 1.78 19.13 -14.27
N HIS A 113 1.09 18.53 -15.23
CA HIS A 113 1.44 18.72 -16.64
C HIS A 113 1.35 20.18 -17.03
N GLY A 1 -14.51 -22.76 -1.40
CA GLY A 1 -13.19 -22.84 -0.82
C GLY A 1 -12.15 -22.13 -1.66
N SER A 2 -10.88 -22.24 -1.24
CA SER A 2 -9.79 -21.59 -1.96
C SER A 2 -8.48 -22.36 -1.75
N SER A 3 -7.53 -22.15 -2.66
CA SER A 3 -6.24 -22.81 -2.58
C SER A 3 -5.23 -21.96 -1.80
N GLY A 4 -4.15 -22.60 -1.36
CA GLY A 4 -3.12 -21.88 -0.63
C GLY A 4 -3.53 -21.61 0.81
N SER A 5 -3.25 -20.41 1.29
CA SER A 5 -3.59 -20.04 2.67
C SER A 5 -3.35 -21.20 3.62
N SER A 6 -2.19 -21.83 3.50
CA SER A 6 -1.84 -22.96 4.35
C SER A 6 -2.24 -22.70 5.80
N GLY A 7 -2.01 -21.47 6.26
CA GLY A 7 -2.35 -21.10 7.62
C GLY A 7 -3.08 -19.78 7.71
N GLU A 8 -2.32 -18.68 7.66
CA GLU A 8 -2.91 -17.35 7.74
C GLU A 8 -2.13 -16.37 6.87
N VAL A 9 -2.53 -15.10 6.91
CA VAL A 9 -1.86 -14.07 6.14
C VAL A 9 -0.61 -13.57 6.84
N ASP A 10 0.42 -13.28 6.06
CA ASP A 10 1.69 -12.78 6.60
C ASP A 10 2.09 -11.48 5.93
N PRO A 11 2.44 -10.47 6.75
CA PRO A 11 2.86 -9.16 6.26
C PRO A 11 4.23 -9.20 5.58
N ALA A 12 5.13 -9.99 6.15
CA ALA A 12 6.48 -10.12 5.59
C ALA A 12 6.44 -10.71 4.19
N LYS A 13 5.34 -11.39 3.87
CA LYS A 13 5.18 -12.01 2.55
C LYS A 13 4.43 -11.08 1.61
N CYS A 14 3.54 -10.26 2.17
CA CYS A 14 2.75 -9.33 1.38
C CYS A 14 3.65 -8.49 0.47
N VAL A 15 3.05 -7.94 -0.59
CA VAL A 15 3.80 -7.12 -1.54
C VAL A 15 2.92 -6.01 -2.10
N LEU A 16 3.51 -5.17 -2.95
CA LEU A 16 2.78 -4.06 -3.56
C LEU A 16 2.90 -4.11 -5.08
N GLN A 17 1.84 -3.71 -5.76
CA GLN A 17 1.83 -3.71 -7.22
C GLN A 17 1.76 -2.27 -7.76
N GLY A 18 1.99 -2.13 -9.06
CA GLY A 18 1.94 -0.82 -9.68
C GLY A 18 3.26 -0.44 -10.33
N GLU A 19 3.18 0.19 -11.50
CA GLU A 19 4.37 0.61 -12.23
C GLU A 19 4.90 1.93 -11.70
N ASP A 20 6.22 2.07 -11.68
CA ASP A 20 6.86 3.29 -11.19
C ASP A 20 6.21 3.75 -9.89
N LEU A 21 5.99 2.82 -8.97
CA LEU A 21 5.39 3.15 -7.68
C LEU A 21 6.18 4.24 -6.96
N HIS A 22 7.50 4.08 -6.94
CA HIS A 22 8.37 5.05 -6.28
C HIS A 22 8.20 6.43 -6.90
N ARG A 23 7.62 6.48 -8.09
CA ARG A 23 7.40 7.74 -8.79
C ARG A 23 5.93 8.14 -8.73
N ALA A 24 5.68 9.43 -8.51
CA ALA A 24 4.30 9.94 -8.45
C ALA A 24 4.20 11.32 -9.10
N ARG A 25 2.97 11.76 -9.34
CA ARG A 25 2.74 13.06 -9.95
C ARG A 25 1.97 13.98 -9.01
N GLU A 26 2.14 15.29 -9.20
CA GLU A 26 1.48 16.27 -8.35
C GLU A 26 -0.04 16.19 -8.54
N LYS A 27 -0.78 16.46 -7.46
CA LYS A 27 -2.23 16.42 -7.50
C LYS A 27 -2.72 15.34 -8.46
N GLN A 28 -2.11 14.17 -8.38
CA GLN A 28 -2.49 13.05 -9.24
C GLN A 28 -2.98 11.86 -8.40
N THR A 29 -4.00 11.19 -8.90
CA THR A 29 -4.57 10.03 -8.21
C THR A 29 -3.76 8.77 -8.49
N ALA A 30 -2.84 8.45 -7.57
CA ALA A 30 -2.00 7.27 -7.73
C ALA A 30 -2.49 6.13 -6.84
N SER A 31 -2.91 5.04 -7.46
CA SER A 31 -3.41 3.88 -6.73
C SER A 31 -2.61 2.63 -7.07
N PHE A 32 -2.62 1.65 -6.17
CA PHE A 32 -1.89 0.40 -6.38
C PHE A 32 -2.66 -0.77 -5.78
N THR A 33 -2.23 -1.98 -6.13
CA THR A 33 -2.87 -3.19 -5.62
C THR A 33 -1.98 -3.90 -4.60
N LEU A 34 -2.54 -4.18 -3.43
CA LEU A 34 -1.81 -4.85 -2.37
C LEU A 34 -2.09 -6.35 -2.38
N LEU A 35 -1.10 -7.13 -2.80
CA LEU A 35 -1.24 -8.58 -2.84
C LEU A 35 -0.97 -9.20 -1.49
N CYS A 36 -1.94 -9.97 -0.98
CA CYS A 36 -1.80 -10.63 0.31
C CYS A 36 -1.46 -12.10 0.13
N LYS A 37 -0.37 -12.53 0.77
CA LYS A 37 0.07 -13.92 0.68
C LYS A 37 0.04 -14.58 2.06
N ASP A 38 0.32 -15.88 2.09
CA ASP A 38 0.34 -16.63 3.34
C ASP A 38 1.75 -16.72 3.90
N ALA A 39 1.88 -17.36 5.05
CA ALA A 39 3.19 -17.52 5.70
C ALA A 39 4.18 -18.17 4.75
N ALA A 40 3.68 -18.94 3.79
CA ALA A 40 4.54 -19.62 2.82
C ALA A 40 4.95 -18.66 1.71
N GLY A 41 4.19 -17.59 1.53
CA GLY A 41 4.50 -16.63 0.50
C GLY A 41 3.76 -16.90 -0.80
N GLU A 42 2.62 -17.58 -0.69
CA GLU A 42 1.82 -17.91 -1.86
C GLU A 42 0.44 -17.29 -1.77
N ILE A 43 -0.20 -17.10 -2.93
CA ILE A 43 -1.54 -16.52 -2.98
C ILE A 43 -2.49 -17.25 -2.04
N MET A 44 -3.27 -16.48 -1.30
CA MET A 44 -4.24 -17.05 -0.36
C MET A 44 -5.67 -16.87 -0.87
N GLY A 45 -5.85 -15.91 -1.77
CA GLY A 45 -7.17 -15.65 -2.32
C GLY A 45 -8.22 -15.48 -1.24
N ARG A 46 -7.86 -14.79 -0.16
CA ARG A 46 -8.78 -14.55 0.93
C ARG A 46 -8.62 -13.14 1.50
N GLY A 47 -9.60 -12.71 2.28
CA GLY A 47 -9.55 -11.38 2.86
C GLY A 47 -9.78 -11.39 4.36
N GLY A 48 -9.98 -10.21 4.94
CA GLY A 48 -10.20 -10.11 6.36
C GLY A 48 -8.92 -9.89 7.14
N ASP A 49 -8.28 -8.74 6.92
CA ASP A 49 -7.04 -8.42 7.60
C ASP A 49 -7.02 -6.94 8.00
N ASN A 50 -6.02 -6.57 8.81
CA ASN A 50 -5.88 -5.19 9.26
C ASN A 50 -4.90 -4.42 8.39
N VAL A 51 -5.42 -3.67 7.43
CA VAL A 51 -4.60 -2.88 6.53
C VAL A 51 -4.51 -1.43 6.99
N GLN A 52 -3.28 -0.92 7.09
CA GLN A 52 -3.06 0.46 7.52
C GLN A 52 -2.31 1.24 6.44
N VAL A 53 -2.90 2.36 6.02
CA VAL A 53 -2.29 3.21 5.01
C VAL A 53 -2.21 4.66 5.46
N ALA A 54 -1.08 5.30 5.21
CA ALA A 54 -0.87 6.69 5.59
C ALA A 54 0.28 7.31 4.83
N VAL A 55 0.02 8.43 4.16
CA VAL A 55 1.05 9.13 3.39
C VAL A 55 1.39 10.46 4.03
N VAL A 56 2.65 10.62 4.40
CA VAL A 56 3.13 11.86 5.01
C VAL A 56 4.33 12.43 4.27
N PRO A 57 4.27 13.73 3.94
CA PRO A 57 5.35 14.41 3.23
C PRO A 57 6.60 14.58 4.10
N LYS A 58 7.76 14.25 3.52
CA LYS A 58 9.02 14.36 4.24
C LYS A 58 9.28 15.81 4.66
N ASP A 59 8.64 16.74 3.97
CA ASP A 59 8.80 18.15 4.28
C ASP A 59 8.00 18.54 5.51
N LYS A 60 6.72 18.17 5.53
CA LYS A 60 5.84 18.47 6.65
C LYS A 60 5.49 17.20 7.42
N LYS A 61 5.83 17.18 8.71
CA LYS A 61 5.55 16.03 9.55
C LYS A 61 4.08 15.97 9.93
N ASP A 62 3.43 17.14 9.96
CA ASP A 62 2.01 17.22 10.29
C ASP A 62 1.16 17.17 9.04
N SER A 63 1.30 18.18 8.19
CA SER A 63 0.53 18.27 6.95
C SER A 63 0.26 16.88 6.40
N PRO A 64 -0.93 16.32 6.71
CA PRO A 64 -1.34 14.99 6.24
C PRO A 64 -1.60 14.96 4.74
N VAL A 65 -2.02 13.80 4.25
CA VAL A 65 -2.32 13.63 2.83
C VAL A 65 -3.58 12.81 2.63
N ARG A 66 -4.46 13.28 1.76
CA ARG A 66 -5.71 12.59 1.47
C ARG A 66 -5.43 11.21 0.86
N THR A 67 -5.97 10.17 1.49
CA THR A 67 -5.79 8.81 1.01
C THR A 67 -7.12 8.09 0.86
N MET A 68 -7.10 6.93 0.21
CA MET A 68 -8.31 6.14 0.02
C MET A 68 -8.02 4.65 0.15
N VAL A 69 -9.01 3.90 0.63
CA VAL A 69 -8.85 2.46 0.80
C VAL A 69 -10.16 1.73 0.50
N GLN A 70 -10.13 0.86 -0.51
CA GLN A 70 -11.32 0.10 -0.89
C GLN A 70 -11.20 -1.34 -0.43
N ASP A 71 -11.82 -1.65 0.70
CA ASP A 71 -11.80 -3.00 1.26
C ASP A 71 -12.47 -3.98 0.31
N ASN A 72 -11.70 -4.94 -0.18
CA ASN A 72 -12.22 -5.94 -1.10
C ASN A 72 -12.35 -7.30 -0.41
N LYS A 73 -11.66 -7.45 0.73
CA LYS A 73 -11.70 -8.68 1.49
C LYS A 73 -11.85 -9.89 0.56
N ASP A 74 -11.17 -9.84 -0.59
CA ASP A 74 -11.22 -10.93 -1.55
C ASP A 74 -9.83 -11.47 -1.84
N GLY A 75 -8.81 -10.69 -1.47
CA GLY A 75 -7.44 -11.11 -1.70
C GLY A 75 -6.54 -9.96 -2.11
N THR A 76 -7.13 -8.96 -2.75
CA THR A 76 -6.36 -7.79 -3.20
C THR A 76 -7.08 -6.49 -2.82
N TYR A 77 -6.35 -5.60 -2.17
CA TYR A 77 -6.90 -4.32 -1.75
C TYR A 77 -6.63 -3.23 -2.78
N TYR A 78 -7.42 -2.16 -2.72
CA TYR A 78 -7.26 -1.05 -3.65
C TYR A 78 -7.05 0.26 -2.91
N ILE A 79 -5.81 0.74 -2.93
CA ILE A 79 -5.47 1.99 -2.27
C ILE A 79 -5.17 3.09 -3.28
N SER A 80 -5.57 4.32 -2.95
CA SER A 80 -5.35 5.45 -3.83
C SER A 80 -5.00 6.71 -3.02
N TYR A 81 -4.06 7.49 -3.53
CA TYR A 81 -3.63 8.71 -2.86
C TYR A 81 -3.32 9.80 -3.87
N THR A 82 -3.47 11.06 -3.44
CA THR A 82 -3.21 12.20 -4.31
C THR A 82 -2.40 13.27 -3.58
N PRO A 83 -1.13 13.42 -3.98
CA PRO A 83 -0.22 14.40 -3.37
C PRO A 83 -0.60 15.83 -3.73
N LYS A 84 -1.37 16.47 -2.86
CA LYS A 84 -1.81 17.84 -3.08
C LYS A 84 -0.65 18.71 -3.55
N GLU A 85 0.55 18.40 -3.07
CA GLU A 85 1.74 19.16 -3.45
C GLU A 85 2.88 18.22 -3.83
N PRO A 86 3.80 18.71 -4.67
CA PRO A 86 4.96 17.94 -5.12
C PRO A 86 5.97 17.70 -3.99
N GLY A 87 6.97 16.88 -4.27
CA GLY A 87 8.00 16.58 -3.28
C GLY A 87 8.07 15.11 -2.95
N VAL A 88 8.93 14.76 -2.00
CA VAL A 88 9.10 13.38 -1.58
C VAL A 88 8.12 13.00 -0.48
N TYR A 89 7.52 11.82 -0.60
CA TYR A 89 6.56 11.35 0.38
C TYR A 89 6.96 9.97 0.91
N THR A 90 6.32 9.56 2.00
CA THR A 90 6.60 8.27 2.61
C THR A 90 5.32 7.47 2.85
N VAL A 91 5.09 6.46 2.02
CA VAL A 91 3.90 5.63 2.14
C VAL A 91 4.06 4.59 3.24
N TRP A 92 3.18 4.64 4.23
CA TRP A 92 3.23 3.70 5.35
C TRP A 92 2.23 2.57 5.14
N VAL A 93 2.74 1.40 4.77
CA VAL A 93 1.88 0.23 4.54
C VAL A 93 2.26 -0.91 5.48
N CYS A 94 1.42 -1.15 6.48
CA CYS A 94 1.67 -2.22 7.45
C CYS A 94 0.39 -3.01 7.71
N ILE A 95 0.55 -4.31 7.98
CA ILE A 95 -0.58 -5.17 8.24
C ILE A 95 -0.43 -5.88 9.59
N LYS A 96 -1.43 -5.74 10.44
CA LYS A 96 -1.41 -6.37 11.76
C LYS A 96 -0.25 -5.84 12.60
N GLU A 97 -0.06 -4.52 12.56
CA GLU A 97 1.02 -3.89 13.33
C GLU A 97 2.38 -4.44 12.89
N GLN A 98 2.56 -4.56 11.58
CA GLN A 98 3.81 -5.07 11.03
C GLN A 98 4.08 -4.50 9.64
N HIS A 99 5.25 -3.92 9.45
CA HIS A 99 5.63 -3.34 8.17
C HIS A 99 5.83 -4.42 7.12
N VAL A 100 4.94 -4.46 6.12
CA VAL A 100 5.03 -5.45 5.07
C VAL A 100 6.40 -5.42 4.39
N GLN A 101 6.56 -6.22 3.34
CA GLN A 101 7.81 -6.28 2.61
C GLN A 101 7.98 -5.07 1.70
N GLY A 102 9.21 -4.55 1.64
CA GLY A 102 9.47 -3.39 0.81
C GLY A 102 8.71 -2.16 1.25
N SER A 103 8.49 -2.04 2.56
CA SER A 103 7.77 -0.91 3.12
C SER A 103 8.21 -0.63 4.55
N PRO A 104 8.11 0.64 4.97
CA PRO A 104 7.58 1.71 4.11
C PRO A 104 8.55 2.07 2.97
N PHE A 105 8.03 2.75 1.96
CA PHE A 105 8.84 3.15 0.82
C PHE A 105 8.60 4.62 0.47
N THR A 106 9.63 5.25 -0.09
CA THR A 106 9.54 6.66 -0.46
C THR A 106 8.95 6.82 -1.86
N VAL A 107 8.29 7.95 -2.10
CA VAL A 107 7.69 8.23 -3.39
C VAL A 107 7.84 9.70 -3.77
N THR A 108 8.45 9.94 -4.92
CA THR A 108 8.67 11.31 -5.40
C THR A 108 7.46 11.82 -6.18
N VAL A 109 7.03 13.04 -5.88
CA VAL A 109 5.89 13.64 -6.54
C VAL A 109 6.32 14.76 -7.47
N ARG A 110 6.34 14.46 -8.77
CA ARG A 110 6.74 15.46 -9.77
C ARG A 110 5.83 16.67 -9.73
N ARG A 111 6.03 17.59 -10.66
CA ARG A 111 5.23 18.81 -10.72
C ARG A 111 4.21 18.73 -11.85
N LYS A 112 2.97 19.12 -11.56
CA LYS A 112 1.91 19.09 -12.55
C LYS A 112 2.25 19.96 -13.74
N HIS A 113 2.18 19.39 -14.94
CA HIS A 113 2.48 20.12 -16.16
C HIS A 113 1.20 20.40 -16.96
N GLY A 1 -12.66 -26.56 -1.47
CA GLY A 1 -11.60 -27.51 -1.75
C GLY A 1 -10.68 -27.71 -0.56
N SER A 2 -9.57 -28.42 -0.79
CA SER A 2 -8.61 -28.69 0.27
C SER A 2 -7.68 -27.50 0.48
N SER A 3 -8.11 -26.54 1.30
CA SER A 3 -7.31 -25.36 1.57
C SER A 3 -6.49 -25.53 2.84
N GLY A 4 -5.28 -26.07 2.69
CA GLY A 4 -4.41 -26.29 3.82
C GLY A 4 -3.25 -25.32 3.86
N SER A 5 -3.55 -24.04 3.74
CA SER A 5 -2.52 -23.00 3.75
C SER A 5 -1.85 -22.93 5.12
N SER A 6 -0.71 -22.23 5.17
CA SER A 6 0.03 -22.07 6.42
C SER A 6 -0.92 -21.97 7.61
N GLY A 7 -1.87 -21.05 7.54
CA GLY A 7 -2.82 -20.87 8.61
C GLY A 7 -3.35 -19.45 8.69
N GLU A 8 -2.50 -18.49 8.36
CA GLU A 8 -2.89 -17.08 8.40
C GLU A 8 -2.11 -16.27 7.37
N VAL A 9 -2.37 -14.97 7.33
CA VAL A 9 -1.68 -14.08 6.39
C VAL A 9 -0.48 -13.42 7.03
N ASP A 10 0.60 -13.29 6.27
CA ASP A 10 1.82 -12.66 6.76
C ASP A 10 2.19 -11.44 5.93
N PRO A 11 2.55 -10.34 6.61
CA PRO A 11 2.92 -9.09 5.94
C PRO A 11 4.26 -9.20 5.23
N ALA A 12 5.28 -9.69 5.94
CA ALA A 12 6.60 -9.84 5.36
C ALA A 12 6.54 -10.54 4.01
N LYS A 13 5.51 -11.37 3.83
CA LYS A 13 5.34 -12.10 2.57
C LYS A 13 4.52 -11.28 1.57
N CYS A 14 3.66 -10.42 2.09
CA CYS A 14 2.82 -9.57 1.25
C CYS A 14 3.66 -8.81 0.24
N VAL A 15 3.00 -8.26 -0.79
CA VAL A 15 3.69 -7.50 -1.82
C VAL A 15 2.80 -6.41 -2.38
N LEU A 16 3.32 -5.66 -3.36
CA LEU A 16 2.57 -4.59 -3.98
C LEU A 16 2.65 -4.66 -5.50
N GLN A 17 1.69 -4.06 -6.18
CA GLN A 17 1.65 -4.07 -7.64
C GLN A 17 1.34 -2.68 -8.18
N GLY A 18 2.13 -2.24 -9.16
CA GLY A 18 1.93 -0.93 -9.74
C GLY A 18 3.21 -0.33 -10.28
N GLU A 19 3.13 0.32 -11.44
CA GLU A 19 4.29 0.93 -12.05
C GLU A 19 4.51 2.34 -11.50
N ASP A 20 5.77 2.71 -11.32
CA ASP A 20 6.12 4.02 -10.79
C ASP A 20 5.56 4.21 -9.39
N LEU A 21 5.69 3.18 -8.56
CA LEU A 21 5.20 3.23 -7.18
C LEU A 21 6.03 4.19 -6.34
N HIS A 22 7.32 4.29 -6.67
CA HIS A 22 8.23 5.17 -5.94
C HIS A 22 8.24 6.57 -6.57
N ARG A 23 7.17 6.91 -7.27
CA ARG A 23 7.07 8.21 -7.92
C ARG A 23 5.60 8.58 -8.14
N ALA A 24 5.32 9.88 -8.08
CA ALA A 24 3.96 10.38 -8.26
C ALA A 24 3.96 11.78 -8.87
N ARG A 25 2.80 12.22 -9.34
CA ARG A 25 2.67 13.55 -9.94
C ARG A 25 1.73 14.42 -9.13
N GLU A 26 2.14 15.66 -8.86
CA GLU A 26 1.33 16.59 -8.10
C GLU A 26 -0.12 16.57 -8.59
N LYS A 27 -1.05 16.54 -7.64
CA LYS A 27 -2.47 16.52 -7.97
C LYS A 27 -2.80 15.36 -8.90
N GLN A 28 -2.20 14.21 -8.63
CA GLN A 28 -2.43 13.02 -9.44
C GLN A 28 -2.96 11.87 -8.59
N THR A 29 -3.76 11.00 -9.21
CA THR A 29 -4.34 9.87 -8.51
C THR A 29 -3.51 8.61 -8.73
N ALA A 30 -2.79 8.20 -7.69
CA ALA A 30 -1.95 7.01 -7.77
C ALA A 30 -2.55 5.86 -6.96
N SER A 31 -2.89 4.77 -7.65
CA SER A 31 -3.47 3.60 -7.00
C SER A 31 -2.66 2.35 -7.29
N PHE A 32 -2.58 1.46 -6.30
CA PHE A 32 -1.82 0.22 -6.45
C PHE A 32 -2.56 -0.94 -5.79
N THR A 33 -2.21 -2.16 -6.18
CA THR A 33 -2.83 -3.35 -5.62
C THR A 33 -1.92 -4.03 -4.60
N LEU A 34 -2.50 -4.47 -3.49
CA LEU A 34 -1.74 -5.14 -2.44
C LEU A 34 -2.12 -6.61 -2.34
N LEU A 35 -1.23 -7.48 -2.78
CA LEU A 35 -1.47 -8.92 -2.74
C LEU A 35 -1.22 -9.48 -1.34
N CYS A 36 -2.02 -10.46 -0.95
CA CYS A 36 -1.88 -11.08 0.37
C CYS A 36 -1.47 -12.53 0.24
N LYS A 37 -0.32 -12.86 0.83
CA LYS A 37 0.20 -14.23 0.79
C LYS A 37 0.32 -14.81 2.19
N ASP A 38 0.50 -16.13 2.27
CA ASP A 38 0.64 -16.81 3.56
C ASP A 38 2.08 -16.78 4.04
N ALA A 39 2.32 -17.36 5.20
CA ALA A 39 3.67 -17.41 5.78
C ALA A 39 4.64 -18.09 4.83
N ALA A 40 4.11 -18.78 3.82
CA ALA A 40 4.93 -19.49 2.86
C ALA A 40 5.26 -18.59 1.66
N GLY A 41 4.45 -17.56 1.46
CA GLY A 41 4.68 -16.65 0.35
C GLY A 41 3.85 -17.00 -0.88
N GLU A 42 2.75 -17.73 -0.65
CA GLU A 42 1.87 -18.13 -1.75
C GLU A 42 0.49 -17.53 -1.58
N ILE A 43 -0.26 -17.47 -2.68
CA ILE A 43 -1.61 -16.92 -2.65
C ILE A 43 -2.51 -17.71 -1.72
N MET A 44 -3.28 -17.00 -0.90
CA MET A 44 -4.18 -17.63 0.06
C MET A 44 -5.62 -17.61 -0.46
N GLY A 45 -5.93 -16.60 -1.28
CA GLY A 45 -7.27 -16.48 -1.83
C GLY A 45 -8.32 -16.24 -0.76
N ARG A 46 -7.98 -15.41 0.23
CA ARG A 46 -8.90 -15.10 1.31
C ARG A 46 -8.64 -13.70 1.86
N GLY A 47 -9.71 -13.01 2.21
CA GLY A 47 -9.59 -11.66 2.74
C GLY A 47 -9.78 -11.61 4.24
N GLY A 48 -10.25 -10.47 4.75
CA GLY A 48 -10.47 -10.32 6.17
C GLY A 48 -9.19 -9.98 6.91
N ASP A 49 -8.51 -8.93 6.47
CA ASP A 49 -7.27 -8.50 7.10
C ASP A 49 -7.32 -7.02 7.46
N ASN A 50 -6.35 -6.57 8.26
CA ASN A 50 -6.29 -5.18 8.67
C ASN A 50 -5.19 -4.43 7.93
N VAL A 51 -5.57 -3.70 6.88
CA VAL A 51 -4.62 -2.94 6.09
C VAL A 51 -4.53 -1.50 6.57
N GLN A 52 -3.34 -0.91 6.47
CA GLN A 52 -3.14 0.47 6.89
C GLN A 52 -2.39 1.26 5.81
N VAL A 53 -2.85 2.48 5.55
CA VAL A 53 -2.22 3.32 4.54
C VAL A 53 -2.14 4.77 5.02
N ALA A 54 -0.91 5.26 5.22
CA ALA A 54 -0.70 6.62 5.67
C ALA A 54 0.48 7.26 4.95
N VAL A 55 0.20 8.29 4.16
CA VAL A 55 1.24 8.99 3.43
C VAL A 55 1.62 10.30 4.11
N VAL A 56 2.90 10.43 4.47
CA VAL A 56 3.39 11.64 5.13
C VAL A 56 4.63 12.18 4.43
N PRO A 57 4.57 13.46 4.02
CA PRO A 57 5.68 14.13 3.34
C PRO A 57 6.87 14.36 4.26
N LYS A 58 8.05 13.94 3.82
CA LYS A 58 9.27 14.11 4.60
C LYS A 58 9.51 15.58 4.93
N ASP A 59 9.06 16.46 4.04
CA ASP A 59 9.22 17.90 4.22
C ASP A 59 8.44 18.37 5.45
N LYS A 60 7.14 18.12 5.45
CA LYS A 60 6.28 18.52 6.55
C LYS A 60 5.79 17.30 7.33
N LYS A 61 5.87 17.37 8.66
CA LYS A 61 5.42 16.28 9.51
C LYS A 61 3.91 16.36 9.76
N ASP A 62 3.38 17.57 9.72
CA ASP A 62 1.95 17.78 9.93
C ASP A 62 1.17 17.60 8.63
N SER A 63 1.42 18.50 7.68
CA SER A 63 0.73 18.45 6.39
C SER A 63 0.44 17.00 5.99
N PRO A 64 -0.79 16.55 6.29
CA PRO A 64 -1.22 15.19 5.97
C PRO A 64 -1.40 14.97 4.47
N VAL A 65 -1.88 13.79 4.10
CA VAL A 65 -2.09 13.45 2.70
C VAL A 65 -3.42 12.73 2.50
N ARG A 66 -4.25 13.27 1.60
CA ARG A 66 -5.55 12.68 1.32
C ARG A 66 -5.40 11.24 0.79
N THR A 67 -6.00 10.29 1.51
CA THR A 67 -5.92 8.89 1.13
C THR A 67 -7.31 8.25 1.10
N MET A 68 -7.46 7.20 0.31
CA MET A 68 -8.74 6.50 0.19
C MET A 68 -8.52 5.00 0.10
N VAL A 69 -8.84 4.28 1.17
CA VAL A 69 -8.69 2.83 1.19
C VAL A 69 -10.01 2.13 0.93
N GLN A 70 -10.03 1.26 -0.07
CA GLN A 70 -11.24 0.52 -0.42
C GLN A 70 -11.09 -0.95 -0.07
N ASP A 71 -11.67 -1.34 1.05
CA ASP A 71 -11.61 -2.73 1.50
C ASP A 71 -12.42 -3.64 0.57
N ASN A 72 -11.82 -4.76 0.18
CA ASN A 72 -12.48 -5.71 -0.71
C ASN A 72 -12.50 -7.11 -0.10
N LYS A 73 -11.49 -7.40 0.72
CA LYS A 73 -11.38 -8.70 1.37
C LYS A 73 -11.58 -9.83 0.36
N ASP A 74 -11.01 -9.66 -0.82
CA ASP A 74 -11.12 -10.67 -1.87
C ASP A 74 -9.75 -11.11 -2.35
N GLY A 75 -8.78 -11.08 -1.45
CA GLY A 75 -7.42 -11.48 -1.80
C GLY A 75 -6.51 -10.29 -2.03
N THR A 76 -7.07 -9.22 -2.59
CA THR A 76 -6.30 -8.01 -2.87
C THR A 76 -7.03 -6.77 -2.38
N TYR A 77 -6.28 -5.70 -2.15
CA TYR A 77 -6.87 -4.45 -1.68
C TYR A 77 -6.68 -3.34 -2.71
N TYR A 78 -7.50 -2.31 -2.63
CA TYR A 78 -7.42 -1.19 -3.56
C TYR A 78 -7.15 0.12 -2.81
N ILE A 79 -5.91 0.58 -2.88
CA ILE A 79 -5.52 1.83 -2.21
C ILE A 79 -5.34 2.95 -3.22
N SER A 80 -5.72 4.16 -2.83
CA SER A 80 -5.59 5.33 -3.69
C SER A 80 -5.18 6.56 -2.89
N TYR A 81 -4.27 7.34 -3.45
CA TYR A 81 -3.78 8.55 -2.79
C TYR A 81 -3.46 9.64 -3.82
N THR A 82 -3.72 10.88 -3.45
CA THR A 82 -3.46 12.02 -4.33
C THR A 82 -2.77 13.14 -3.59
N PRO A 83 -1.48 13.36 -3.89
CA PRO A 83 -0.68 14.42 -3.26
C PRO A 83 -1.13 15.81 -3.68
N LYS A 84 -1.01 16.77 -2.77
CA LYS A 84 -1.39 18.16 -3.05
C LYS A 84 -0.17 18.99 -3.46
N GLU A 85 0.94 18.77 -2.78
CA GLU A 85 2.17 19.50 -3.07
C GLU A 85 3.29 18.53 -3.47
N PRO A 86 4.24 19.04 -4.28
CA PRO A 86 5.37 18.23 -4.75
C PRO A 86 6.36 17.92 -3.63
N GLY A 87 7.33 17.06 -3.94
CA GLY A 87 8.33 16.70 -2.94
C GLY A 87 8.36 15.21 -2.68
N VAL A 88 9.15 14.80 -1.70
CA VAL A 88 9.27 13.39 -1.35
C VAL A 88 8.29 13.01 -0.26
N TYR A 89 7.69 11.83 -0.39
CA TYR A 89 6.71 11.35 0.59
C TYR A 89 7.05 9.93 1.02
N THR A 90 6.41 9.49 2.11
CA THR A 90 6.64 8.15 2.64
C THR A 90 5.32 7.40 2.81
N VAL A 91 5.09 6.42 1.95
CA VAL A 91 3.87 5.62 2.00
C VAL A 91 3.97 4.53 3.06
N TRP A 92 3.18 4.66 4.12
CA TRP A 92 3.19 3.69 5.21
C TRP A 92 2.14 2.61 4.97
N VAL A 93 2.60 1.41 4.61
CA VAL A 93 1.71 0.30 4.35
C VAL A 93 2.03 -0.89 5.26
N CYS A 94 1.17 -1.13 6.24
CA CYS A 94 1.37 -2.22 7.18
C CYS A 94 0.08 -3.03 7.36
N ILE A 95 0.22 -4.27 7.82
CA ILE A 95 -0.93 -5.13 8.03
C ILE A 95 -0.90 -5.75 9.42
N LYS A 96 -1.94 -5.46 10.21
CA LYS A 96 -2.04 -5.98 11.57
C LYS A 96 -0.87 -5.50 12.43
N GLU A 97 -0.55 -4.21 12.31
CA GLU A 97 0.55 -3.62 13.07
C GLU A 97 1.88 -4.25 12.69
N GLN A 98 2.07 -4.46 11.39
CA GLN A 98 3.30 -5.07 10.90
C GLN A 98 3.65 -4.53 9.51
N HIS A 99 4.90 -4.11 9.34
CA HIS A 99 5.36 -3.58 8.06
C HIS A 99 5.57 -4.70 7.05
N VAL A 100 5.09 -4.49 5.83
CA VAL A 100 5.23 -5.49 4.78
C VAL A 100 6.52 -5.28 3.98
N GLN A 101 6.84 -6.23 3.11
CA GLN A 101 8.04 -6.14 2.30
C GLN A 101 8.11 -4.81 1.56
N GLY A 102 9.32 -4.36 1.28
CA GLY A 102 9.50 -3.10 0.57
C GLY A 102 8.57 -2.02 1.08
N SER A 103 8.33 -2.01 2.39
CA SER A 103 7.45 -1.02 3.00
C SER A 103 7.82 -0.79 4.47
N PRO A 104 7.75 0.46 4.91
CA PRO A 104 7.34 1.58 4.05
C PRO A 104 8.38 1.91 2.98
N PHE A 105 8.01 2.79 2.06
CA PHE A 105 8.92 3.18 0.98
C PHE A 105 8.83 4.69 0.72
N THR A 106 9.73 5.20 -0.10
CA THR A 106 9.75 6.62 -0.43
C THR A 106 9.11 6.88 -1.78
N VAL A 107 8.61 8.10 -1.98
CA VAL A 107 7.98 8.48 -3.23
C VAL A 107 8.46 9.84 -3.70
N THR A 108 8.58 10.01 -5.01
CA THR A 108 9.03 11.26 -5.60
C THR A 108 7.90 11.98 -6.31
N VAL A 109 7.39 13.05 -5.69
CA VAL A 109 6.30 13.82 -6.27
C VAL A 109 6.84 14.97 -7.12
N ARG A 110 6.12 15.29 -8.20
CA ARG A 110 6.53 16.36 -9.10
C ARG A 110 5.36 17.30 -9.38
N ARG A 111 5.58 18.27 -10.26
CA ARG A 111 4.54 19.23 -10.62
C ARG A 111 3.77 18.78 -11.85
N LYS A 112 2.48 19.04 -11.87
CA LYS A 112 1.63 18.66 -12.99
C LYS A 112 1.62 19.74 -14.06
N HIS A 113 1.23 19.38 -15.27
CA HIS A 113 1.18 20.31 -16.38
C HIS A 113 0.12 21.38 -16.15
N GLY A 1 -10.70 -29.99 -6.19
CA GLY A 1 -10.49 -30.20 -4.78
C GLY A 1 -10.43 -28.91 -3.99
N SER A 2 -10.11 -29.01 -2.70
CA SER A 2 -10.01 -27.83 -1.85
C SER A 2 -8.55 -27.43 -1.64
N SER A 3 -8.24 -26.18 -1.95
CA SER A 3 -6.88 -25.67 -1.80
C SER A 3 -6.33 -25.99 -0.42
N GLY A 4 -5.05 -25.71 -0.23
CA GLY A 4 -4.41 -25.97 1.05
C GLY A 4 -3.33 -24.97 1.39
N SER A 5 -3.74 -23.81 1.90
CA SER A 5 -2.80 -22.76 2.27
C SER A 5 -1.96 -23.17 3.47
N SER A 6 -1.04 -22.29 3.87
CA SER A 6 -0.18 -22.55 5.01
C SER A 6 -0.96 -22.51 6.32
N GLY A 7 -1.58 -21.37 6.58
CA GLY A 7 -2.35 -21.21 7.81
C GLY A 7 -2.99 -19.83 7.91
N GLU A 8 -2.15 -18.80 7.97
CA GLU A 8 -2.64 -17.43 8.08
C GLU A 8 -1.90 -16.51 7.09
N VAL A 9 -2.24 -15.23 7.13
CA VAL A 9 -1.62 -14.25 6.25
C VAL A 9 -0.34 -13.69 6.86
N ASP A 10 0.67 -13.48 6.02
CA ASP A 10 1.95 -12.94 6.49
C ASP A 10 2.27 -11.64 5.78
N PRO A 11 2.51 -10.58 6.57
CA PRO A 11 2.84 -9.25 6.03
C PRO A 11 4.23 -9.21 5.38
N ALA A 12 5.20 -9.82 6.04
CA ALA A 12 6.56 -9.86 5.53
C ALA A 12 6.61 -10.47 4.13
N LYS A 13 5.61 -11.31 3.83
CA LYS A 13 5.55 -11.97 2.53
C LYS A 13 4.73 -11.13 1.54
N CYS A 14 3.70 -10.47 2.06
CA CYS A 14 2.84 -9.63 1.22
C CYS A 14 3.66 -8.86 0.21
N VAL A 15 3.00 -8.41 -0.86
CA VAL A 15 3.66 -7.65 -1.91
C VAL A 15 2.78 -6.52 -2.42
N LEU A 16 3.30 -5.75 -3.37
CA LEU A 16 2.55 -4.63 -3.95
C LEU A 16 2.62 -4.66 -5.47
N GLN A 17 1.57 -4.17 -6.11
CA GLN A 17 1.51 -4.13 -7.57
C GLN A 17 1.44 -2.69 -8.08
N GLY A 18 2.13 -2.43 -9.19
CA GLY A 18 2.13 -1.10 -9.77
C GLY A 18 3.49 -0.72 -10.33
N GLU A 19 3.63 -0.82 -11.64
CA GLU A 19 4.88 -0.47 -12.30
C GLU A 19 5.40 0.88 -11.83
N ASP A 20 4.48 1.81 -11.59
CA ASP A 20 4.84 3.14 -11.14
C ASP A 20 4.39 3.37 -9.69
N LEU A 21 5.11 2.76 -8.75
CA LEU A 21 4.79 2.88 -7.34
C LEU A 21 5.67 3.92 -6.67
N HIS A 22 6.97 3.88 -6.96
CA HIS A 22 7.92 4.81 -6.40
C HIS A 22 7.98 6.10 -7.22
N ARG A 23 6.93 6.33 -8.00
CA ARG A 23 6.86 7.53 -8.84
C ARG A 23 5.45 8.10 -8.86
N ALA A 24 5.33 9.38 -8.52
CA ALA A 24 4.03 10.04 -8.50
C ALA A 24 4.15 11.48 -9.00
N ARG A 25 3.00 12.10 -9.28
CA ARG A 25 2.97 13.47 -9.76
C ARG A 25 2.15 14.36 -8.83
N GLU A 26 2.53 15.64 -8.75
CA GLU A 26 1.83 16.58 -7.90
C GLU A 26 0.35 16.66 -8.26
N LYS A 27 -0.51 16.54 -7.25
CA LYS A 27 -1.96 16.59 -7.47
C LYS A 27 -2.40 15.53 -8.47
N GLN A 28 -1.90 14.31 -8.29
CA GLN A 28 -2.23 13.21 -9.19
C GLN A 28 -2.82 12.05 -8.39
N THR A 29 -3.67 11.26 -9.05
CA THR A 29 -4.30 10.11 -8.42
C THR A 29 -3.48 8.84 -8.65
N ALA A 30 -2.86 8.34 -7.58
CA ALA A 30 -2.05 7.13 -7.67
C ALA A 30 -2.69 5.99 -6.87
N SER A 31 -2.96 4.89 -7.56
CA SER A 31 -3.57 3.73 -6.92
C SER A 31 -2.80 2.45 -7.26
N PHE A 32 -2.85 1.48 -6.35
CA PHE A 32 -2.16 0.22 -6.55
C PHE A 32 -2.92 -0.93 -5.90
N THR A 33 -2.48 -2.16 -6.16
CA THR A 33 -3.12 -3.34 -5.60
C THR A 33 -2.20 -4.05 -4.60
N LEU A 34 -2.75 -4.35 -3.43
CA LEU A 34 -1.98 -5.03 -2.38
C LEU A 34 -2.32 -6.52 -2.34
N LEU A 35 -1.37 -7.34 -2.77
CA LEU A 35 -1.56 -8.79 -2.76
C LEU A 35 -1.26 -9.39 -1.39
N CYS A 36 -2.04 -10.38 -0.99
CA CYS A 36 -1.86 -11.03 0.29
C CYS A 36 -1.37 -12.47 0.11
N LYS A 37 -0.28 -12.81 0.79
CA LYS A 37 0.30 -14.14 0.71
C LYS A 37 0.31 -14.82 2.07
N ASP A 38 0.77 -16.06 2.11
CA ASP A 38 0.84 -16.81 3.36
C ASP A 38 2.26 -16.83 3.90
N ALA A 39 2.46 -17.58 4.99
CA ALA A 39 3.77 -17.68 5.62
C ALA A 39 4.80 -18.25 4.65
N ALA A 40 4.35 -19.12 3.75
CA ALA A 40 5.23 -19.73 2.76
C ALA A 40 5.35 -18.87 1.53
N GLY A 41 4.85 -17.64 1.61
CA GLY A 41 4.93 -16.73 0.48
C GLY A 41 4.16 -17.24 -0.72
N GLU A 42 3.02 -17.86 -0.47
CA GLU A 42 2.18 -18.40 -1.55
C GLU A 42 0.84 -17.69 -1.59
N ILE A 43 0.21 -17.69 -2.76
CA ILE A 43 -1.08 -17.05 -2.95
C ILE A 43 -2.15 -17.72 -2.11
N MET A 44 -2.88 -16.92 -1.33
CA MET A 44 -3.94 -17.45 -0.48
C MET A 44 -5.32 -17.18 -1.08
N GLY A 45 -5.41 -16.09 -1.83
CA GLY A 45 -6.68 -15.73 -2.46
C GLY A 45 -7.79 -15.53 -1.45
N ARG A 46 -7.48 -14.82 -0.37
CA ARG A 46 -8.47 -14.56 0.68
C ARG A 46 -8.31 -13.14 1.22
N GLY A 47 -9.32 -12.69 1.97
CA GLY A 47 -9.27 -11.35 2.52
C GLY A 47 -9.32 -11.36 4.04
N GLY A 48 -10.06 -10.42 4.62
CA GLY A 48 -10.17 -10.33 6.06
C GLY A 48 -8.84 -10.04 6.72
N ASP A 49 -8.32 -8.83 6.48
CA ASP A 49 -7.05 -8.42 7.07
C ASP A 49 -7.06 -6.94 7.42
N ASN A 50 -6.28 -6.57 8.42
CA ASN A 50 -6.20 -5.17 8.86
C ASN A 50 -5.06 -4.45 8.17
N VAL A 51 -5.38 -3.71 7.11
CA VAL A 51 -4.38 -2.95 6.37
C VAL A 51 -4.40 -1.49 6.76
N GLN A 52 -3.22 -0.94 7.06
CA GLN A 52 -3.09 0.45 7.45
C GLN A 52 -2.34 1.25 6.38
N VAL A 53 -2.99 2.28 5.86
CA VAL A 53 -2.38 3.12 4.84
C VAL A 53 -2.36 4.58 5.27
N ALA A 54 -1.23 5.24 5.04
CA ALA A 54 -1.08 6.65 5.41
C ALA A 54 0.14 7.26 4.74
N VAL A 55 -0.04 8.44 4.14
CA VAL A 55 1.04 9.13 3.46
C VAL A 55 1.41 10.41 4.19
N VAL A 56 2.71 10.69 4.27
CA VAL A 56 3.20 11.89 4.93
C VAL A 56 4.41 12.47 4.21
N PRO A 57 4.32 13.75 3.86
CA PRO A 57 5.41 14.46 3.16
C PRO A 57 6.63 14.67 4.05
N LYS A 58 7.80 14.25 3.57
CA LYS A 58 9.04 14.41 4.31
C LYS A 58 9.22 15.85 4.77
N ASP A 59 8.82 16.79 3.92
CA ASP A 59 8.95 18.21 4.23
C ASP A 59 8.06 18.58 5.42
N LYS A 60 6.76 18.59 5.20
CA LYS A 60 5.80 18.93 6.25
C LYS A 60 5.47 17.71 7.10
N LYS A 61 5.52 17.88 8.41
CA LYS A 61 5.23 16.80 9.35
C LYS A 61 3.75 16.79 9.72
N ASP A 62 3.12 17.96 9.66
CA ASP A 62 1.70 18.08 9.99
C ASP A 62 0.84 17.89 8.75
N SER A 63 1.09 18.72 7.74
CA SER A 63 0.32 18.64 6.49
C SER A 63 0.03 17.19 6.12
N PRO A 64 -1.20 16.74 6.41
CA PRO A 64 -1.64 15.38 6.11
C PRO A 64 -1.80 15.14 4.62
N VAL A 65 -2.05 13.88 4.25
CA VAL A 65 -2.24 13.51 2.86
C VAL A 65 -3.52 12.71 2.66
N ARG A 66 -4.39 13.21 1.79
CA ARG A 66 -5.65 12.54 1.51
C ARG A 66 -5.42 11.11 1.04
N THR A 67 -5.83 10.15 1.85
CA THR A 67 -5.67 8.74 1.52
C THR A 67 -6.99 7.99 1.67
N MET A 68 -7.25 7.08 0.72
CA MET A 68 -8.47 6.29 0.73
C MET A 68 -8.17 4.82 0.49
N VAL A 69 -8.80 3.95 1.28
CA VAL A 69 -8.61 2.51 1.14
C VAL A 69 -9.94 1.78 1.09
N GLN A 70 -10.18 1.08 -0.01
CA GLN A 70 -11.42 0.33 -0.19
C GLN A 70 -11.23 -1.14 0.18
N ASP A 71 -11.78 -1.53 1.31
CA ASP A 71 -11.67 -2.91 1.78
C ASP A 71 -12.50 -3.85 0.91
N ASN A 72 -11.83 -4.73 0.18
CA ASN A 72 -12.50 -5.68 -0.69
C ASN A 72 -12.48 -7.09 -0.10
N LYS A 73 -11.62 -7.28 0.90
CA LYS A 73 -11.50 -8.58 1.55
C LYS A 73 -11.78 -9.71 0.58
N ASP A 74 -11.24 -9.61 -0.62
CA ASP A 74 -11.43 -10.63 -1.64
C ASP A 74 -10.09 -11.10 -2.22
N GLY A 75 -9.02 -10.86 -1.46
CA GLY A 75 -7.70 -11.26 -1.91
C GLY A 75 -6.80 -10.07 -2.17
N THR A 76 -7.35 -9.03 -2.78
CA THR A 76 -6.59 -7.83 -3.09
C THR A 76 -7.33 -6.58 -2.64
N TYR A 77 -6.57 -5.57 -2.21
CA TYR A 77 -7.16 -4.31 -1.76
C TYR A 77 -6.96 -3.20 -2.80
N TYR A 78 -7.66 -2.09 -2.61
CA TYR A 78 -7.56 -0.96 -3.52
C TYR A 78 -7.22 0.33 -2.77
N ILE A 79 -5.95 0.72 -2.81
CA ILE A 79 -5.50 1.92 -2.14
C ILE A 79 -5.27 3.06 -3.13
N SER A 80 -5.74 4.25 -2.78
CA SER A 80 -5.59 5.42 -3.64
C SER A 80 -5.14 6.63 -2.83
N TYR A 81 -4.22 7.41 -3.41
CA TYR A 81 -3.70 8.60 -2.74
C TYR A 81 -3.37 9.69 -3.76
N THR A 82 -3.45 10.94 -3.32
CA THR A 82 -3.15 12.08 -4.19
C THR A 82 -2.39 13.16 -3.44
N PRO A 83 -1.12 13.36 -3.81
CA PRO A 83 -0.26 14.37 -3.20
C PRO A 83 -0.69 15.79 -3.53
N LYS A 84 -0.51 16.70 -2.59
CA LYS A 84 -0.88 18.09 -2.78
C LYS A 84 0.31 18.91 -3.28
N GLU A 85 1.45 18.74 -2.61
CA GLU A 85 2.67 19.46 -2.97
C GLU A 85 3.75 18.49 -3.44
N PRO A 86 4.63 18.98 -4.33
CA PRO A 86 5.73 18.18 -4.88
C PRO A 86 6.79 17.85 -3.82
N GLY A 87 7.53 16.77 -4.07
CA GLY A 87 8.56 16.37 -3.13
C GLY A 87 8.50 14.89 -2.79
N VAL A 88 9.45 14.43 -1.98
CA VAL A 88 9.48 13.04 -1.57
C VAL A 88 8.50 12.76 -0.44
N TYR A 89 7.67 11.74 -0.63
CA TYR A 89 6.67 11.37 0.38
C TYR A 89 6.97 10.00 0.97
N THR A 90 6.19 9.61 1.97
CA THR A 90 6.37 8.32 2.62
C THR A 90 5.05 7.57 2.74
N VAL A 91 4.89 6.53 1.92
CA VAL A 91 3.67 5.73 1.93
C VAL A 91 3.75 4.62 2.98
N TRP A 92 3.11 4.83 4.12
CA TRP A 92 3.11 3.85 5.19
C TRP A 92 2.14 2.71 4.89
N VAL A 93 2.65 1.49 4.85
CA VAL A 93 1.83 0.31 4.57
C VAL A 93 2.16 -0.82 5.53
N CYS A 94 1.26 -1.05 6.49
CA CYS A 94 1.45 -2.10 7.47
C CYS A 94 0.17 -2.92 7.64
N ILE A 95 0.33 -4.22 7.83
CA ILE A 95 -0.82 -5.11 8.02
C ILE A 95 -0.79 -5.77 9.40
N LYS A 96 -1.85 -5.55 10.17
CA LYS A 96 -1.94 -6.13 11.51
C LYS A 96 -0.82 -5.62 12.40
N GLU A 97 -0.56 -4.32 12.34
CA GLU A 97 0.50 -3.72 13.15
C GLU A 97 1.87 -4.27 12.76
N GLN A 98 2.08 -4.43 11.46
CA GLN A 98 3.35 -4.94 10.95
C GLN A 98 3.66 -4.36 9.58
N HIS A 99 4.92 -3.99 9.37
CA HIS A 99 5.36 -3.42 8.10
C HIS A 99 5.55 -4.50 7.05
N VAL A 100 4.76 -4.43 5.98
CA VAL A 100 4.86 -5.41 4.90
C VAL A 100 6.18 -5.30 4.16
N GLN A 101 6.42 -6.22 3.24
CA GLN A 101 7.64 -6.23 2.46
C GLN A 101 7.79 -4.93 1.67
N GLY A 102 9.03 -4.46 1.53
CA GLY A 102 9.29 -3.24 0.81
C GLY A 102 8.42 -2.09 1.28
N SER A 103 8.38 -1.90 2.60
CA SER A 103 7.57 -0.83 3.19
C SER A 103 8.02 -0.54 4.62
N PRO A 104 7.88 0.72 5.04
CA PRO A 104 7.32 1.78 4.19
C PRO A 104 8.27 2.16 3.04
N PHE A 105 7.72 2.82 2.03
CA PHE A 105 8.52 3.24 0.88
C PHE A 105 8.30 4.71 0.58
N THR A 106 9.27 5.32 -0.10
CA THR A 106 9.18 6.73 -0.45
C THR A 106 8.61 6.92 -1.85
N VAL A 107 8.09 8.11 -2.12
CA VAL A 107 7.50 8.42 -3.42
C VAL A 107 7.96 9.78 -3.92
N THR A 108 8.35 9.84 -5.19
CA THR A 108 8.81 11.08 -5.79
C THR A 108 7.67 11.81 -6.49
N VAL A 109 7.16 12.87 -5.84
CA VAL A 109 6.06 13.64 -6.41
C VAL A 109 6.60 14.85 -7.18
N ARG A 110 6.43 14.81 -8.50
CA ARG A 110 6.89 15.89 -9.36
C ARG A 110 5.82 16.97 -9.48
N ARG A 111 6.11 17.99 -10.30
CA ARG A 111 5.17 19.09 -10.51
C ARG A 111 4.41 18.90 -11.81
N LYS A 112 3.09 18.81 -11.72
CA LYS A 112 2.25 18.63 -12.90
C LYS A 112 2.46 19.76 -13.90
N HIS A 113 2.10 19.52 -15.16
CA HIS A 113 2.26 20.51 -16.20
C HIS A 113 2.03 21.92 -15.65
#